data_5VNH
#
_entry.id   5VNH
#
_cell.length_a   157.937
_cell.length_b   96.895
_cell.length_c   127.341
_cell.angle_alpha   90.00
_cell.angle_beta   91.61
_cell.angle_gamma   90.00
#
_symmetry.space_group_name_H-M   'C 1 2 1'
#
loop_
_entity.id
_entity.type
_entity.pdbx_description
1 polymer 'Protein transport protein Sec23A'
2 polymer 'Protein transport protein Sec24A'
3 polymer 'Vesicle-trafficking protein SEC22b'
4 polymer 'C-terminal SV motif'
5 non-polymer 'ZINC ION'
6 water water
#
loop_
_entity_poly.entity_id
_entity_poly.type
_entity_poly.pdbx_seq_one_letter_code
_entity_poly.pdbx_strand_id
1 'polypeptide(L)'
;MTTYLEFIQQNEERDGVRFSWNVWPSSRLEATRMVVPVAALFTPLKERPDLPPIQYEPVLCSRTTCRAVLNPLCQVDYRA
KLWACNFCYQRNQFPPSYAGISELNQPAELLPQFSSIEYVVLRGPQMPLIFLYVVDTCMEDEDLQALKESMQMSLSLLPP
TALVGLITFGRMVQVHELGCEGISKSYVFRGTKDLSAKQLQEMLGLSKVPLTQATRGPQVQQPPPSNRFLQPVQKIDMNL
TDLLGELQRDPWPVPQGKRPLRSSGVALSIAVGLLECTFPNTGARIMMFIGGPATQGPGMVVGDELKTPIRSWHDIDKDN
AKYVKKGTKHFEALANRAATTGHVIDIYACALDQTGLLEMKCCPNLTGGYMVMGDSFNTSLFKQTFQRVFTKDMHGQFKM
GFGGTLEIKTSREIKISGAIGPCVSLNSKGPCVSENEIGTGGTCQWKICGLSPTTTLAIYFEVVNQHNAPIPQGGRGAIQ
FVTQYQHSSGQRRIRVTTIARNWADAQTQIQNIAASFDQEAAAILMARLAIYRAETEEGPDVLRWLDRQLIRLCQKFGEY
HKDDPSSFRFSETFSLYPQFMFHLRRSSFLQVFNNSPDESSYYRHHFMRQDLTQSLIMIQPILYAYSFSGPPEPVLLDSS
SILADRILLMDTFFQILIYHGETIAQWRKSGYQDMPEYENFRHLLQAPVDDAQEILHSRFPMPRYIDTEHGGSQARFLLS
KVNPSQTHNNMYAWGQESGAPILTDDVSLQVFMDHLKKLAVSSA
;
A
2 'polypeptide(L)'
;EGLRVVNLLQERNMLPSTPLKPPVPNLHEDIQKLNCNPELFRCTLTSIPQTQALLNKAKLPLGLLLHPFKDLVQLPVVTS
STIVRCRSCRTYINPFVSFLDQRRWKCNLCYRVNDVPEEFLYNPLTRVYGEPHRRPEVQNATIEFMAPSEYMLRPPQPPV
YLFVFDVSHNAVETGYLNSVCQSLLDNLDLLPGNTRTKIGFITFDSTIHFYGLQESLSQPQMLIVSDIEDVFIPMPENLL
VNLNESKELVQDLLKTLPQMFTKTLETQSALGPALQAAFKLMSPTGGRMSVFQTQLPTLGVGALKPREEPNHRSSAKDIH
MTPSTDFYKKLALDCSGQQVAVDLFLLSGQYSDLASLGCISRYSAGSVYYYPSYHHQHNPVQVQKLQKELQRYLTRKIGF
EAVMRIRCTKGLSIHTFHGNFFVRSTDLLSLPNVNPDAGYAVQMSVEESLTDTQLVSFQSALLYTSSKGERRIRVHTLCL
PVVSTLNDVFLGADVQAISGLLANMAVDRSMTASLSDARDALVNAVIDSLSAYRSSVLSNQQPGLMVPFSLRLFPLFVLA
LLKQKSFQTGTNARLDERIFAMCQVKNQPLVYLMLTTHPSLYRVDNLSDEGALNISDRTIPQPPILQLSVEKLSRDGAFL
MDAGSVLMLWVGKNCTQNFLSQVLGVQNYASIPQPMTDLPELDTPESARIIAFISWLREQRPFFPILYVIADESPMKANF
LQNMIEDRTESALSYYEFLLHIQQQVNK
;
B
3 'polypeptide(L)'
;MVLLTMIARVADGLPLAASMQEDEQSGRDLQQYQSQAKQLFRKLNEQSPTRCTLEAGAMTFHYIIEQGVCYLVLCEAAFP
KKLAFAYLEDLHSEFDEQHGKKVPTVSRPYSFIEFDTFIQKTKKLYIDSRARRNLGSINTELQDVQRIMVANIEEVL
;
C
4 'polypeptide(L)' EVTSSV D
#
# COMPACT_ATOMS: atom_id res chain seq x y z
N THR A 3 -32.84 52.91 32.21
CA THR A 3 -32.32 51.83 33.04
C THR A 3 -31.08 51.21 32.42
N TYR A 4 -30.00 51.14 33.20
CA TYR A 4 -28.75 50.57 32.70
C TYR A 4 -28.90 49.10 32.37
N LEU A 5 -29.76 48.38 33.08
CA LEU A 5 -29.98 46.96 32.78
C LEU A 5 -30.72 46.80 31.46
N GLU A 6 -31.77 47.59 31.25
CA GLU A 6 -32.47 47.55 29.97
C GLU A 6 -31.54 47.94 28.83
N PHE A 7 -30.62 48.88 29.08
CA PHE A 7 -29.69 49.31 28.04
C PHE A 7 -28.76 48.17 27.64
N ILE A 8 -28.21 47.46 28.63
CA ILE A 8 -27.31 46.36 28.34
C ILE A 8 -28.03 45.23 27.61
N GLN A 9 -29.26 44.93 28.02
CA GLN A 9 -30.02 43.86 27.37
C GLN A 9 -30.35 44.23 25.92
N GLN A 10 -30.90 45.42 25.70
CA GLN A 10 -31.32 45.80 24.35
C GLN A 10 -30.15 45.92 23.39
N ASN A 11 -28.96 46.26 23.90
CA ASN A 11 -27.80 46.38 23.02
C ASN A 11 -27.16 45.03 22.69
N GLU A 12 -27.35 44.02 23.53
CA GLU A 12 -26.91 42.68 23.15
C GLU A 12 -27.85 42.06 22.15
N GLU A 13 -29.16 42.31 22.28
CA GLU A 13 -30.12 41.79 21.32
C GLU A 13 -29.93 42.41 19.94
N ARG A 14 -29.69 43.73 19.90
CA ARG A 14 -29.62 44.42 18.62
C ARG A 14 -28.25 44.28 17.96
N ASP A 15 -27.17 44.39 18.74
CA ASP A 15 -25.83 44.51 18.18
C ASP A 15 -24.94 43.32 18.48
N GLY A 16 -25.40 42.36 19.27
CA GLY A 16 -24.56 41.22 19.64
C GLY A 16 -23.27 41.63 20.33
N VAL A 17 -23.31 42.70 21.13
CA VAL A 17 -22.14 43.20 21.82
C VAL A 17 -22.49 43.40 23.28
N ARG A 18 -21.48 43.25 24.14
CA ARG A 18 -21.63 43.54 25.58
C ARG A 18 -20.28 44.03 26.09
N PHE A 19 -20.24 45.29 26.51
CA PHE A 19 -19.02 45.94 26.93
C PHE A 19 -18.82 45.84 28.44
N SER A 20 -17.56 45.87 28.86
CA SER A 20 -17.26 45.96 30.29
C SER A 20 -17.63 47.33 30.84
N TRP A 21 -17.34 48.38 30.09
CA TRP A 21 -17.74 49.73 30.42
C TRP A 21 -18.52 50.32 29.25
N ASN A 22 -19.71 50.86 29.54
CA ASN A 22 -20.54 51.49 28.53
C ASN A 22 -20.39 53.01 28.51
N VAL A 23 -19.61 53.57 29.43
CA VAL A 23 -19.17 54.95 29.38
C VAL A 23 -17.65 54.95 29.47
N TRP A 24 -17.01 55.70 28.56
CA TRP A 24 -15.58 55.55 28.39
C TRP A 24 -14.82 56.76 28.92
N PRO A 25 -13.59 56.56 29.43
CA PRO A 25 -12.85 57.67 30.03
C PRO A 25 -12.42 58.69 28.98
N SER A 26 -12.60 59.96 29.29
CA SER A 26 -12.20 61.04 28.40
C SER A 26 -10.82 61.59 28.72
N SER A 27 -10.22 61.18 29.83
CA SER A 27 -8.91 61.68 30.23
C SER A 27 -7.90 60.52 30.27
N ARG A 28 -6.64 60.86 29.97
CA ARG A 28 -5.58 59.86 29.97
C ARG A 28 -5.35 59.28 31.37
N LEU A 29 -5.55 60.10 32.41
CA LEU A 29 -5.37 59.60 33.77
C LEU A 29 -6.36 58.48 34.09
N GLU A 30 -7.62 58.65 33.69
CA GLU A 30 -8.61 57.61 33.96
C GLU A 30 -8.44 56.42 33.03
N ALA A 31 -8.08 56.67 31.77
CA ALA A 31 -7.91 55.59 30.81
C ALA A 31 -6.77 54.67 31.20
N THR A 32 -5.69 55.23 31.76
CA THR A 32 -4.58 54.40 32.23
C THR A 32 -4.90 53.73 33.56
N ARG A 33 -5.58 54.43 34.46
CA ARG A 33 -6.01 53.90 35.76
C ARG A 33 -7.28 53.09 35.66
N MET A 34 -7.51 52.39 34.54
CA MET A 34 -8.70 51.57 34.35
C MET A 34 -8.39 50.14 34.80
N VAL A 35 -9.06 49.68 35.86
CA VAL A 35 -8.78 48.36 36.40
C VAL A 35 -9.14 47.27 35.41
N VAL A 36 -10.43 47.20 35.05
CA VAL A 36 -10.89 46.31 33.99
C VAL A 36 -10.87 47.10 32.69
N PRO A 37 -10.18 46.63 31.65
CA PRO A 37 -10.06 47.42 30.42
C PRO A 37 -11.39 47.57 29.70
N VAL A 38 -11.47 48.62 28.88
CA VAL A 38 -12.60 48.78 27.97
C VAL A 38 -12.54 47.64 26.95
N ALA A 39 -13.49 46.72 27.03
CA ALA A 39 -13.48 45.52 26.19
C ALA A 39 -14.90 45.12 25.88
N ALA A 40 -15.05 44.24 24.89
CA ALA A 40 -16.37 43.88 24.37
C ALA A 40 -16.46 42.39 24.13
N LEU A 41 -17.54 41.80 24.61
CA LEU A 41 -17.97 40.48 24.16
C LEU A 41 -18.80 40.66 22.90
N PHE A 42 -18.31 40.15 21.78
CA PHE A 42 -18.88 40.44 20.47
C PHE A 42 -19.26 39.14 19.76
N THR A 43 -20.55 39.01 19.42
CA THR A 43 -21.06 37.86 18.68
C THR A 43 -21.42 38.32 17.27
N PRO A 44 -20.55 38.10 16.28
CA PRO A 44 -20.76 38.74 14.98
C PRO A 44 -21.99 38.26 14.23
N LEU A 45 -22.36 36.98 14.35
CA LEU A 45 -23.47 36.43 13.59
C LEU A 45 -24.69 36.13 14.46
N LYS A 46 -24.93 36.95 15.48
CA LYS A 46 -26.06 36.70 16.37
C LYS A 46 -27.38 36.80 15.63
N GLU A 47 -28.27 35.85 15.89
CA GLU A 47 -29.60 35.87 15.32
C GLU A 47 -30.49 36.87 16.05
N ARG A 48 -31.45 37.43 15.33
CA ARG A 48 -32.32 38.47 15.89
C ARG A 48 -33.65 38.42 15.15
N PRO A 49 -34.68 39.13 15.66
CA PRO A 49 -36.01 39.08 15.01
C PRO A 49 -36.01 39.48 13.54
N ASP A 50 -35.48 38.59 12.69
CA ASP A 50 -35.65 38.65 11.23
C ASP A 50 -35.30 40.01 10.64
N LEU A 51 -34.01 40.30 10.52
CA LEU A 51 -33.59 41.48 9.79
C LEU A 51 -33.77 41.25 8.29
N PRO A 52 -33.97 42.31 7.51
CA PRO A 52 -34.05 42.15 6.06
C PRO A 52 -32.66 42.06 5.46
N PRO A 53 -32.33 40.95 4.80
CA PRO A 53 -31.04 40.87 4.09
C PRO A 53 -31.02 41.88 2.93
N ILE A 54 -30.03 42.76 2.97
CA ILE A 54 -29.97 43.92 2.10
C ILE A 54 -29.01 43.61 0.96
N GLN A 55 -29.55 43.58 -0.26
CA GLN A 55 -28.81 43.07 -1.42
C GLN A 55 -28.24 44.22 -2.27
N TYR A 56 -27.33 44.98 -1.68
CA TYR A 56 -26.52 45.90 -2.45
C TYR A 56 -25.21 46.15 -1.71
N GLU A 57 -24.24 46.69 -2.44
CA GLU A 57 -22.93 46.95 -1.89
C GLU A 57 -23.01 48.00 -0.79
N PRO A 58 -22.21 47.87 0.26
CA PRO A 58 -22.21 48.90 1.32
C PRO A 58 -21.63 50.20 0.80
N VAL A 59 -22.31 51.31 1.13
CA VAL A 59 -21.81 52.63 0.81
C VAL A 59 -20.59 52.91 1.69
N LEU A 60 -19.44 53.10 1.07
CA LEU A 60 -18.19 53.33 1.77
C LEU A 60 -17.84 54.80 1.79
N CYS A 61 -17.20 55.21 2.89
CA CYS A 61 -16.62 56.54 2.96
C CYS A 61 -15.54 56.69 1.90
N SER A 62 -15.52 57.84 1.24
CA SER A 62 -14.61 58.08 0.13
C SER A 62 -13.25 58.61 0.58
N ARG A 63 -12.80 58.23 1.76
CA ARG A 63 -11.45 58.54 2.25
C ARG A 63 -10.64 57.26 2.28
N THR A 64 -9.54 57.24 1.53
CA THR A 64 -8.76 56.01 1.35
C THR A 64 -8.35 55.39 2.67
N THR A 65 -8.06 56.24 3.68
CA THR A 65 -7.69 55.73 4.99
C THR A 65 -8.89 55.13 5.71
N CYS A 66 -9.97 55.89 5.83
CA CYS A 66 -11.13 55.48 6.61
C CYS A 66 -11.90 54.35 5.96
N ARG A 67 -12.67 54.66 4.91
CA ARG A 67 -13.49 53.68 4.19
C ARG A 67 -14.50 53.00 5.11
N ALA A 68 -15.05 53.75 6.05
CA ALA A 68 -16.05 53.21 6.95
C ALA A 68 -17.40 53.04 6.23
N VAL A 69 -18.21 52.13 6.74
CA VAL A 69 -19.49 51.82 6.14
C VAL A 69 -20.53 52.83 6.62
N LEU A 70 -21.40 53.26 5.70
CA LEU A 70 -22.51 54.15 6.05
C LEU A 70 -23.35 53.50 7.16
N ASN A 71 -23.67 54.30 8.17
CA ASN A 71 -24.27 53.76 9.39
C ASN A 71 -25.13 54.85 10.02
N PRO A 72 -25.99 54.49 10.99
CA PRO A 72 -26.91 55.48 11.55
C PRO A 72 -26.25 56.60 12.36
N LEU A 73 -24.93 56.57 12.57
CA LEU A 73 -24.26 57.63 13.30
C LEU A 73 -23.72 58.73 12.38
N CYS A 74 -23.90 58.60 11.07
CA CYS A 74 -23.42 59.58 10.11
C CYS A 74 -24.45 60.70 9.95
N GLN A 75 -23.95 61.93 9.83
CA GLN A 75 -24.79 63.08 9.58
C GLN A 75 -25.13 63.16 8.11
N VAL A 76 -26.42 63.22 7.79
CA VAL A 76 -26.89 63.22 6.42
C VAL A 76 -27.65 64.51 6.14
N ASP A 77 -27.30 65.18 5.05
CA ASP A 77 -28.01 66.34 4.54
C ASP A 77 -28.77 65.90 3.29
N TYR A 78 -30.09 65.77 3.41
CA TYR A 78 -30.92 65.29 2.31
C TYR A 78 -31.20 66.36 1.26
N ARG A 79 -30.75 67.59 1.47
CA ARG A 79 -30.85 68.63 0.46
C ARG A 79 -29.64 68.67 -0.47
N ALA A 80 -28.44 68.58 0.10
CA ALA A 80 -27.20 68.62 -0.66
C ALA A 80 -26.72 67.24 -1.12
N LYS A 81 -27.47 66.18 -0.82
CA LYS A 81 -27.10 64.81 -1.18
C LYS A 81 -25.72 64.45 -0.63
N LEU A 82 -25.46 64.87 0.60
CA LEU A 82 -24.16 64.65 1.24
C LEU A 82 -24.36 63.98 2.60
N TRP A 83 -23.38 63.13 2.95
CA TRP A 83 -23.30 62.56 4.29
C TRP A 83 -21.86 62.70 4.79
N ALA A 84 -21.73 62.95 6.08
CA ALA A 84 -20.43 63.17 6.72
C ALA A 84 -20.06 61.93 7.53
N CYS A 85 -18.84 61.45 7.33
CA CYS A 85 -18.38 60.26 8.03
C CYS A 85 -18.25 60.56 9.52
N ASN A 86 -18.81 59.67 10.34
CA ASN A 86 -18.72 59.85 11.78
C ASN A 86 -17.35 59.49 12.34
N PHE A 87 -16.50 58.85 11.55
CA PHE A 87 -15.17 58.44 11.98
C PHE A 87 -14.08 59.42 11.58
N CYS A 88 -14.06 59.85 10.31
CA CYS A 88 -13.00 60.71 9.80
C CYS A 88 -13.49 62.08 9.36
N TYR A 89 -14.80 62.34 9.41
CA TYR A 89 -15.45 63.61 9.07
C TYR A 89 -15.47 63.90 7.56
N GLN A 90 -15.08 62.94 6.73
CA GLN A 90 -15.08 63.17 5.29
C GLN A 90 -16.50 63.36 4.77
N ARG A 91 -16.71 64.42 3.99
CA ARG A 91 -18.00 64.66 3.36
C ARG A 91 -18.09 63.85 2.07
N ASN A 92 -19.19 63.12 1.90
CA ASN A 92 -19.33 62.16 0.82
C ASN A 92 -20.56 62.44 0.00
N GLN A 93 -20.39 62.52 -1.32
CA GLN A 93 -21.52 62.51 -2.24
C GLN A 93 -22.15 61.13 -2.24
N PHE A 94 -23.49 61.09 -2.27
CA PHE A 94 -24.18 59.82 -2.35
C PHE A 94 -23.87 59.13 -3.68
N PRO A 95 -23.79 57.80 -3.67
CA PRO A 95 -23.63 57.07 -4.94
C PRO A 95 -24.77 57.36 -5.89
N PRO A 96 -24.63 57.06 -7.18
CA PRO A 96 -25.72 57.36 -8.11
C PRO A 96 -27.04 56.71 -7.73
N SER A 97 -27.03 55.55 -7.08
CA SER A 97 -28.26 54.86 -6.76
C SER A 97 -29.04 55.54 -5.63
N TYR A 98 -28.35 56.28 -4.76
CA TYR A 98 -28.98 56.97 -3.65
C TYR A 98 -29.44 58.37 -3.99
N ALA A 99 -29.52 58.71 -5.29
CA ALA A 99 -29.89 60.06 -5.69
C ALA A 99 -31.33 60.41 -5.34
N GLY A 100 -32.20 59.41 -5.18
CA GLY A 100 -33.59 59.65 -4.89
C GLY A 100 -34.00 59.48 -3.44
N ILE A 101 -33.07 59.12 -2.55
CA ILE A 101 -33.43 58.94 -1.15
C ILE A 101 -33.93 60.26 -0.58
N SER A 102 -34.78 60.17 0.45
CA SER A 102 -35.49 61.33 0.95
C SER A 102 -35.65 61.21 2.47
N GLU A 103 -36.21 62.27 3.06
CA GLU A 103 -36.51 62.27 4.48
C GLU A 103 -37.49 61.18 4.84
N LEU A 104 -38.67 61.19 4.20
CA LEU A 104 -39.74 60.26 4.53
C LEU A 104 -39.46 58.84 4.04
N ASN A 105 -38.33 58.60 3.39
CA ASN A 105 -37.96 57.27 2.90
C ASN A 105 -36.45 57.24 2.74
N GLN A 106 -35.75 56.75 3.76
CA GLN A 106 -34.30 56.74 3.79
C GLN A 106 -33.75 55.32 3.78
N PRO A 107 -32.51 55.13 3.34
CA PRO A 107 -31.97 53.76 3.23
C PRO A 107 -31.85 53.08 4.58
N ALA A 108 -31.80 51.74 4.53
CA ALA A 108 -31.86 50.94 5.75
C ALA A 108 -30.66 51.19 6.66
N GLU A 109 -29.48 51.35 6.07
CA GLU A 109 -28.27 51.50 6.86
C GLU A 109 -28.24 52.79 7.68
N LEU A 110 -29.26 53.65 7.56
CA LEU A 110 -29.31 54.87 8.35
C LEU A 110 -30.28 54.78 9.53
N LEU A 111 -31.15 53.79 9.57
CA LEU A 111 -32.11 53.64 10.65
C LEU A 111 -31.42 53.10 11.90
N PRO A 112 -31.72 53.66 13.07
CA PRO A 112 -31.01 53.22 14.29
C PRO A 112 -31.24 51.76 14.62
N GLN A 113 -32.36 51.17 14.19
CA GLN A 113 -32.60 49.75 14.43
C GLN A 113 -31.79 48.84 13.52
N PHE A 114 -31.18 49.39 12.46
CA PHE A 114 -30.27 48.66 11.59
C PHE A 114 -28.83 49.10 11.78
N SER A 115 -28.48 49.50 13.01
CA SER A 115 -27.07 49.67 13.38
C SER A 115 -26.30 48.38 13.16
N SER A 116 -26.92 47.24 13.46
CA SER A 116 -26.48 45.93 12.99
C SER A 116 -27.29 45.58 11.75
N ILE A 117 -26.61 45.26 10.64
CA ILE A 117 -27.26 45.02 9.37
C ILE A 117 -26.36 44.11 8.54
N GLU A 118 -26.98 43.34 7.65
CA GLU A 118 -26.27 42.37 6.82
C GLU A 118 -26.51 42.69 5.36
N TYR A 119 -25.43 42.75 4.60
CA TYR A 119 -25.48 42.94 3.16
C TYR A 119 -25.22 41.62 2.46
N VAL A 120 -25.89 41.41 1.33
CA VAL A 120 -25.62 40.29 0.44
C VAL A 120 -24.93 40.83 -0.79
N VAL A 121 -23.76 40.27 -1.12
CA VAL A 121 -22.99 40.68 -2.28
C VAL A 121 -22.95 39.49 -3.25
N LEU A 122 -23.64 39.64 -4.38
CA LEU A 122 -23.76 38.60 -5.39
C LEU A 122 -23.07 39.11 -6.66
N ARG A 123 -21.82 38.70 -6.85
CA ARG A 123 -21.06 39.13 -8.03
C ARG A 123 -20.25 38.01 -8.68
N GLY A 124 -19.75 37.04 -7.92
CA GLY A 124 -19.01 35.93 -8.48
C GLY A 124 -19.71 34.61 -8.25
N PRO A 125 -19.32 33.58 -9.02
CA PRO A 125 -19.97 32.28 -8.87
C PRO A 125 -19.72 31.68 -7.49
N GLN A 126 -20.80 31.20 -6.88
CA GLN A 126 -20.73 30.67 -5.52
C GLN A 126 -20.16 29.26 -5.52
N MET A 127 -19.33 28.98 -4.53
CA MET A 127 -18.73 27.67 -4.35
C MET A 127 -19.62 26.78 -3.47
N PRO A 128 -19.57 25.46 -3.67
CA PRO A 128 -20.30 24.56 -2.79
C PRO A 128 -19.54 24.32 -1.49
N LEU A 129 -20.24 23.71 -0.54
CA LEU A 129 -19.62 23.36 0.73
C LEU A 129 -18.82 22.07 0.61
N ILE A 130 -17.80 21.93 1.45
CA ILE A 130 -16.88 20.80 1.42
C ILE A 130 -16.83 20.17 2.80
N PHE A 131 -17.06 18.85 2.85
CA PHE A 131 -17.00 18.08 4.08
C PHE A 131 -16.07 16.90 3.89
N LEU A 132 -14.97 16.88 4.63
CA LEU A 132 -13.96 15.84 4.53
C LEU A 132 -13.97 15.02 5.82
N TYR A 133 -14.40 13.77 5.71
CA TYR A 133 -14.42 12.85 6.84
C TYR A 133 -13.08 12.16 6.98
N VAL A 134 -12.49 12.25 8.17
CA VAL A 134 -11.23 11.59 8.48
C VAL A 134 -11.52 10.63 9.62
N VAL A 135 -11.67 9.34 9.30
CA VAL A 135 -12.21 8.35 10.22
C VAL A 135 -11.08 7.47 10.74
N ASP A 136 -11.05 7.26 12.05
CA ASP A 136 -10.16 6.29 12.68
C ASP A 136 -10.84 4.92 12.67
N THR A 137 -10.05 3.89 12.35
CA THR A 137 -10.54 2.52 12.31
C THR A 137 -9.93 1.65 13.40
N CYS A 138 -9.17 2.23 14.32
CA CYS A 138 -8.58 1.48 15.44
C CYS A 138 -9.51 1.59 16.65
N MET A 139 -10.61 0.85 16.59
CA MET A 139 -11.59 0.87 17.66
C MET A 139 -12.45 -0.39 17.56
N GLU A 140 -13.24 -0.61 18.61
CA GLU A 140 -14.12 -1.76 18.67
C GLU A 140 -15.20 -1.68 17.59
N ASP A 141 -15.78 -2.85 17.27
CA ASP A 141 -16.79 -2.89 16.22
C ASP A 141 -18.07 -2.16 16.64
N GLU A 142 -18.43 -2.23 17.94
CA GLU A 142 -19.58 -1.48 18.42
C GLU A 142 -19.39 0.01 18.19
N ASP A 143 -18.18 0.52 18.45
CA ASP A 143 -17.93 1.94 18.27
C ASP A 143 -17.82 2.30 16.79
N LEU A 144 -17.17 1.44 16.00
CA LEU A 144 -17.03 1.72 14.57
C LEU A 144 -18.39 1.73 13.89
N GLN A 145 -19.23 0.72 14.18
CA GLN A 145 -20.57 0.68 13.59
C GLN A 145 -21.39 1.89 14.02
N ALA A 146 -21.29 2.29 15.29
CA ALA A 146 -22.04 3.45 15.76
C ALA A 146 -21.54 4.73 15.09
N LEU A 147 -20.23 4.86 14.90
CA LEU A 147 -19.71 6.02 14.18
C LEU A 147 -20.14 6.01 12.73
N LYS A 148 -20.14 4.84 12.10
CA LYS A 148 -20.64 4.72 10.72
C LYS A 148 -22.09 5.18 10.64
N GLU A 149 -22.90 4.86 11.65
CA GLU A 149 -24.29 5.27 11.65
C GLU A 149 -24.42 6.79 11.82
N SER A 150 -23.55 7.39 12.63
CA SER A 150 -23.58 8.84 12.80
C SER A 150 -23.19 9.55 11.51
N MET A 151 -22.24 8.99 10.77
CA MET A 151 -21.80 9.63 9.53
C MET A 151 -22.88 9.57 8.46
N GLN A 152 -23.53 8.41 8.31
CA GLN A 152 -24.60 8.28 7.32
C GLN A 152 -25.76 9.23 7.63
N MET A 153 -25.95 9.58 8.91
CA MET A 153 -26.96 10.56 9.25
C MET A 153 -26.54 11.96 8.83
N SER A 154 -25.27 12.32 9.07
CA SER A 154 -24.76 13.61 8.62
C SER A 154 -24.78 13.69 7.11
N LEU A 155 -24.40 12.61 6.43
CA LEU A 155 -24.43 12.59 4.97
C LEU A 155 -25.84 12.78 4.45
N SER A 156 -26.85 12.30 5.19
CA SER A 156 -28.23 12.44 4.77
C SER A 156 -28.77 13.86 4.95
N LEU A 157 -28.00 14.75 5.58
CA LEU A 157 -28.42 16.13 5.81
C LEU A 157 -27.71 17.14 4.92
N LEU A 158 -26.70 16.73 4.18
CA LEU A 158 -25.91 17.66 3.39
C LEU A 158 -26.69 18.11 2.15
N PRO A 159 -26.40 19.30 1.64
CA PRO A 159 -26.98 19.71 0.37
C PRO A 159 -26.47 18.81 -0.75
N PRO A 160 -27.28 18.61 -1.80
CA PRO A 160 -26.83 17.73 -2.90
C PRO A 160 -25.56 18.21 -3.57
N THR A 161 -25.34 19.54 -3.62
CA THR A 161 -24.15 20.09 -4.26
C THR A 161 -22.91 20.07 -3.37
N ALA A 162 -23.05 19.67 -2.11
CA ALA A 162 -21.91 19.64 -1.20
C ALA A 162 -20.90 18.58 -1.63
N LEU A 163 -19.63 18.89 -1.41
CA LEU A 163 -18.53 17.99 -1.78
C LEU A 163 -18.11 17.18 -0.56
N VAL A 164 -17.93 15.88 -0.76
CA VAL A 164 -17.56 14.98 0.32
C VAL A 164 -16.32 14.20 -0.05
N GLY A 165 -15.43 14.02 0.92
CA GLY A 165 -14.31 13.12 0.77
C GLY A 165 -14.21 12.24 2.00
N LEU A 166 -13.56 11.09 1.82
CA LEU A 166 -13.40 10.12 2.90
C LEU A 166 -11.94 9.74 3.04
N ILE A 167 -11.38 9.95 4.23
CA ILE A 167 -10.06 9.45 4.58
C ILE A 167 -10.21 8.55 5.79
N THR A 168 -9.73 7.32 5.67
CA THR A 168 -9.68 6.38 6.78
C THR A 168 -8.23 6.13 7.16
N PHE A 169 -7.98 5.94 8.45
CA PHE A 169 -6.61 5.75 8.89
C PHE A 169 -6.56 4.81 10.08
N GLY A 170 -5.37 4.25 10.29
CA GLY A 170 -5.04 3.45 11.44
C GLY A 170 -3.53 3.36 11.50
N ARG A 171 -2.98 2.21 11.12
CA ARG A 171 -1.55 2.13 10.86
C ARG A 171 -1.19 2.91 9.60
N MET A 172 -2.00 2.77 8.55
CA MET A 172 -1.83 3.50 7.31
C MET A 172 -2.86 4.62 7.22
N VAL A 173 -2.79 5.39 6.14
CA VAL A 173 -3.76 6.43 5.85
C VAL A 173 -4.24 6.22 4.41
N GLN A 174 -5.55 6.08 4.23
CA GLN A 174 -6.14 5.81 2.92
C GLN A 174 -6.98 7.00 2.48
N VAL A 175 -6.62 7.57 1.33
CA VAL A 175 -7.43 8.59 0.68
C VAL A 175 -8.26 7.88 -0.37
N HIS A 176 -9.57 7.85 -0.17
CA HIS A 176 -10.47 7.08 -1.03
C HIS A 176 -10.90 7.90 -2.23
N GLU A 177 -10.83 7.29 -3.41
CA GLU A 177 -11.36 7.89 -4.63
C GLU A 177 -12.74 7.30 -4.87
N LEU A 178 -13.77 8.10 -4.67
CA LEU A 178 -15.14 7.62 -4.67
C LEU A 178 -15.67 7.45 -6.09
N GLY A 179 -16.59 6.51 -6.24
CA GLY A 179 -17.30 6.33 -7.51
C GLY A 179 -16.41 5.96 -8.67
N CYS A 180 -15.32 5.25 -8.44
CA CYS A 180 -14.48 4.77 -9.53
C CYS A 180 -15.10 3.59 -10.25
N GLU A 181 -16.23 3.09 -9.78
CA GLU A 181 -17.09 2.16 -10.51
C GLU A 181 -16.47 0.79 -10.71
N GLY A 182 -16.93 -0.20 -9.95
CA GLY A 182 -16.52 -1.57 -10.12
C GLY A 182 -15.29 -1.99 -9.35
N ILE A 183 -14.60 -1.07 -8.69
CA ILE A 183 -13.31 -1.39 -8.08
C ILE A 183 -13.17 -0.77 -6.69
N SER A 184 -13.66 0.46 -6.51
CA SER A 184 -13.50 1.16 -5.24
C SER A 184 -12.04 1.24 -4.83
N LYS A 185 -11.32 2.26 -5.28
CA LYS A 185 -9.89 2.36 -5.04
C LYS A 185 -9.59 3.43 -4.00
N SER A 186 -8.37 3.36 -3.46
CA SER A 186 -7.90 4.30 -2.46
C SER A 186 -6.40 4.43 -2.56
N TYR A 187 -5.87 5.54 -2.04
CA TYR A 187 -4.44 5.82 -2.04
C TYR A 187 -3.90 5.61 -0.64
N VAL A 188 -3.00 4.65 -0.49
CA VAL A 188 -2.47 4.26 0.81
C VAL A 188 -1.15 4.97 1.04
N PHE A 189 -0.97 5.51 2.24
CA PHE A 189 0.25 6.19 2.62
C PHE A 189 0.74 5.65 3.96
N ARG A 190 2.04 5.76 4.19
CA ARG A 190 2.60 5.42 5.49
C ARG A 190 2.17 6.45 6.52
N GLY A 191 1.59 5.98 7.62
CA GLY A 191 1.24 6.87 8.72
C GLY A 191 2.43 7.16 9.61
N THR A 192 3.63 7.12 9.02
CA THR A 192 4.86 7.27 9.77
C THR A 192 5.68 8.48 9.37
N LYS A 193 5.36 9.13 8.25
CA LYS A 193 6.10 10.30 7.79
C LYS A 193 5.12 11.33 7.24
N ASP A 194 5.49 12.60 7.39
CA ASP A 194 4.63 13.71 7.02
C ASP A 194 4.70 13.96 5.52
N LEU A 195 3.59 14.50 4.98
CA LEU A 195 3.48 14.82 3.57
C LEU A 195 3.07 16.27 3.42
N SER A 196 3.77 17.00 2.57
CA SER A 196 3.43 18.39 2.33
C SER A 196 2.32 18.51 1.28
N ALA A 197 1.74 19.71 1.20
CA ALA A 197 0.67 19.94 0.24
C ALA A 197 1.15 19.75 -1.20
N LYS A 198 2.38 20.18 -1.48
CA LYS A 198 2.91 20.00 -2.83
C LYS A 198 3.22 18.53 -3.10
N GLN A 199 3.81 17.83 -2.13
CA GLN A 199 4.07 16.41 -2.28
C GLN A 199 2.77 15.64 -2.51
N LEU A 200 1.77 15.90 -1.67
CA LEU A 200 0.50 15.20 -1.80
C LEU A 200 -0.15 15.49 -3.15
N GLN A 201 -0.01 16.71 -3.65
CA GLN A 201 -0.54 17.05 -4.97
C GLN A 201 0.16 16.24 -6.07
N GLU A 202 1.47 16.05 -5.93
CA GLU A 202 2.21 15.29 -6.95
C GLU A 202 1.91 13.80 -6.87
N MET A 203 1.82 13.25 -5.66
CA MET A 203 1.58 11.82 -5.50
C MET A 203 0.16 11.41 -5.89
N LEU A 204 -0.79 12.34 -5.88
CA LEU A 204 -2.18 11.99 -6.18
C LEU A 204 -2.60 12.31 -7.61
N GLY A 205 -1.83 13.11 -8.33
CA GLY A 205 -2.19 13.47 -9.69
C GLY A 205 -2.74 14.88 -9.83
N PRO A 225 -17.32 22.58 -9.93
CA PRO A 225 -15.96 22.04 -9.74
C PRO A 225 -15.92 20.90 -8.73
N SER A 226 -15.14 19.86 -9.02
CA SER A 226 -14.99 18.71 -8.13
C SER A 226 -13.77 17.91 -8.55
N ASN A 227 -13.18 17.21 -7.58
CA ASN A 227 -12.03 16.37 -7.82
C ASN A 227 -12.46 14.92 -8.01
N ARG A 228 -11.47 14.02 -8.02
CA ARG A 228 -11.76 12.60 -7.92
C ARG A 228 -11.97 12.18 -6.47
N PHE A 229 -11.50 12.99 -5.52
CA PHE A 229 -11.60 12.69 -4.10
C PHE A 229 -12.69 13.48 -3.39
N LEU A 230 -13.06 14.64 -3.92
CA LEU A 230 -14.10 15.50 -3.34
C LEU A 230 -15.24 15.57 -4.34
N GLN A 231 -16.26 14.75 -4.13
CA GLN A 231 -17.34 14.61 -5.09
C GLN A 231 -18.65 15.14 -4.54
N PRO A 232 -19.56 15.60 -5.41
CA PRO A 232 -20.88 16.04 -4.94
C PRO A 232 -21.61 14.90 -4.25
N VAL A 233 -22.35 15.26 -3.19
CA VAL A 233 -23.13 14.26 -2.47
C VAL A 233 -24.12 13.58 -3.41
N GLN A 234 -24.83 14.36 -4.22
CA GLN A 234 -25.85 13.80 -5.09
C GLN A 234 -25.28 12.74 -6.03
N LYS A 235 -24.08 12.97 -6.55
CA LYS A 235 -23.47 12.05 -7.49
C LYS A 235 -22.71 10.92 -6.82
N ILE A 236 -22.61 10.88 -5.50
CA ILE A 236 -21.68 9.95 -4.87
C ILE A 236 -22.29 9.31 -3.63
N ASP A 237 -23.32 9.94 -3.06
CA ASP A 237 -23.86 9.52 -1.76
C ASP A 237 -24.14 8.02 -1.72
N MET A 238 -24.58 7.45 -2.84
CA MET A 238 -24.88 6.02 -2.87
C MET A 238 -23.61 5.18 -2.76
N ASN A 239 -22.62 5.46 -3.62
CA ASN A 239 -21.34 4.76 -3.53
C ASN A 239 -20.71 4.94 -2.15
N LEU A 240 -20.86 6.13 -1.56
CA LEU A 240 -20.39 6.36 -0.20
C LEU A 240 -21.15 5.49 0.79
N THR A 241 -22.48 5.49 0.69
CA THR A 241 -23.30 4.70 1.61
C THR A 241 -22.92 3.23 1.57
N ASP A 242 -22.60 2.71 0.39
CA ASP A 242 -22.15 1.33 0.27
C ASP A 242 -20.71 1.16 0.77
N LEU A 243 -19.87 2.18 0.59
CA LEU A 243 -18.54 2.14 1.16
C LEU A 243 -18.58 2.35 2.67
N LEU A 244 -19.28 3.41 3.12
CA LEU A 244 -19.33 3.71 4.55
C LEU A 244 -19.89 2.56 5.36
N GLY A 245 -20.74 1.74 4.75
CA GLY A 245 -21.31 0.59 5.44
C GLY A 245 -20.49 -0.67 5.40
N GLU A 246 -19.46 -0.72 4.56
CA GLU A 246 -18.57 -1.87 4.47
C GLU A 246 -17.22 -1.63 5.12
N LEU A 247 -17.01 -0.48 5.75
CA LEU A 247 -15.76 -0.22 6.45
C LEU A 247 -15.58 -1.23 7.59
N GLN A 248 -14.31 -1.44 7.97
CA GLN A 248 -13.98 -2.44 8.96
C GLN A 248 -12.78 -1.97 9.75
N ARG A 249 -12.49 -2.71 10.83
CA ARG A 249 -11.35 -2.40 11.69
C ARG A 249 -10.07 -2.29 10.89
N ASP A 250 -9.13 -1.51 11.40
CA ASP A 250 -7.79 -1.48 10.84
C ASP A 250 -7.22 -2.90 10.87
N PRO A 251 -6.86 -3.48 9.73
CA PRO A 251 -6.59 -4.93 9.68
C PRO A 251 -5.29 -5.35 10.37
N TRP A 252 -4.50 -4.42 10.89
CA TRP A 252 -3.22 -4.78 11.47
C TRP A 252 -3.40 -5.30 12.88
N PRO A 253 -2.81 -6.44 13.23
CA PRO A 253 -3.02 -7.01 14.56
C PRO A 253 -2.38 -6.16 15.64
N VAL A 254 -3.01 -6.18 16.81
CA VAL A 254 -2.53 -5.47 17.99
C VAL A 254 -2.00 -6.51 18.97
N PRO A 255 -0.68 -6.60 19.16
CA PRO A 255 -0.14 -7.61 20.07
C PRO A 255 -0.54 -7.35 21.51
N GLN A 256 -0.36 -8.37 22.34
CA GLN A 256 -0.80 -8.33 23.73
C GLN A 256 -0.07 -7.23 24.49
N GLY A 257 -0.84 -6.37 25.17
CA GLY A 257 -0.27 -5.30 25.96
C GLY A 257 0.16 -4.08 25.17
N LYS A 258 -0.34 -3.92 23.95
CA LYS A 258 0.02 -2.80 23.09
C LYS A 258 -1.23 -2.00 22.73
N ARG A 259 -1.02 -0.73 22.43
CA ARG A 259 -2.07 0.06 21.82
C ARG A 259 -2.02 -0.11 20.30
N PRO A 260 -3.14 0.09 19.61
CA PRO A 260 -3.09 0.08 18.15
C PRO A 260 -2.19 1.19 17.63
N LEU A 261 -1.57 0.94 16.49
CA LEU A 261 -0.75 1.96 15.83
C LEU A 261 -1.70 2.92 15.11
N ARG A 262 -1.90 4.10 15.69
CA ARG A 262 -2.86 5.09 15.20
C ARG A 262 -2.11 6.31 14.70
N SER A 263 -2.25 6.60 13.40
CA SER A 263 -1.49 7.66 12.75
C SER A 263 -2.35 8.91 12.56
N SER A 264 -2.76 9.48 13.69
CA SER A 264 -3.69 10.62 13.65
C SER A 264 -3.03 11.87 13.10
N GLY A 265 -1.77 12.11 13.46
CA GLY A 265 -1.10 13.31 13.00
C GLY A 265 -0.85 13.32 11.50
N VAL A 266 -0.45 12.17 10.95
CA VAL A 266 -0.22 12.09 9.51
C VAL A 266 -1.54 12.08 8.76
N ALA A 267 -2.58 11.48 9.36
CA ALA A 267 -3.88 11.48 8.71
C ALA A 267 -4.43 12.90 8.57
N LEU A 268 -4.23 13.73 9.59
CA LEU A 268 -4.72 15.11 9.53
C LEU A 268 -3.94 15.94 8.52
N SER A 269 -2.60 15.81 8.51
CA SER A 269 -1.80 16.59 7.58
C SER A 269 -2.11 16.23 6.14
N ILE A 270 -2.52 14.98 5.88
CA ILE A 270 -2.95 14.61 4.54
C ILE A 270 -4.32 15.21 4.23
N ALA A 271 -5.23 15.18 5.20
CA ALA A 271 -6.54 15.81 5.02
C ALA A 271 -6.38 17.31 4.80
N VAL A 272 -5.52 17.96 5.57
CA VAL A 272 -5.26 19.39 5.37
C VAL A 272 -4.60 19.61 4.02
N GLY A 273 -3.57 18.82 3.70
CA GLY A 273 -2.86 19.00 2.44
C GLY A 273 -3.73 18.74 1.22
N LEU A 274 -4.70 17.84 1.34
CA LEU A 274 -5.57 17.54 0.20
C LEU A 274 -6.43 18.74 -0.16
N LEU A 275 -7.00 19.42 0.84
CA LEU A 275 -7.85 20.57 0.55
C LEU A 275 -7.05 21.81 0.21
N GLU A 276 -5.81 21.91 0.70
CA GLU A 276 -4.99 23.09 0.42
C GLU A 276 -4.61 23.18 -1.05
N CYS A 277 -4.45 22.05 -1.73
CA CYS A 277 -4.05 22.03 -3.12
C CYS A 277 -5.21 21.83 -4.08
N THR A 278 -6.44 21.80 -3.58
CA THR A 278 -7.60 21.55 -4.43
C THR A 278 -8.64 22.65 -4.30
N PHE A 279 -9.01 22.98 -3.06
CA PHE A 279 -10.01 24.01 -2.79
C PHE A 279 -9.51 24.95 -1.70
N PRO A 280 -8.50 25.76 -1.99
CA PRO A 280 -8.06 26.77 -1.02
C PRO A 280 -9.00 27.97 -1.04
N ASN A 281 -9.00 28.68 0.09
CA ASN A 281 -9.75 29.93 0.23
C ASN A 281 -11.23 29.74 -0.03
N THR A 282 -11.78 28.65 0.51
CA THR A 282 -13.20 28.36 0.41
C THR A 282 -13.62 27.57 1.66
N GLY A 283 -14.88 27.70 2.03
CA GLY A 283 -15.35 26.99 3.21
C GLY A 283 -15.21 25.49 3.05
N ALA A 284 -14.78 24.85 4.13
CA ALA A 284 -14.59 23.39 4.15
C ALA A 284 -14.48 22.94 5.60
N ARG A 285 -15.08 21.81 5.91
CA ARG A 285 -14.98 21.18 7.23
C ARG A 285 -14.11 19.94 7.11
N ILE A 286 -13.06 19.88 7.90
CA ILE A 286 -12.27 18.67 8.09
C ILE A 286 -12.74 18.05 9.39
N MET A 287 -13.59 17.03 9.28
CA MET A 287 -14.19 16.38 10.43
C MET A 287 -13.39 15.11 10.74
N MET A 288 -12.71 15.11 11.88
CA MET A 288 -11.83 14.02 12.28
C MET A 288 -12.44 13.27 13.45
N PHE A 289 -12.56 11.95 13.31
CA PHE A 289 -13.19 11.08 14.30
C PHE A 289 -12.15 10.08 14.78
N ILE A 290 -11.72 10.23 16.04
CA ILE A 290 -10.67 9.38 16.60
C ILE A 290 -11.25 8.59 17.75
N GLY A 291 -10.70 7.39 17.94
CA GLY A 291 -11.12 6.53 19.04
C GLY A 291 -10.00 6.23 20.00
N GLY A 292 -8.98 7.09 20.00
CA GLY A 292 -7.83 6.92 20.85
C GLY A 292 -6.73 7.90 20.49
N PRO A 293 -5.63 7.87 21.23
CA PRO A 293 -4.53 8.81 20.97
C PRO A 293 -3.66 8.39 19.80
N ALA A 294 -2.95 9.37 19.26
CA ALA A 294 -1.97 9.11 18.22
C ALA A 294 -0.75 8.41 18.81
N THR A 295 -0.48 7.21 18.33
CA THR A 295 0.63 6.41 18.79
C THR A 295 1.77 6.22 17.82
N GLN A 296 1.74 6.87 16.69
CA GLN A 296 2.80 6.70 15.72
C GLN A 296 2.95 7.90 14.82
N GLY A 297 4.15 8.20 14.42
CA GLY A 297 4.35 9.26 13.47
C GLY A 297 4.34 10.59 14.11
N PRO A 298 4.46 11.63 13.32
CA PRO A 298 4.43 12.96 13.90
C PRO A 298 3.10 13.26 14.56
N GLY A 299 3.14 13.92 15.70
CA GLY A 299 1.94 14.22 16.43
C GLY A 299 1.58 13.17 17.42
N MET A 300 2.42 12.17 17.54
CA MET A 300 2.18 11.09 18.48
C MET A 300 2.10 11.64 19.89
N VAL A 301 1.11 11.17 20.62
CA VAL A 301 0.82 11.61 21.98
C VAL A 301 1.38 10.65 23.01
N VAL A 302 1.29 9.35 22.75
CA VAL A 302 1.73 8.34 23.70
C VAL A 302 2.36 7.19 22.92
N GLY A 303 3.29 6.49 23.58
CA GLY A 303 3.85 5.28 23.01
C GLY A 303 2.83 4.16 22.95
N ASP A 304 3.23 3.07 22.29
CA ASP A 304 2.34 1.94 22.09
C ASP A 304 2.39 0.93 23.22
N GLU A 305 3.00 1.28 24.35
CA GLU A 305 3.07 0.39 25.51
C GLU A 305 1.88 0.68 26.42
N LEU A 306 1.01 -0.33 26.60
CA LEU A 306 -0.15 -0.17 27.47
C LEU A 306 0.26 0.07 28.92
N LYS A 307 1.42 -0.45 29.32
CA LYS A 307 1.88 -0.27 30.70
C LYS A 307 2.28 1.16 31.00
N THR A 308 2.60 1.96 29.97
CA THR A 308 2.94 3.36 30.18
C THR A 308 1.70 4.21 29.99
N PRO A 309 1.14 4.80 31.05
CA PRO A 309 -0.11 5.55 30.89
C PRO A 309 0.11 6.88 30.18
N ILE A 310 -0.99 7.39 29.62
CA ILE A 310 -0.95 8.69 28.93
C ILE A 310 -0.69 9.78 29.96
N ARG A 311 0.04 10.81 29.53
CA ARG A 311 0.49 11.88 30.42
C ARG A 311 -0.68 12.53 31.17
N SER A 312 -0.44 12.85 32.43
CA SER A 312 -1.37 13.60 33.25
C SER A 312 -0.78 14.98 33.55
N TRP A 313 -1.63 15.87 34.07
CA TRP A 313 -1.14 17.18 34.49
C TRP A 313 0.01 17.04 35.49
N HIS A 314 -0.10 16.06 36.38
CA HIS A 314 1.00 15.77 37.30
C HIS A 314 2.26 15.40 36.53
N ASP A 315 2.12 14.66 35.43
CA ASP A 315 3.28 14.30 34.61
C ASP A 315 3.81 15.50 33.84
N ILE A 316 2.91 16.38 33.38
CA ILE A 316 3.35 17.58 32.67
C ILE A 316 4.22 18.44 33.58
N ASP A 317 3.86 18.50 34.87
CA ASP A 317 4.57 19.40 35.79
C ASP A 317 5.96 18.91 36.12
N LYS A 318 6.16 17.58 36.16
CA LYS A 318 7.44 16.99 36.53
C LYS A 318 8.24 16.53 35.32
N ASP A 319 7.90 17.02 34.13
CA ASP A 319 8.65 16.75 32.90
C ASP A 319 8.72 15.25 32.60
N ASN A 320 7.69 14.51 32.97
CA ASN A 320 7.55 13.09 32.64
C ASN A 320 6.58 12.89 31.48
N ALA A 321 6.69 13.72 30.46
CA ALA A 321 5.79 13.66 29.29
C ALA A 321 6.60 14.13 28.08
N LYS A 322 7.28 13.18 27.44
CA LYS A 322 8.25 13.52 26.40
C LYS A 322 7.62 13.79 25.04
N TYR A 323 6.32 13.53 24.87
CA TYR A 323 5.67 13.70 23.57
C TYR A 323 4.86 14.99 23.47
N VAL A 324 4.60 15.67 24.58
CA VAL A 324 3.66 16.78 24.57
C VAL A 324 4.17 17.93 23.71
N LYS A 325 5.41 18.36 23.95
CA LYS A 325 5.93 19.54 23.24
C LYS A 325 6.07 19.27 21.75
N LYS A 326 6.58 18.10 21.38
CA LYS A 326 6.79 17.81 19.96
C LYS A 326 5.46 17.58 19.25
N GLY A 327 4.49 16.97 19.94
CA GLY A 327 3.19 16.75 19.32
C GLY A 327 2.41 18.04 19.14
N THR A 328 2.53 18.97 20.10
CA THR A 328 1.83 20.24 19.99
C THR A 328 2.35 21.05 18.81
N LYS A 329 3.67 21.07 18.62
CA LYS A 329 4.26 21.85 17.52
C LYS A 329 3.77 21.35 16.16
N HIS A 330 3.54 20.04 16.03
CA HIS A 330 3.07 19.49 14.76
C HIS A 330 1.65 19.93 14.44
N PHE A 331 0.76 19.88 15.42
CA PHE A 331 -0.63 20.28 15.19
C PHE A 331 -0.77 21.79 15.10
N GLU A 332 0.12 22.56 15.73
CA GLU A 332 0.11 24.00 15.55
C GLU A 332 0.50 24.39 14.13
N ALA A 333 1.38 23.62 13.50
CA ALA A 333 1.71 23.87 12.10
C ALA A 333 0.53 23.55 11.20
N LEU A 334 -0.20 22.47 11.49
CA LEU A 334 -1.37 22.13 10.70
C LEU A 334 -2.48 23.16 10.89
N ALA A 335 -2.69 23.62 12.13
CA ALA A 335 -3.74 24.59 12.40
C ALA A 335 -3.47 25.90 11.67
N ASN A 336 -2.22 26.36 11.67
CA ASN A 336 -1.91 27.61 11.00
C ASN A 336 -1.91 27.45 9.48
N ARG A 337 -1.59 26.26 8.99
CA ARG A 337 -1.72 26.01 7.55
C ARG A 337 -3.18 26.03 7.12
N ALA A 338 -4.07 25.47 7.95
CA ALA A 338 -5.49 25.42 7.60
C ALA A 338 -6.17 26.77 7.82
N ALA A 339 -5.75 27.53 8.83
CA ALA A 339 -6.32 28.86 9.04
C ALA A 339 -5.88 29.81 7.94
N THR A 340 -4.63 29.68 7.49
CA THR A 340 -4.17 30.48 6.35
C THR A 340 -4.94 30.13 5.09
N THR A 341 -5.19 28.84 4.88
CA THR A 341 -5.95 28.41 3.70
C THR A 341 -7.43 28.73 3.83
N GLY A 342 -7.94 28.78 5.06
CA GLY A 342 -9.32 29.10 5.30
C GLY A 342 -10.23 27.93 5.57
N HIS A 343 -9.71 26.82 6.10
CA HIS A 343 -10.49 25.62 6.34
C HIS A 343 -10.67 25.37 7.82
N VAL A 344 -11.68 24.56 8.14
CA VAL A 344 -12.08 24.28 9.51
C VAL A 344 -11.74 22.84 9.85
N ILE A 345 -11.32 22.62 11.10
CA ILE A 345 -10.96 21.29 11.59
C ILE A 345 -11.79 21.00 12.83
N ASP A 346 -12.56 19.93 12.79
CA ASP A 346 -13.33 19.46 13.93
C ASP A 346 -12.72 18.19 14.49
N ILE A 347 -12.74 18.07 15.82
CA ILE A 347 -12.26 16.88 16.50
C ILE A 347 -13.44 16.25 17.23
N TYR A 348 -13.71 14.99 16.94
CA TYR A 348 -14.77 14.22 17.60
C TYR A 348 -14.08 13.01 18.23
N ALA A 349 -13.71 13.14 19.50
CA ALA A 349 -12.86 12.18 20.20
C ALA A 349 -13.67 11.45 21.26
N CYS A 350 -13.95 10.17 21.01
CA CYS A 350 -14.69 9.32 21.94
C CYS A 350 -13.84 8.10 22.27
N ALA A 351 -13.44 7.99 23.53
CA ALA A 351 -12.63 6.87 24.00
C ALA A 351 -12.72 6.82 25.52
N LEU A 352 -12.28 5.70 26.08
CA LEU A 352 -12.28 5.54 27.53
C LEU A 352 -11.11 6.30 28.16
N ASP A 353 -9.90 6.08 27.66
CA ASP A 353 -8.74 6.82 28.12
C ASP A 353 -8.65 8.15 27.37
N GLN A 354 -7.60 8.92 27.67
CA GLN A 354 -7.40 10.18 26.98
C GLN A 354 -7.10 9.94 25.50
N THR A 355 -7.11 11.03 24.74
CA THR A 355 -6.98 10.94 23.30
C THR A 355 -6.03 11.95 22.68
N GLY A 356 -5.51 12.90 23.44
CA GLY A 356 -4.60 13.89 22.90
C GLY A 356 -5.22 15.23 22.55
N LEU A 357 -6.39 15.57 23.12
CA LEU A 357 -6.99 16.86 22.84
C LEU A 357 -6.09 18.02 23.24
N LEU A 358 -5.21 17.79 24.23
CA LEU A 358 -4.29 18.83 24.65
C LEU A 358 -3.36 19.24 23.51
N GLU A 359 -2.74 18.25 22.86
CA GLU A 359 -1.79 18.55 21.79
C GLU A 359 -2.48 18.99 20.50
N MET A 360 -3.74 18.60 20.30
CA MET A 360 -4.46 18.90 19.08
C MET A 360 -5.40 20.08 19.20
N LYS A 361 -5.45 20.74 20.37
CA LYS A 361 -6.49 21.74 20.63
C LYS A 361 -6.39 22.91 19.66
N CYS A 362 -5.19 23.20 19.14
CA CYS A 362 -5.03 24.38 18.29
C CYS A 362 -5.81 24.26 16.99
N CYS A 363 -6.07 23.04 16.52
CA CYS A 363 -6.76 22.89 15.23
C CYS A 363 -8.21 23.37 15.29
N PRO A 364 -9.02 22.97 16.27
CA PRO A 364 -10.36 23.58 16.39
C PRO A 364 -10.38 24.91 17.12
N ASN A 365 -9.27 25.33 17.74
CA ASN A 365 -9.24 26.60 18.45
C ASN A 365 -8.81 27.75 17.55
N LEU A 366 -7.71 27.59 16.81
CA LEU A 366 -7.28 28.64 15.88
C LEU A 366 -8.31 28.82 14.77
N THR A 367 -8.70 27.73 14.11
CA THR A 367 -9.89 27.77 13.29
C THR A 367 -11.12 27.77 14.20
N GLY A 368 -12.29 27.91 13.60
CA GLY A 368 -13.50 27.92 14.41
C GLY A 368 -14.08 26.54 14.61
N GLY A 369 -13.21 25.53 14.61
CA GLY A 369 -13.67 24.15 14.60
C GLY A 369 -14.26 23.71 15.92
N TYR A 370 -15.04 22.64 15.85
CA TYR A 370 -15.68 22.05 17.01
C TYR A 370 -14.75 21.06 17.71
N MET A 371 -14.95 20.91 19.01
CA MET A 371 -14.25 19.90 19.81
C MET A 371 -15.30 19.15 20.63
N VAL A 372 -15.58 17.91 20.23
CA VAL A 372 -16.52 17.05 20.93
C VAL A 372 -15.75 15.91 21.58
N MET A 373 -16.14 15.57 22.80
CA MET A 373 -15.40 14.62 23.62
C MET A 373 -16.39 13.75 24.39
N GLY A 374 -16.19 12.43 24.33
CA GLY A 374 -17.06 11.50 25.03
C GLY A 374 -16.32 10.21 25.33
N ASP A 375 -17.04 9.27 25.93
CA ASP A 375 -16.47 7.97 26.26
C ASP A 375 -16.65 6.95 25.14
N SER A 376 -17.62 7.16 24.25
CA SER A 376 -17.90 6.20 23.20
C SER A 376 -18.79 6.85 22.15
N PHE A 377 -18.48 6.60 20.88
CA PHE A 377 -19.38 7.01 19.80
C PHE A 377 -20.72 6.31 19.90
N ASN A 378 -20.79 5.19 20.61
CA ASN A 378 -22.03 4.41 20.77
C ASN A 378 -22.80 4.88 22.00
N THR A 379 -23.06 6.19 22.08
CA THR A 379 -23.83 6.76 23.16
C THR A 379 -24.86 7.74 22.60
N SER A 380 -25.97 7.88 23.33
CA SER A 380 -26.90 8.96 23.00
C SER A 380 -26.24 10.32 23.12
N LEU A 381 -25.21 10.43 23.98
CA LEU A 381 -24.54 11.71 24.16
C LEU A 381 -23.84 12.14 22.88
N PHE A 382 -23.08 11.25 22.25
CA PHE A 382 -22.38 11.63 21.03
C PHE A 382 -23.35 11.76 19.86
N LYS A 383 -24.23 10.77 19.68
CA LYS A 383 -25.11 10.74 18.52
C LYS A 383 -25.93 12.02 18.41
N GLN A 384 -26.45 12.51 19.54
CA GLN A 384 -27.25 13.73 19.51
C GLN A 384 -26.36 14.98 19.37
N THR A 385 -25.22 15.00 20.05
CA THR A 385 -24.30 16.13 19.90
C THR A 385 -23.86 16.29 18.45
N PHE A 386 -23.68 15.18 17.74
CA PHE A 386 -23.16 15.26 16.38
C PHE A 386 -24.21 15.79 15.41
N GLN A 387 -25.49 15.46 15.62
CA GLN A 387 -26.51 15.97 14.72
C GLN A 387 -26.81 17.45 14.99
N ARG A 388 -26.54 17.92 16.21
CA ARG A 388 -26.65 19.35 16.48
C ARG A 388 -25.72 20.17 15.61
N VAL A 389 -24.63 19.56 15.13
CA VAL A 389 -23.71 20.27 14.23
C VAL A 389 -24.43 20.70 12.97
N PHE A 390 -25.35 19.87 12.48
CA PHE A 390 -26.03 20.11 11.21
C PHE A 390 -27.46 20.61 11.42
N THR A 391 -27.66 21.51 12.37
CA THR A 391 -28.97 22.11 12.60
C THR A 391 -29.24 23.16 11.53
N LYS A 392 -30.43 23.10 10.93
CA LYS A 392 -30.82 24.02 9.87
C LYS A 392 -31.76 25.09 10.41
N ASP A 393 -31.85 26.19 9.67
CA ASP A 393 -32.67 27.33 10.05
C ASP A 393 -34.05 27.22 9.41
N MET A 394 -34.78 28.34 9.36
CA MET A 394 -36.12 28.37 8.79
C MET A 394 -36.13 28.20 7.27
N HIS A 395 -34.96 28.16 6.63
CA HIS A 395 -34.88 27.97 5.19
C HIS A 395 -34.18 26.67 4.82
N GLY A 396 -34.01 25.75 5.78
CA GLY A 396 -33.33 24.50 5.50
C GLY A 396 -31.86 24.64 5.24
N GLN A 397 -31.22 25.68 5.79
CA GLN A 397 -29.81 25.94 5.57
C GLN A 397 -29.04 25.78 6.87
N PHE A 398 -27.82 25.23 6.77
CA PHE A 398 -26.99 25.03 7.95
C PHE A 398 -26.71 26.35 8.65
N LYS A 399 -26.58 26.28 9.98
CA LYS A 399 -26.25 27.45 10.79
C LYS A 399 -24.75 27.66 10.93
N MET A 400 -23.98 27.34 9.90
CA MET A 400 -22.54 27.53 9.92
C MET A 400 -22.14 28.62 8.94
N GLY A 401 -21.08 29.34 9.28
CA GLY A 401 -20.47 30.28 8.37
C GLY A 401 -19.02 29.89 8.12
N PHE A 402 -18.42 30.42 7.06
CA PHE A 402 -17.10 29.99 6.65
C PHE A 402 -16.26 31.19 6.20
N GLY A 403 -14.94 31.05 6.35
CA GLY A 403 -13.98 32.02 5.87
C GLY A 403 -14.23 33.45 6.31
N GLY A 404 -14.67 33.65 7.55
CA GLY A 404 -15.01 34.99 8.01
C GLY A 404 -13.78 35.86 8.13
N THR A 405 -13.94 37.13 7.75
CA THR A 405 -12.91 38.15 7.92
C THR A 405 -13.53 39.29 8.73
N LEU A 406 -13.02 39.48 9.95
CA LEU A 406 -13.52 40.51 10.84
C LEU A 406 -12.57 41.70 10.80
N GLU A 407 -13.08 42.85 10.37
CA GLU A 407 -12.35 44.12 10.44
C GLU A 407 -13.05 45.05 11.41
N ILE A 408 -12.27 45.71 12.25
CA ILE A 408 -12.80 46.61 13.26
C ILE A 408 -12.22 48.01 13.02
N LYS A 409 -13.11 49.00 12.97
CA LYS A 409 -12.73 50.39 12.81
C LYS A 409 -13.20 51.18 14.03
N THR A 410 -12.35 52.09 14.50
CA THR A 410 -12.61 52.84 15.72
C THR A 410 -12.35 54.32 15.49
N SER A 411 -12.89 55.14 16.39
CA SER A 411 -12.56 56.55 16.40
C SER A 411 -11.07 56.72 16.68
N ARG A 412 -10.56 57.90 16.33
CA ARG A 412 -9.12 58.15 16.47
C ARG A 412 -8.65 58.07 17.91
N GLU A 413 -9.56 58.17 18.88
CA GLU A 413 -9.18 58.07 20.29
C GLU A 413 -9.14 56.63 20.79
N ILE A 414 -9.68 55.68 20.03
CA ILE A 414 -9.77 54.29 20.45
C ILE A 414 -8.73 53.48 19.68
N LYS A 415 -8.04 52.58 20.39
CA LYS A 415 -7.09 51.68 19.79
C LYS A 415 -7.38 50.25 20.23
N ILE A 416 -7.01 49.30 19.38
CA ILE A 416 -7.33 47.89 19.57
C ILE A 416 -6.12 47.19 20.17
N SER A 417 -6.30 46.59 21.35
CA SER A 417 -5.23 45.82 21.97
C SER A 417 -5.12 44.42 21.35
N GLY A 418 -6.26 43.79 21.09
CA GLY A 418 -6.25 42.48 20.48
C GLY A 418 -7.55 41.74 20.75
N ALA A 419 -7.61 40.52 20.23
CA ALA A 419 -8.77 39.66 20.34
C ALA A 419 -8.41 38.36 21.03
N ILE A 420 -9.37 37.81 21.77
CA ILE A 420 -9.24 36.50 22.39
C ILE A 420 -10.46 35.68 22.00
N GLY A 421 -10.22 34.52 21.41
CA GLY A 421 -11.29 33.67 20.92
C GLY A 421 -10.85 32.92 19.68
N PRO A 422 -11.79 32.20 19.06
CA PRO A 422 -11.45 31.44 17.85
C PRO A 422 -11.17 32.34 16.66
N CYS A 423 -9.90 32.68 16.44
CA CYS A 423 -9.54 33.59 15.36
C CYS A 423 -8.05 33.48 15.10
N VAL A 424 -7.60 34.18 14.06
CA VAL A 424 -6.19 34.25 13.68
C VAL A 424 -5.95 35.62 13.06
N SER A 425 -4.81 36.22 13.40
CA SER A 425 -4.50 37.54 12.89
C SER A 425 -4.22 37.51 11.39
N LEU A 426 -4.71 38.53 10.69
CA LEU A 426 -4.30 38.80 9.33
C LEU A 426 -3.13 39.79 9.28
N ASN A 427 -2.66 40.24 10.44
CA ASN A 427 -1.47 41.10 10.56
C ASN A 427 -1.57 42.32 9.65
N SER A 428 -2.71 43.00 9.73
CA SER A 428 -2.94 44.23 8.98
C SER A 428 -2.77 45.41 9.92
N LYS A 429 -1.71 46.18 9.72
CA LYS A 429 -1.41 47.31 10.59
C LYS A 429 -2.26 48.52 10.21
N GLY A 430 -2.38 49.44 11.16
CA GLY A 430 -3.14 50.65 10.96
C GLY A 430 -3.09 51.57 12.17
N PRO A 431 -3.69 52.75 12.05
CA PRO A 431 -3.73 53.66 13.21
C PRO A 431 -4.59 53.14 14.35
N CYS A 432 -5.52 52.23 14.07
CA CYS A 432 -6.35 51.65 15.13
C CYS A 432 -5.59 50.62 15.95
N VAL A 433 -4.45 50.15 15.46
CA VAL A 433 -3.69 49.11 16.14
C VAL A 433 -2.90 49.73 17.27
N SER A 434 -3.02 49.14 18.46
CA SER A 434 -2.34 49.63 19.65
C SER A 434 -1.00 48.93 19.86
N GLU A 435 -0.09 49.62 20.54
CA GLU A 435 1.19 49.02 20.90
C GLU A 435 0.99 47.92 21.93
N ASN A 436 0.41 48.26 23.08
CA ASN A 436 0.06 47.28 24.10
C ASN A 436 -0.90 46.24 23.51
N GLU A 437 -0.38 45.05 23.21
CA GLU A 437 -1.15 44.03 22.50
C GLU A 437 -1.61 42.95 23.47
N ILE A 438 -2.82 42.45 23.24
CA ILE A 438 -3.46 41.46 24.09
C ILE A 438 -3.89 40.30 23.22
N GLY A 439 -3.44 39.10 23.57
CA GLY A 439 -3.83 37.91 22.82
C GLY A 439 -3.37 38.00 21.37
N THR A 440 -4.33 37.92 20.46
CA THR A 440 -4.05 38.04 19.02
C THR A 440 -4.18 39.51 18.66
N GLY A 441 -3.07 40.24 18.80
CA GLY A 441 -3.08 41.67 18.55
C GLY A 441 -2.26 42.08 17.34
N GLY A 442 -1.81 43.33 17.33
CA GLY A 442 -1.02 43.83 16.21
C GLY A 442 -1.76 43.88 14.91
N THR A 443 -3.09 43.96 14.95
CA THR A 443 -3.90 43.92 13.74
C THR A 443 -5.26 44.52 14.04
N CYS A 444 -5.94 44.95 12.98
CA CYS A 444 -7.34 45.33 13.04
C CYS A 444 -8.21 44.37 12.22
N GLN A 445 -7.63 43.27 11.75
CA GLN A 445 -8.35 42.25 11.00
C GLN A 445 -8.02 40.88 11.56
N TRP A 446 -9.03 40.02 11.63
CA TRP A 446 -8.88 38.64 12.09
C TRP A 446 -9.65 37.72 11.16
N LYS A 447 -9.12 36.51 10.97
CA LYS A 447 -9.79 35.49 10.17
C LYS A 447 -10.40 34.45 11.10
N ILE A 448 -11.69 34.15 10.88
CA ILE A 448 -12.42 33.14 11.62
C ILE A 448 -12.92 32.14 10.58
N CYS A 449 -12.19 31.03 10.44
CA CYS A 449 -12.48 30.09 9.36
C CYS A 449 -13.85 29.46 9.49
N GLY A 450 -14.37 29.35 10.72
CA GLY A 450 -15.71 28.84 10.94
C GLY A 450 -16.39 29.53 12.10
N LEU A 451 -17.66 29.91 11.92
CA LEU A 451 -18.39 30.55 12.99
C LEU A 451 -19.87 30.20 12.91
N SER A 452 -20.54 30.34 14.04
CA SER A 452 -21.96 30.03 14.21
C SER A 452 -22.64 31.26 14.78
N PRO A 453 -23.98 31.24 14.86
CA PRO A 453 -24.67 32.37 15.53
C PRO A 453 -24.26 32.57 16.98
N THR A 454 -23.58 31.61 17.60
CA THR A 454 -23.17 31.73 18.99
C THR A 454 -21.68 32.03 19.16
N THR A 455 -20.92 32.04 18.07
CA THR A 455 -19.49 32.32 18.14
C THR A 455 -19.25 33.72 18.68
N THR A 456 -18.56 33.80 19.82
CA THR A 456 -18.36 35.07 20.52
C THR A 456 -16.86 35.33 20.68
N LEU A 457 -16.43 36.51 20.26
CA LEU A 457 -15.05 36.96 20.44
C LEU A 457 -14.97 37.96 21.58
N ALA A 458 -13.74 38.30 21.94
CA ALA A 458 -13.47 39.28 22.99
C ALA A 458 -12.41 40.25 22.48
N ILE A 459 -12.79 41.49 22.23
CA ILE A 459 -11.89 42.52 21.71
C ILE A 459 -11.56 43.48 22.83
N TYR A 460 -10.28 43.76 23.01
CA TYR A 460 -9.80 44.62 24.09
C TYR A 460 -9.31 45.94 23.51
N PHE A 461 -9.77 47.04 24.10
CA PHE A 461 -9.55 48.37 23.57
C PHE A 461 -8.69 49.19 24.51
N GLU A 462 -8.35 50.39 24.05
CA GLU A 462 -7.38 51.24 24.74
C GLU A 462 -7.58 52.66 24.26
N VAL A 463 -7.89 53.57 25.18
CA VAL A 463 -8.20 54.95 24.85
C VAL A 463 -6.92 55.77 24.83
N VAL A 464 -6.57 56.32 23.67
CA VAL A 464 -5.38 57.15 23.52
C VAL A 464 -5.75 58.48 22.90
N ARG A 476 -19.14 61.36 22.13
CA ARG A 476 -19.31 59.91 21.93
C ARG A 476 -18.18 59.32 21.08
N GLY A 477 -17.84 58.08 21.38
CA GLY A 477 -16.89 57.31 20.59
C GLY A 477 -17.61 56.18 19.89
N ALA A 478 -17.05 55.74 18.77
CA ALA A 478 -17.72 54.77 17.91
C ALA A 478 -16.75 53.69 17.47
N ILE A 479 -17.27 52.47 17.35
CA ILE A 479 -16.55 51.30 16.88
C ILE A 479 -17.41 50.60 15.84
N GLN A 480 -16.79 50.14 14.76
CA GLN A 480 -17.49 49.49 13.67
C GLN A 480 -16.89 48.10 13.44
N PHE A 481 -17.75 47.08 13.49
CA PHE A 481 -17.37 45.69 13.25
C PHE A 481 -17.89 45.29 11.88
N VAL A 482 -16.99 44.84 11.01
CA VAL A 482 -17.35 44.42 9.66
C VAL A 482 -16.91 42.97 9.50
N THR A 483 -17.88 42.07 9.36
CA THR A 483 -17.62 40.64 9.25
C THR A 483 -18.11 40.15 7.88
N GLN A 484 -17.17 39.85 6.99
CA GLN A 484 -17.46 39.28 5.69
C GLN A 484 -17.23 37.78 5.74
N TYR A 485 -18.24 37.00 5.35
CA TYR A 485 -18.15 35.56 5.49
C TYR A 485 -18.93 34.88 4.37
N GLN A 486 -18.70 33.58 4.23
CA GLN A 486 -19.40 32.74 3.26
C GLN A 486 -20.54 32.03 3.98
N HIS A 487 -21.76 32.38 3.62
CA HIS A 487 -22.93 31.71 4.19
C HIS A 487 -22.99 30.28 3.68
N SER A 488 -23.62 29.41 4.48
CA SER A 488 -23.72 28.01 4.10
C SER A 488 -24.52 27.81 2.82
N SER A 489 -25.26 28.82 2.38
CA SER A 489 -25.98 28.76 1.11
C SER A 489 -25.07 29.05 -0.07
N GLY A 490 -23.87 29.57 0.15
CA GLY A 490 -22.98 29.99 -0.91
C GLY A 490 -22.90 31.48 -1.12
N GLN A 491 -23.82 32.25 -0.53
CA GLN A 491 -23.82 33.69 -0.71
C GLN A 491 -22.70 34.33 0.08
N ARG A 492 -22.08 35.36 -0.52
CA ARG A 492 -21.13 36.19 0.20
C ARG A 492 -21.88 37.28 0.94
N ARG A 493 -21.60 37.41 2.24
CA ARG A 493 -22.33 38.34 3.09
C ARG A 493 -21.38 39.20 3.91
N ILE A 494 -21.83 40.40 4.22
CA ILE A 494 -21.09 41.35 5.06
C ILE A 494 -22.02 41.78 6.18
N ARG A 495 -21.59 41.56 7.42
CA ARG A 495 -22.33 42.02 8.59
C ARG A 495 -21.62 43.23 9.17
N VAL A 496 -22.35 44.33 9.32
CA VAL A 496 -21.81 45.60 9.78
C VAL A 496 -22.50 45.97 11.09
N THR A 497 -21.71 46.24 12.12
CA THR A 497 -22.22 46.68 13.41
C THR A 497 -21.48 47.94 13.82
N THR A 498 -22.21 49.04 14.00
CA THR A 498 -21.64 50.30 14.47
C THR A 498 -22.31 50.65 15.78
N ILE A 499 -21.51 50.77 16.84
CA ILE A 499 -22.02 51.16 18.15
C ILE A 499 -21.38 52.48 18.56
N ALA A 500 -21.99 53.13 19.54
CA ALA A 500 -21.47 54.37 20.09
C ALA A 500 -21.65 54.36 21.59
N ARG A 501 -20.66 54.90 22.31
CA ARG A 501 -20.73 55.04 23.75
C ARG A 501 -20.29 56.44 24.15
N ASN A 502 -20.93 56.99 25.18
CA ASN A 502 -20.64 58.35 25.62
C ASN A 502 -19.23 58.44 26.21
N TRP A 503 -18.57 59.57 25.96
CA TRP A 503 -17.37 59.92 26.70
C TRP A 503 -17.75 60.44 28.07
N ALA A 504 -16.94 60.10 29.07
CA ALA A 504 -17.25 60.48 30.44
C ALA A 504 -17.19 61.99 30.59
N ASP A 505 -18.27 62.59 31.07
CA ASP A 505 -18.28 64.01 31.38
C ASP A 505 -17.25 64.29 32.46
N ALA A 506 -16.30 65.19 32.15
CA ALA A 506 -15.13 65.38 33.01
C ALA A 506 -15.50 65.92 34.40
N GLN A 507 -16.67 66.51 34.56
CA GLN A 507 -17.10 67.01 35.87
C GLN A 507 -17.73 65.92 36.72
N THR A 508 -17.73 64.68 36.23
CA THR A 508 -18.27 63.53 36.94
C THR A 508 -17.64 62.26 36.37
N GLN A 509 -16.32 62.26 36.21
CA GLN A 509 -15.61 61.20 35.49
C GLN A 509 -15.87 59.82 36.06
N ILE A 510 -15.32 59.54 37.25
CA ILE A 510 -15.42 58.20 37.82
C ILE A 510 -16.85 57.86 38.22
N GLN A 511 -17.72 58.87 38.39
CA GLN A 511 -19.10 58.62 38.77
C GLN A 511 -19.91 58.06 37.61
N ASN A 512 -19.82 58.71 36.44
CA ASN A 512 -20.51 58.20 35.26
C ASN A 512 -19.95 56.86 34.83
N ILE A 513 -18.62 56.71 34.88
CA ILE A 513 -17.99 55.46 34.49
C ILE A 513 -18.44 54.31 35.39
N ALA A 514 -18.52 54.55 36.70
CA ALA A 514 -18.88 53.48 37.63
C ALA A 514 -20.27 52.95 37.36
N ALA A 515 -21.21 53.83 37.02
CA ALA A 515 -22.58 53.40 36.78
C ALA A 515 -22.74 52.64 35.46
N SER A 516 -21.76 52.73 34.57
CA SER A 516 -21.82 52.06 33.28
C SER A 516 -21.13 50.71 33.28
N PHE A 517 -20.71 50.24 34.45
CA PHE A 517 -19.98 48.98 34.55
C PHE A 517 -20.92 47.81 34.33
N ASP A 518 -20.47 46.82 33.56
CA ASP A 518 -21.22 45.59 33.30
C ASP A 518 -20.44 44.47 33.98
N GLN A 519 -20.83 44.16 35.22
CA GLN A 519 -20.07 43.22 36.03
C GLN A 519 -20.06 41.83 35.41
N GLU A 520 -21.18 41.43 34.79
CA GLU A 520 -21.22 40.13 34.11
C GLU A 520 -20.21 40.08 32.97
N ALA A 521 -20.22 41.09 32.10
CA ALA A 521 -19.32 41.09 30.95
C ALA A 521 -17.86 41.24 31.37
N ALA A 522 -17.60 42.09 32.37
CA ALA A 522 -16.23 42.29 32.82
C ALA A 522 -15.66 41.02 33.42
N ALA A 523 -16.48 40.27 34.17
CA ALA A 523 -16.00 39.03 34.77
C ALA A 523 -15.58 38.03 33.71
N ILE A 524 -16.39 37.89 32.65
CA ILE A 524 -16.05 36.98 31.57
C ILE A 524 -14.86 37.51 30.77
N LEU A 525 -14.79 38.82 30.57
CA LEU A 525 -13.66 39.41 29.86
C LEU A 525 -12.37 39.28 30.65
N MET A 526 -12.44 39.40 31.97
CA MET A 526 -11.25 39.18 32.80
C MET A 526 -10.93 37.69 32.90
N ALA A 527 -11.94 36.83 32.94
CA ALA A 527 -11.70 35.39 32.86
C ALA A 527 -11.03 35.03 31.54
N ARG A 528 -11.45 35.69 30.45
CA ARG A 528 -10.82 35.46 29.15
C ARG A 528 -9.32 35.75 29.21
N LEU A 529 -8.95 36.87 29.84
CA LEU A 529 -7.53 37.22 29.98
C LEU A 529 -6.78 36.19 30.81
N ALA A 530 -7.38 35.74 31.92
CA ALA A 530 -6.69 34.81 32.81
C ALA A 530 -6.47 33.46 32.14
N ILE A 531 -7.50 32.92 31.48
CA ILE A 531 -7.36 31.62 30.83
C ILE A 531 -6.31 31.68 29.74
N TYR A 532 -6.26 32.80 29.00
CA TYR A 532 -5.29 32.93 27.93
C TYR A 532 -3.86 32.93 28.46
N ARG A 533 -3.61 33.67 29.55
CA ARG A 533 -2.27 33.69 30.12
C ARG A 533 -1.92 32.35 30.75
N ALA A 534 -2.91 31.64 31.30
CA ALA A 534 -2.63 30.34 31.90
C ALA A 534 -2.39 29.28 30.83
N GLU A 535 -3.20 29.29 29.76
CA GLU A 535 -3.02 28.35 28.66
C GLU A 535 -1.86 28.74 27.75
N THR A 536 -1.15 29.81 28.06
CA THR A 536 0.08 30.20 27.36
C THR A 536 1.04 30.77 28.41
N GLU A 537 1.31 29.97 29.43
CA GLU A 537 2.09 30.38 30.60
C GLU A 537 3.41 31.02 30.25
N ASP A 541 2.24 34.28 38.54
CA ASP A 541 1.02 33.53 38.79
C ASP A 541 -0.20 34.25 38.20
N VAL A 542 -1.15 33.46 37.71
CA VAL A 542 -2.36 34.04 37.13
C VAL A 542 -3.37 34.39 38.21
N LEU A 543 -3.45 33.57 39.27
CA LEU A 543 -4.33 33.89 40.38
C LEU A 543 -3.89 35.17 41.08
N ARG A 544 -2.59 35.41 41.16
CA ARG A 544 -2.09 36.65 41.76
C ARG A 544 -2.55 37.86 40.96
N TRP A 545 -2.56 37.75 39.63
CA TRP A 545 -3.06 38.85 38.81
C TRP A 545 -4.56 39.04 39.02
N LEU A 546 -5.30 37.94 39.12
CA LEU A 546 -6.74 38.03 39.34
C LEU A 546 -7.05 38.67 40.68
N ASP A 547 -6.27 38.35 41.71
CA ASP A 547 -6.52 38.89 43.04
C ASP A 547 -6.15 40.37 43.12
N ARG A 548 -5.05 40.77 42.49
CA ARG A 548 -4.64 42.17 42.54
C ARG A 548 -5.67 43.06 41.84
N GLN A 549 -6.20 42.60 40.71
CA GLN A 549 -7.19 43.40 39.98
C GLN A 549 -8.51 43.48 40.71
N LEU A 550 -8.88 42.43 41.45
CA LEU A 550 -10.10 42.48 42.26
C LEU A 550 -9.96 43.47 43.40
N ILE A 551 -8.81 43.47 44.07
CA ILE A 551 -8.58 44.40 45.18
C ILE A 551 -8.51 45.83 44.65
N ARG A 552 -7.84 46.03 43.51
CA ARG A 552 -7.76 47.36 42.93
C ARG A 552 -9.14 47.88 42.55
N LEU A 553 -10.00 47.00 42.03
CA LEU A 553 -11.37 47.40 41.71
C LEU A 553 -12.13 47.81 42.97
N CYS A 554 -11.90 47.10 44.07
CA CYS A 554 -12.55 47.47 45.33
C CYS A 554 -12.10 48.83 45.81
N GLN A 555 -10.80 49.13 45.69
CA GLN A 555 -10.25 50.36 46.24
C GLN A 555 -10.61 51.59 45.39
N LYS A 556 -11.02 51.39 44.14
CA LYS A 556 -11.39 52.52 43.28
C LYS A 556 -12.89 52.78 43.23
N PHE A 557 -13.71 51.72 43.13
CA PHE A 557 -15.15 51.87 42.95
C PHE A 557 -15.96 51.43 44.16
N GLY A 558 -15.30 51.05 45.26
CA GLY A 558 -15.99 50.68 46.48
C GLY A 558 -16.00 51.81 47.49
N GLU A 559 -16.94 51.71 48.43
CA GLU A 559 -17.07 52.65 49.54
C GLU A 559 -16.54 52.01 50.80
N TYR A 560 -15.65 52.72 51.51
CA TYR A 560 -15.05 52.18 52.72
C TYR A 560 -14.26 53.27 53.43
N HIS A 561 -14.18 53.15 54.76
CA HIS A 561 -13.22 53.89 55.55
C HIS A 561 -11.93 53.09 55.62
N LYS A 562 -10.81 53.79 55.76
CA LYS A 562 -9.52 53.12 55.86
C LYS A 562 -9.46 52.23 57.09
N ASP A 563 -8.89 51.04 56.91
CA ASP A 563 -8.56 50.10 57.98
C ASP A 563 -9.78 49.58 58.72
N ASP A 564 -10.98 49.76 58.17
CA ASP A 564 -12.21 49.19 58.74
C ASP A 564 -12.84 48.28 57.69
N PRO A 565 -12.60 46.97 57.75
CA PRO A 565 -13.22 46.07 56.75
C PRO A 565 -14.74 46.04 56.85
N SER A 566 -15.29 46.32 58.03
CA SER A 566 -16.74 46.32 58.21
C SER A 566 -17.42 47.39 57.34
N SER A 567 -16.70 48.43 56.95
CA SER A 567 -17.28 49.58 56.26
C SER A 567 -17.32 49.42 54.75
N PHE A 568 -16.79 48.32 54.19
CA PHE A 568 -16.74 48.18 52.75
C PHE A 568 -18.09 47.74 52.18
N ARG A 569 -18.56 48.47 51.18
CA ARG A 569 -19.75 48.09 50.42
C ARG A 569 -19.47 48.32 48.95
N PHE A 570 -20.17 47.55 48.11
CA PHE A 570 -20.17 47.75 46.68
C PHE A 570 -21.54 48.23 46.22
N SER A 571 -21.55 49.06 45.18
CA SER A 571 -22.80 49.46 44.59
C SER A 571 -23.50 48.25 43.96
N GLU A 572 -24.76 48.44 43.58
CA GLU A 572 -25.46 47.40 42.84
C GLU A 572 -24.75 47.05 41.55
N THR A 573 -23.93 47.97 41.03
CA THR A 573 -23.24 47.74 39.77
C THR A 573 -22.08 46.78 39.92
N PHE A 574 -21.42 46.77 41.08
CA PHE A 574 -20.23 45.98 41.30
C PHE A 574 -20.41 44.84 42.30
N SER A 575 -21.60 44.69 42.88
CA SER A 575 -21.76 43.82 44.04
C SER A 575 -21.58 42.34 43.70
N LEU A 576 -21.88 41.94 42.46
CA LEU A 576 -21.78 40.54 42.08
C LEU A 576 -20.39 40.15 41.58
N TYR A 577 -19.55 41.11 41.26
CA TYR A 577 -18.22 40.81 40.72
C TYR A 577 -17.35 39.97 41.65
N PRO A 578 -17.26 40.25 42.96
CA PRO A 578 -16.43 39.38 43.81
C PRO A 578 -16.91 37.93 43.83
N GLN A 579 -18.22 37.71 43.84
CA GLN A 579 -18.75 36.35 43.81
C GLN A 579 -18.38 35.63 42.52
N PHE A 580 -18.28 36.37 41.41
CA PHE A 580 -17.85 35.76 40.16
C PHE A 580 -16.37 35.38 40.20
N MET A 581 -15.52 36.27 40.73
CA MET A 581 -14.10 35.95 40.85
C MET A 581 -13.88 34.76 41.77
N PHE A 582 -14.67 34.66 42.84
CA PHE A 582 -14.54 33.54 43.76
C PHE A 582 -14.72 32.20 43.05
N HIS A 583 -15.78 32.08 42.25
CA HIS A 583 -16.00 30.84 41.51
C HIS A 583 -15.00 30.68 40.37
N LEU A 584 -14.51 31.79 39.82
CA LEU A 584 -13.60 31.70 38.68
C LEU A 584 -12.25 31.15 39.10
N ARG A 585 -11.69 31.65 40.21
CA ARG A 585 -10.37 31.22 40.62
C ARG A 585 -10.38 29.80 41.19
N ARG A 586 -11.54 29.27 41.54
CA ARG A 586 -11.68 27.89 41.99
C ARG A 586 -12.16 26.97 40.88
N SER A 587 -12.44 27.50 39.69
CA SER A 587 -13.04 26.72 38.63
C SER A 587 -12.02 25.81 37.97
N SER A 588 -12.54 24.80 37.26
CA SER A 588 -11.69 23.88 36.51
C SER A 588 -10.95 24.55 35.37
N PHE A 589 -11.30 25.81 35.04
CA PHE A 589 -10.57 26.54 34.02
C PHE A 589 -9.19 27.00 34.49
N LEU A 590 -9.00 27.15 35.80
CA LEU A 590 -7.73 27.60 36.35
C LEU A 590 -7.08 26.61 37.30
N GLN A 591 -7.84 25.72 37.92
CA GLN A 591 -7.30 24.68 38.79
C GLN A 591 -7.39 23.37 38.02
N VAL A 592 -6.34 23.08 37.25
CA VAL A 592 -6.40 22.01 36.27
C VAL A 592 -6.16 20.64 36.89
N PHE A 593 -5.53 20.56 38.06
CA PHE A 593 -5.38 19.28 38.72
C PHE A 593 -6.74 18.82 39.24
N ASN A 594 -6.96 17.50 39.20
CA ASN A 594 -8.22 16.76 39.37
C ASN A 594 -8.89 16.56 38.02
N ASN A 595 -8.31 17.06 36.93
CA ASN A 595 -8.79 16.80 35.59
C ASN A 595 -7.64 16.27 34.73
N SER A 596 -7.99 15.46 33.74
CA SER A 596 -7.01 15.07 32.75
C SER A 596 -6.68 16.27 31.86
N PRO A 597 -5.46 16.34 31.33
CA PRO A 597 -5.11 17.47 30.44
C PRO A 597 -6.06 17.64 29.27
N ASP A 598 -6.70 16.57 28.81
CA ASP A 598 -7.69 16.71 27.74
C ASP A 598 -8.95 17.41 28.24
N GLU A 599 -9.40 17.08 29.45
CA GLU A 599 -10.61 17.70 29.98
C GLU A 599 -10.41 19.19 30.18
N SER A 600 -9.20 19.62 30.55
CA SER A 600 -8.93 21.04 30.71
C SER A 600 -9.02 21.77 29.37
N SER A 601 -8.43 21.19 28.33
CA SER A 601 -8.48 21.81 27.02
C SER A 601 -9.90 21.85 26.48
N TYR A 602 -10.69 20.83 26.78
CA TYR A 602 -12.08 20.79 26.34
C TYR A 602 -12.90 21.89 27.01
N TYR A 603 -12.77 22.03 28.33
CA TYR A 603 -13.49 23.07 29.06
C TYR A 603 -13.08 24.45 28.57
N ARG A 604 -11.79 24.69 28.42
CA ARG A 604 -11.32 25.99 27.97
C ARG A 604 -11.70 26.25 26.51
N HIS A 605 -11.76 25.20 25.69
CA HIS A 605 -12.19 25.36 24.30
C HIS A 605 -13.58 25.98 24.23
N HIS A 606 -14.54 25.41 24.98
CA HIS A 606 -15.92 25.88 24.93
C HIS A 606 -16.12 27.19 25.67
N PHE A 607 -15.25 27.54 26.61
CA PHE A 607 -15.40 28.82 27.30
C PHE A 607 -14.91 29.99 26.45
N MET A 608 -13.89 29.77 25.64
CA MET A 608 -13.33 30.85 24.83
C MET A 608 -14.17 31.17 23.59
N ARG A 609 -15.27 30.46 23.37
CA ARG A 609 -16.12 30.70 22.21
C ARG A 609 -17.54 31.10 22.56
N GLN A 610 -17.96 30.97 23.83
CA GLN A 610 -19.34 31.13 24.20
C GLN A 610 -19.69 32.58 24.50
N ASP A 611 -20.99 32.87 24.50
CA ASP A 611 -21.50 34.19 24.82
C ASP A 611 -21.54 34.38 26.33
N LEU A 612 -22.08 35.51 26.76
CA LEU A 612 -22.06 35.86 28.18
C LEU A 612 -22.93 34.93 29.01
N THR A 613 -24.16 34.69 28.55
CA THR A 613 -25.11 33.89 29.32
C THR A 613 -24.55 32.50 29.62
N GLN A 614 -24.01 31.83 28.60
CA GLN A 614 -23.46 30.49 28.82
C GLN A 614 -22.13 30.55 29.56
N SER A 615 -21.32 31.59 29.34
CA SER A 615 -20.05 31.70 30.03
C SER A 615 -20.24 31.88 31.53
N LEU A 616 -21.27 32.65 31.92
CA LEU A 616 -21.56 32.81 33.35
C LEU A 616 -21.89 31.46 33.98
N ILE A 617 -22.70 30.65 33.28
CA ILE A 617 -23.09 29.34 33.80
C ILE A 617 -21.86 28.46 33.99
N MET A 618 -20.88 28.56 33.09
CA MET A 618 -19.63 27.82 33.26
C MET A 618 -18.91 28.24 34.53
N ILE A 619 -18.72 29.55 34.72
CA ILE A 619 -18.01 30.05 35.89
C ILE A 619 -18.80 29.74 37.16
N GLN A 620 -20.07 30.12 37.19
CA GLN A 620 -20.91 29.94 38.37
C GLN A 620 -22.17 29.17 37.97
N PRO A 621 -22.28 27.90 38.32
CA PRO A 621 -23.50 27.15 38.00
C PRO A 621 -24.74 27.77 38.63
N ILE A 622 -25.84 27.72 37.90
CA ILE A 622 -27.12 28.20 38.42
C ILE A 622 -27.87 27.02 39.03
N LEU A 623 -28.53 27.26 40.14
CA LEU A 623 -29.16 26.19 40.92
C LEU A 623 -30.64 26.45 41.10
N TYR A 624 -31.43 25.38 41.07
CA TYR A 624 -32.86 25.44 41.32
C TYR A 624 -33.24 24.36 42.32
N ALA A 625 -34.40 24.55 42.96
CA ALA A 625 -34.86 23.67 44.02
C ALA A 625 -36.28 23.21 43.74
N TYR A 626 -36.58 21.96 44.10
CA TYR A 626 -37.90 21.36 43.89
C TYR A 626 -38.32 20.68 45.19
N SER A 627 -39.30 21.27 45.88
CA SER A 627 -39.90 20.68 47.06
C SER A 627 -41.39 20.98 47.06
N PHE A 628 -42.12 20.29 47.94
CA PHE A 628 -43.57 20.45 48.00
C PHE A 628 -43.97 21.89 48.34
N SER A 629 -43.11 22.60 49.07
CA SER A 629 -43.44 23.93 49.57
C SER A 629 -43.06 24.99 48.54
N GLY A 630 -43.88 25.06 47.48
CA GLY A 630 -43.76 26.11 46.50
C GLY A 630 -43.18 25.67 45.18
N PRO A 631 -43.32 26.51 44.16
CA PRO A 631 -42.79 26.18 42.83
C PRO A 631 -41.28 26.21 42.81
N PRO A 632 -40.65 25.74 41.72
CA PRO A 632 -39.18 25.77 41.65
C PRO A 632 -38.66 27.19 41.66
N GLU A 633 -37.52 27.37 42.33
CA GLU A 633 -36.96 28.70 42.57
C GLU A 633 -35.45 28.68 42.41
N PRO A 634 -34.85 29.80 42.00
CA PRO A 634 -33.38 29.90 41.96
C PRO A 634 -32.84 30.14 43.36
N VAL A 635 -31.95 29.26 43.82
CA VAL A 635 -31.39 29.37 45.16
C VAL A 635 -29.88 29.62 45.06
N LEU A 636 -29.23 29.79 46.21
CA LEU A 636 -27.80 30.04 46.25
C LEU A 636 -27.03 28.74 46.07
N LEU A 637 -25.82 28.87 45.52
CA LEU A 637 -24.92 27.73 45.33
C LEU A 637 -24.13 27.50 46.61
N ASP A 638 -24.85 27.10 47.65
CA ASP A 638 -24.29 26.89 48.98
C ASP A 638 -24.78 25.57 49.55
N SER A 639 -23.96 24.98 50.42
CA SER A 639 -24.34 23.74 51.09
C SER A 639 -25.59 23.91 51.95
N SER A 640 -25.95 25.15 52.26
CA SER A 640 -27.18 25.45 53.00
C SER A 640 -28.43 25.31 52.13
N SER A 641 -28.28 24.90 50.87
CA SER A 641 -29.43 24.61 50.01
C SER A 641 -29.64 23.12 49.81
N ILE A 642 -28.64 22.30 50.11
CA ILE A 642 -28.73 20.85 49.95
C ILE A 642 -29.69 20.30 50.99
N LEU A 643 -30.98 20.48 50.77
CA LEU A 643 -31.98 19.96 51.69
C LEU A 643 -32.26 18.49 51.40
N ALA A 644 -32.78 17.80 52.41
CA ALA A 644 -33.13 16.39 52.23
C ALA A 644 -34.50 16.23 51.60
N ASP A 645 -35.47 17.09 51.98
CA ASP A 645 -36.82 17.04 51.45
C ASP A 645 -36.98 17.84 50.16
N ARG A 646 -35.89 18.00 49.40
CA ARG A 646 -35.90 18.86 48.23
C ARG A 646 -35.19 18.17 47.07
N ILE A 647 -35.56 18.54 45.86
CA ILE A 647 -34.93 18.06 44.64
C ILE A 647 -34.28 19.25 43.96
N LEU A 648 -32.99 19.15 43.71
CA LEU A 648 -32.25 20.25 43.09
C LEU A 648 -32.07 20.00 41.60
N LEU A 649 -31.89 21.09 40.86
CA LEU A 649 -31.57 21.06 39.43
C LEU A 649 -30.40 22.01 39.21
N MET A 650 -29.18 21.47 39.24
CA MET A 650 -27.99 22.27 39.00
C MET A 650 -27.63 22.21 37.52
N ASP A 651 -27.28 23.37 36.97
CA ASP A 651 -26.86 23.47 35.57
C ASP A 651 -25.47 24.09 35.52
N THR A 652 -24.46 23.23 35.50
CA THR A 652 -23.19 23.60 34.90
C THR A 652 -23.35 23.46 33.39
N PHE A 653 -22.62 24.29 32.63
CA PHE A 653 -22.77 24.26 31.18
C PHE A 653 -22.61 22.86 30.62
N PHE A 654 -21.78 22.03 31.25
CA PHE A 654 -21.47 20.71 30.75
C PHE A 654 -22.30 19.59 31.38
N GLN A 655 -23.03 19.87 32.46
CA GLN A 655 -23.79 18.85 33.15
C GLN A 655 -25.13 19.38 33.63
N ILE A 656 -26.16 18.53 33.53
CA ILE A 656 -27.48 18.80 34.07
C ILE A 656 -27.73 17.74 35.15
N LEU A 657 -27.68 18.15 36.41
CA LEU A 657 -27.76 17.23 37.54
C LEU A 657 -29.07 17.43 38.28
N ILE A 658 -29.59 16.33 38.83
CA ILE A 658 -30.83 16.33 39.60
C ILE A 658 -30.55 15.56 40.88
N TYR A 659 -30.44 16.26 42.00
CA TYR A 659 -30.08 15.67 43.29
C TYR A 659 -31.34 15.42 44.10
N HIS A 660 -31.43 14.22 44.68
CA HIS A 660 -32.56 13.82 45.50
C HIS A 660 -32.06 13.68 46.94
N GLY A 661 -32.41 14.65 47.78
CA GLY A 661 -31.98 14.67 49.17
C GLY A 661 -32.34 13.42 49.94
N GLU A 662 -31.74 13.26 51.13
CA GLU A 662 -31.87 12.01 51.86
C GLU A 662 -33.32 11.68 52.17
N THR A 663 -34.18 12.70 52.25
CA THR A 663 -35.59 12.46 52.53
C THR A 663 -36.34 11.97 51.29
N ILE A 664 -36.25 12.73 50.19
CA ILE A 664 -36.96 12.34 48.98
C ILE A 664 -36.35 11.07 48.38
N ALA A 665 -35.05 10.84 48.58
CA ALA A 665 -34.43 9.63 48.09
C ALA A 665 -35.00 8.38 48.76
N GLN A 666 -35.40 8.49 50.04
CA GLN A 666 -36.02 7.37 50.74
C GLN A 666 -37.45 7.14 50.26
N TRP A 667 -38.24 8.22 50.14
CA TRP A 667 -39.57 8.10 49.58
C TRP A 667 -39.54 7.49 48.18
N ARG A 668 -38.49 7.76 47.42
CA ARG A 668 -38.35 7.19 46.08
C ARG A 668 -37.88 5.74 46.13
N LYS A 669 -36.95 5.42 47.02
CA LYS A 669 -36.54 4.03 47.20
C LYS A 669 -37.67 3.18 47.75
N SER A 670 -38.60 3.80 48.47
CA SER A 670 -39.72 3.05 49.04
C SER A 670 -40.70 2.62 47.94
N GLY A 671 -41.13 3.56 47.12
CA GLY A 671 -42.07 3.25 46.06
C GLY A 671 -43.32 4.12 46.11
N TYR A 672 -43.22 5.26 46.78
CA TYR A 672 -44.38 6.14 46.93
C TYR A 672 -44.83 6.72 45.59
N GLN A 673 -43.90 6.85 44.63
CA GLN A 673 -44.25 7.49 43.36
C GLN A 673 -45.32 6.70 42.61
N ASP A 674 -45.19 5.38 42.57
CA ASP A 674 -46.12 4.56 41.79
C ASP A 674 -47.52 4.53 42.39
N MET A 675 -47.65 4.79 43.69
CA MET A 675 -48.95 4.73 44.33
C MET A 675 -49.85 5.84 43.80
N PRO A 676 -51.12 5.56 43.49
CA PRO A 676 -52.02 6.62 43.03
C PRO A 676 -52.32 7.65 44.11
N GLU A 677 -52.11 7.30 45.38
CA GLU A 677 -52.24 8.28 46.45
C GLU A 677 -51.18 9.36 46.36
N TYR A 678 -50.07 9.10 45.68
CA TYR A 678 -48.99 10.07 45.56
C TYR A 678 -48.71 10.43 44.11
N GLU A 679 -49.71 11.00 43.44
CA GLU A 679 -49.47 11.63 42.14
C GLU A 679 -48.76 12.96 42.30
N ASN A 680 -48.87 13.59 43.47
CA ASN A 680 -48.09 14.80 43.76
C ASN A 680 -46.61 14.45 43.92
N PHE A 681 -46.30 13.26 44.43
CA PHE A 681 -44.92 12.80 44.49
C PHE A 681 -44.41 12.35 43.13
N ARG A 682 -45.24 12.41 42.08
CA ARG A 682 -44.78 12.25 40.71
C ARG A 682 -44.53 13.58 40.01
N HIS A 683 -45.32 14.61 40.33
CA HIS A 683 -44.99 15.97 39.87
C HIS A 683 -43.63 16.41 40.37
N LEU A 684 -43.25 15.96 41.57
CA LEU A 684 -42.00 16.40 42.19
C LEU A 684 -40.79 15.74 41.54
N LEU A 685 -40.79 14.41 41.45
CA LEU A 685 -39.63 13.68 40.95
C LEU A 685 -39.42 13.82 39.45
N GLN A 686 -40.37 14.41 38.72
CA GLN A 686 -40.24 14.59 37.29
C GLN A 686 -40.28 16.05 36.85
N ALA A 687 -40.52 16.99 37.77
CA ALA A 687 -40.42 18.40 37.41
C ALA A 687 -39.00 18.80 37.02
N PRO A 688 -37.94 18.43 37.76
CA PRO A 688 -36.59 18.75 37.27
C PRO A 688 -36.24 18.03 35.97
N VAL A 689 -36.76 16.80 35.77
CA VAL A 689 -36.55 16.11 34.51
C VAL A 689 -37.35 16.76 33.39
N ASP A 690 -38.40 17.51 33.72
CA ASP A 690 -39.18 18.22 32.71
C ASP A 690 -38.45 19.46 32.23
N ASP A 691 -37.94 20.27 33.16
CA ASP A 691 -37.25 21.50 32.78
C ASP A 691 -35.88 21.24 32.16
N ALA A 692 -35.29 20.06 32.40
CA ALA A 692 -33.97 19.77 31.86
C ALA A 692 -34.03 19.56 30.35
N GLN A 693 -34.97 18.73 29.89
CA GLN A 693 -35.04 18.37 28.47
C GLN A 693 -35.10 19.59 27.57
N GLU A 694 -35.71 20.68 28.04
CA GLU A 694 -35.82 21.88 27.22
C GLU A 694 -34.44 22.48 26.93
N ILE A 695 -33.63 22.67 27.98
CA ILE A 695 -32.27 23.15 27.78
C ILE A 695 -31.35 22.03 27.32
N LEU A 696 -31.70 20.77 27.60
CA LEU A 696 -30.91 19.62 27.19
C LEU A 696 -30.97 19.36 25.68
N HIS A 697 -31.68 20.20 24.93
CA HIS A 697 -31.77 20.07 23.48
C HIS A 697 -31.33 21.32 22.74
N SER A 698 -30.99 22.40 23.45
CA SER A 698 -30.57 23.65 22.82
C SER A 698 -29.06 23.78 22.77
N ARG A 699 -28.39 23.59 23.91
CA ARG A 699 -26.94 23.65 24.01
C ARG A 699 -26.29 22.74 22.96
N PHE A 700 -25.28 23.27 22.26
CA PHE A 700 -24.67 22.52 21.17
C PHE A 700 -24.00 21.26 21.72
N PRO A 701 -22.98 21.36 22.58
CA PRO A 701 -22.45 20.13 23.16
C PRO A 701 -23.43 19.64 24.21
N MET A 702 -24.25 18.63 23.85
CA MET A 702 -25.33 18.19 24.72
C MET A 702 -24.78 17.87 26.09
N PRO A 703 -25.15 18.65 27.11
CA PRO A 703 -24.56 18.47 28.43
C PRO A 703 -24.92 17.09 28.99
N ARG A 704 -24.00 16.56 29.78
CA ARG A 704 -24.24 15.26 30.39
C ARG A 704 -25.40 15.35 31.36
N TYR A 705 -26.24 14.32 31.38
CA TYR A 705 -27.39 14.26 32.27
C TYR A 705 -27.10 13.28 33.40
N ILE A 706 -27.25 13.75 34.64
CA ILE A 706 -26.89 12.98 35.83
C ILE A 706 -28.11 12.89 36.73
N ASP A 707 -28.31 11.71 37.32
CA ASP A 707 -29.39 11.50 38.29
C ASP A 707 -28.82 10.68 39.44
N THR A 708 -28.66 11.31 40.60
CA THR A 708 -28.13 10.67 41.79
C THR A 708 -28.87 11.23 43.00
N GLU A 709 -28.50 10.75 44.19
CA GLU A 709 -29.17 11.16 45.42
C GLU A 709 -28.15 11.18 46.55
N HIS A 710 -28.64 11.38 47.77
CA HIS A 710 -27.78 11.34 48.94
C HIS A 710 -27.23 9.93 49.13
N GLY A 711 -25.90 9.82 49.22
CA GLY A 711 -25.24 8.55 49.26
C GLY A 711 -24.76 8.04 47.91
N GLY A 712 -25.31 8.55 46.82
CA GLY A 712 -24.84 8.16 45.51
C GLY A 712 -23.46 8.70 45.20
N SER A 713 -22.70 7.93 44.44
CA SER A 713 -21.33 8.31 44.10
C SER A 713 -21.25 9.42 43.07
N GLN A 714 -22.38 9.82 42.49
CA GLN A 714 -22.42 10.90 41.51
C GLN A 714 -22.83 12.24 42.11
N ALA A 715 -23.08 12.30 43.42
CA ALA A 715 -23.37 13.55 44.09
C ALA A 715 -22.13 14.39 44.34
N ARG A 716 -20.94 13.86 44.06
CA ARG A 716 -19.71 14.63 44.24
C ARG A 716 -19.68 15.86 43.35
N PHE A 717 -20.25 15.77 42.14
CA PHE A 717 -20.28 16.92 41.25
C PHE A 717 -21.10 18.06 41.83
N LEU A 718 -22.08 17.75 42.68
CA LEU A 718 -22.85 18.79 43.33
C LEU A 718 -22.10 19.37 44.52
N LEU A 719 -21.47 18.51 45.33
CA LEU A 719 -20.78 18.97 46.53
C LEU A 719 -19.48 19.71 46.21
N SER A 720 -18.91 19.50 45.02
CA SER A 720 -17.67 20.17 44.64
C SER A 720 -17.90 21.52 43.99
N LYS A 721 -19.03 21.71 43.32
CA LYS A 721 -19.39 23.02 42.76
C LYS A 721 -20.07 23.92 43.78
N VAL A 722 -20.39 23.40 44.97
CA VAL A 722 -21.19 24.10 45.95
C VAL A 722 -20.28 24.97 46.82
N ASN A 723 -20.85 25.56 47.88
CA ASN A 723 -20.15 26.42 48.84
C ASN A 723 -19.83 27.80 48.26
N ASP A 746 -9.86 31.22 48.93
CA ASP A 746 -9.36 30.46 50.07
C ASP A 746 -10.27 29.29 50.43
N VAL A 747 -11.23 29.55 51.32
CA VAL A 747 -12.09 28.52 51.89
C VAL A 747 -13.47 28.59 51.25
N SER A 748 -14.37 29.36 51.87
CA SER A 748 -15.74 29.55 51.39
C SER A 748 -15.95 31.01 51.03
N LEU A 749 -17.13 31.31 50.48
CA LEU A 749 -17.41 32.66 50.00
C LEU A 749 -17.40 33.67 51.15
N GLN A 750 -17.98 33.31 52.29
CA GLN A 750 -17.96 34.21 53.44
C GLN A 750 -16.54 34.51 53.88
N VAL A 751 -15.70 33.48 53.96
CA VAL A 751 -14.30 33.69 54.33
C VAL A 751 -13.56 34.45 53.23
N PHE A 752 -13.94 34.22 51.97
CA PHE A 752 -13.33 34.94 50.86
C PHE A 752 -13.62 36.44 50.95
N MET A 753 -14.86 36.80 51.25
CA MET A 753 -15.23 38.21 51.32
C MET A 753 -14.57 38.91 52.51
N ASP A 754 -14.44 38.21 53.64
CA ASP A 754 -13.79 38.81 54.80
C ASP A 754 -12.35 39.19 54.50
N HIS A 755 -11.59 38.28 53.86
CA HIS A 755 -10.22 38.59 53.50
C HIS A 755 -10.16 39.70 52.46
N LEU A 756 -11.11 39.72 51.52
CA LEU A 756 -11.13 40.76 50.50
C LEU A 756 -11.36 42.13 51.12
N LYS A 757 -12.31 42.22 52.06
CA LYS A 757 -12.56 43.50 52.72
C LYS A 757 -11.37 43.94 53.57
N LYS A 758 -10.63 42.98 54.13
CA LYS A 758 -9.45 43.32 54.92
C LYS A 758 -8.35 43.91 54.04
N LEU A 759 -8.15 43.35 52.85
CA LEU A 759 -7.13 43.85 51.94
C LEU A 759 -7.56 45.12 51.23
N ALA A 760 -8.87 45.28 50.98
CA ALA A 760 -9.34 46.44 50.22
C ALA A 760 -9.27 47.72 51.03
N VAL A 761 -9.37 47.64 52.36
CA VAL A 761 -9.38 48.86 53.18
C VAL A 761 -8.01 49.26 53.68
N SER A 762 -6.98 48.45 53.43
CA SER A 762 -5.62 48.82 53.81
C SER A 762 -4.85 49.37 52.61
N SER A 763 -3.54 49.12 52.57
CA SER A 763 -2.67 49.78 51.60
C SER A 763 -3.02 49.38 50.17
N ALA A 764 -2.75 50.30 49.25
CA ALA A 764 -3.00 50.08 47.83
C ALA A 764 -1.75 49.57 47.12
N GLU B 1 28.46 -46.81 -40.04
CA GLU B 1 29.14 -45.84 -39.18
C GLU B 1 30.30 -45.20 -39.92
N GLY B 2 31.51 -45.68 -39.65
CA GLY B 2 32.67 -45.26 -40.40
C GLY B 2 33.52 -44.19 -39.70
N LEU B 3 34.82 -44.46 -39.62
CA LEU B 3 35.80 -43.47 -39.18
C LEU B 3 36.52 -42.88 -40.38
N ARG B 4 35.75 -42.41 -41.35
CA ARG B 4 36.28 -41.93 -42.62
C ARG B 4 36.65 -40.45 -42.54
N VAL B 5 37.31 -39.98 -43.60
CA VAL B 5 37.76 -38.60 -43.71
C VAL B 5 37.03 -37.94 -44.88
N VAL B 6 36.60 -36.70 -44.69
CA VAL B 6 35.72 -36.00 -45.63
C VAL B 6 36.43 -34.75 -46.10
N ASN B 7 36.44 -34.53 -47.41
CA ASN B 7 36.89 -33.28 -48.02
C ASN B 7 35.65 -32.42 -48.27
N LEU B 8 35.44 -31.43 -47.41
CA LEU B 8 34.23 -30.61 -47.51
C LEU B 8 34.16 -29.83 -48.81
N LEU B 9 35.29 -29.62 -49.48
CA LEU B 9 35.29 -28.89 -50.73
C LEU B 9 34.76 -29.70 -51.91
N GLN B 10 34.71 -31.03 -51.78
CA GLN B 10 34.16 -31.89 -52.82
C GLN B 10 32.75 -32.36 -52.53
N GLU B 11 32.40 -32.57 -51.26
CA GLU B 11 31.06 -33.01 -50.90
C GLU B 11 30.05 -31.91 -51.20
N ARG B 12 29.98 -30.92 -50.30
CA ARG B 12 29.06 -29.79 -50.42
C ARG B 12 27.60 -30.23 -50.39
N ASN B 13 27.38 -31.53 -50.16
CA ASN B 13 26.07 -32.16 -49.98
C ASN B 13 26.10 -33.10 -48.79
N MET B 14 26.89 -32.75 -47.78
CA MET B 14 27.17 -33.63 -46.66
C MET B 14 26.06 -33.68 -45.62
N LEU B 15 25.00 -32.88 -45.77
CA LEU B 15 23.90 -32.93 -44.82
C LEU B 15 22.99 -34.12 -45.15
N PRO B 16 22.76 -35.04 -44.21
CA PRO B 16 21.89 -36.18 -44.50
C PRO B 16 20.45 -35.76 -44.73
N SER B 17 19.69 -36.67 -45.34
CA SER B 17 18.28 -36.44 -45.62
C SER B 17 17.37 -36.86 -44.46
N THR B 18 17.92 -37.44 -43.41
CA THR B 18 17.18 -37.86 -42.23
C THR B 18 17.64 -37.05 -41.02
N PRO B 19 16.79 -36.90 -40.00
CA PRO B 19 17.18 -36.08 -38.83
C PRO B 19 18.44 -36.63 -38.16
N LEU B 20 19.28 -35.72 -37.70
CA LEU B 20 20.51 -36.09 -37.02
C LEU B 20 20.22 -36.76 -35.69
N LYS B 21 20.86 -37.89 -35.44
CA LYS B 21 20.75 -38.52 -34.14
C LYS B 21 22.01 -38.28 -33.33
N PRO B 22 21.88 -38.13 -32.01
CA PRO B 22 23.06 -37.90 -31.17
C PRO B 22 23.99 -39.10 -31.20
N PRO B 23 25.30 -38.87 -31.15
CA PRO B 23 26.24 -39.99 -31.28
C PRO B 23 26.14 -40.95 -30.10
N VAL B 24 26.32 -42.23 -30.38
CA VAL B 24 26.32 -43.25 -29.34
C VAL B 24 27.74 -43.37 -28.79
N PRO B 25 27.94 -43.26 -27.48
CA PRO B 25 29.29 -43.39 -26.93
C PRO B 25 29.86 -44.78 -27.17
N ASN B 26 31.17 -44.84 -27.42
CA ASN B 26 31.86 -46.10 -27.67
C ASN B 26 31.92 -46.88 -26.36
N LEU B 27 30.78 -47.45 -25.98
CA LEU B 27 30.64 -48.16 -24.71
C LEU B 27 30.20 -49.59 -24.97
N HIS B 28 30.40 -50.43 -23.94
CA HIS B 28 29.94 -51.81 -24.02
C HIS B 28 28.42 -51.84 -24.14
N GLU B 29 27.93 -52.91 -24.77
CA GLU B 29 26.51 -53.01 -25.08
C GLU B 29 25.65 -52.96 -23.81
N ASP B 30 26.09 -53.64 -22.75
CA ASP B 30 25.30 -53.67 -21.52
C ASP B 30 25.37 -52.35 -20.77
N ILE B 31 26.47 -51.61 -20.91
CA ILE B 31 26.60 -50.33 -20.23
C ILE B 31 25.78 -49.25 -20.95
N GLN B 32 25.87 -49.22 -22.28
CA GLN B 32 25.22 -48.16 -23.04
C GLN B 32 23.69 -48.26 -22.96
N LYS B 33 23.16 -49.48 -22.87
CA LYS B 33 21.71 -49.65 -22.85
C LYS B 33 21.08 -48.96 -21.64
N LEU B 34 21.84 -48.80 -20.55
CA LEU B 34 21.36 -48.15 -19.36
C LEU B 34 21.60 -46.64 -19.36
N ASN B 35 22.34 -46.13 -20.34
CA ASN B 35 22.78 -44.74 -20.32
C ASN B 35 21.57 -43.80 -20.40
N CYS B 36 21.80 -42.58 -19.91
CA CYS B 36 20.74 -41.58 -19.85
C CYS B 36 20.29 -41.18 -21.26
N ASN B 37 19.03 -40.77 -21.35
CA ASN B 37 18.48 -40.32 -22.63
C ASN B 37 19.25 -39.10 -23.12
N PRO B 38 19.73 -39.10 -24.37
CA PRO B 38 20.51 -37.94 -24.86
C PRO B 38 19.74 -36.64 -24.87
N GLU B 39 18.40 -36.69 -24.90
CA GLU B 39 17.63 -35.46 -24.83
C GLU B 39 17.79 -34.77 -23.49
N LEU B 40 18.05 -35.53 -22.43
CA LEU B 40 18.14 -34.99 -21.07
C LEU B 40 19.56 -34.59 -20.69
N PHE B 41 20.55 -35.41 -21.05
CA PHE B 41 21.92 -35.22 -20.59
C PHE B 41 22.86 -35.65 -21.71
N ARG B 42 23.67 -34.73 -22.22
CA ARG B 42 24.60 -35.08 -23.28
C ARG B 42 25.88 -34.26 -23.14
N CYS B 43 26.94 -34.77 -23.76
CA CYS B 43 28.27 -34.18 -23.67
C CYS B 43 28.79 -33.85 -25.07
N THR B 44 29.68 -32.87 -25.14
CA THR B 44 30.26 -32.47 -26.41
C THR B 44 31.26 -33.51 -26.92
N LEU B 45 31.91 -34.24 -26.02
CA LEU B 45 32.87 -35.28 -26.37
C LEU B 45 32.43 -36.57 -25.68
N THR B 46 31.80 -37.47 -26.44
CA THR B 46 31.35 -38.74 -25.88
C THR B 46 32.51 -39.64 -25.48
N SER B 47 33.73 -39.33 -25.92
CA SER B 47 34.95 -40.01 -25.48
C SER B 47 35.81 -38.97 -24.77
N ILE B 48 35.93 -39.11 -23.46
CA ILE B 48 36.56 -38.05 -22.65
C ILE B 48 38.08 -38.12 -22.83
N PRO B 49 38.74 -37.00 -23.10
CA PRO B 49 40.20 -37.01 -23.16
C PRO B 49 40.80 -37.35 -21.80
N GLN B 50 41.87 -38.15 -21.81
CA GLN B 50 42.45 -38.62 -20.57
C GLN B 50 43.17 -37.50 -19.82
N THR B 51 43.78 -36.56 -20.54
CA THR B 51 44.53 -35.48 -19.91
C THR B 51 44.07 -34.14 -20.44
N GLN B 52 44.38 -33.09 -19.67
CA GLN B 52 44.08 -31.73 -20.12
C GLN B 52 44.90 -31.36 -21.34
N ALA B 53 46.13 -31.87 -21.45
CA ALA B 53 46.94 -31.63 -22.64
C ALA B 53 46.26 -32.18 -23.88
N LEU B 54 45.69 -33.38 -23.78
CA LEU B 54 44.96 -33.95 -24.91
C LEU B 54 43.77 -33.07 -25.28
N LEU B 55 43.00 -32.63 -24.27
CA LEU B 55 41.86 -31.77 -24.53
C LEU B 55 42.29 -30.45 -25.16
N ASN B 56 43.41 -29.89 -24.70
CA ASN B 56 43.89 -28.64 -25.28
C ASN B 56 44.35 -28.83 -26.71
N LYS B 57 44.89 -30.00 -27.05
CA LYS B 57 45.33 -30.24 -28.42
C LYS B 57 44.15 -30.30 -29.38
N ALA B 58 43.03 -30.89 -28.94
CA ALA B 58 41.88 -31.06 -29.81
C ALA B 58 41.22 -29.74 -30.17
N LYS B 59 41.45 -28.69 -29.38
CA LYS B 59 40.86 -27.36 -29.60
C LYS B 59 39.34 -27.38 -29.58
N LEU B 60 38.75 -28.41 -28.96
CA LEU B 60 37.31 -28.50 -28.79
C LEU B 60 36.93 -28.33 -27.33
N PRO B 61 35.85 -27.62 -27.03
CA PRO B 61 35.46 -27.41 -25.64
C PRO B 61 34.83 -28.66 -25.05
N LEU B 62 35.20 -28.96 -23.80
CA LEU B 62 34.60 -30.06 -23.05
C LEU B 62 33.48 -29.50 -22.18
N GLY B 63 32.28 -30.06 -22.33
CA GLY B 63 31.16 -29.55 -21.58
C GLY B 63 29.94 -30.44 -21.69
N LEU B 64 28.94 -30.10 -20.87
CA LEU B 64 27.68 -30.82 -20.81
C LEU B 64 26.53 -29.88 -21.17
N LEU B 65 25.50 -30.44 -21.79
CA LEU B 65 24.25 -29.73 -22.05
C LEU B 65 23.11 -30.58 -21.51
N LEU B 66 22.29 -30.00 -20.64
CA LEU B 66 21.28 -30.77 -19.94
C LEU B 66 19.93 -30.07 -19.97
N HIS B 67 18.87 -30.89 -20.02
CA HIS B 67 17.48 -30.45 -20.00
C HIS B 67 16.80 -31.21 -18.86
N PRO B 68 17.16 -30.91 -17.61
CA PRO B 68 16.90 -31.86 -16.52
C PRO B 68 15.45 -31.97 -16.11
N PHE B 69 14.62 -30.96 -16.35
CA PHE B 69 13.23 -31.00 -15.91
C PHE B 69 12.26 -31.22 -17.06
N LYS B 70 12.74 -31.79 -18.17
CA LYS B 70 11.89 -32.03 -19.32
C LYS B 70 10.73 -32.96 -18.98
N ASP B 71 9.59 -32.71 -19.62
CA ASP B 71 8.46 -33.62 -19.51
C ASP B 71 8.84 -35.01 -20.02
N LEU B 72 8.51 -36.03 -19.24
CA LEU B 72 8.85 -37.40 -19.57
C LEU B 72 7.59 -38.22 -19.84
N VAL B 73 7.76 -39.27 -20.65
CA VAL B 73 6.66 -40.20 -20.91
C VAL B 73 6.51 -41.20 -19.77
N GLN B 74 7.62 -41.62 -19.18
CA GLN B 74 7.60 -42.57 -18.07
C GLN B 74 8.72 -42.21 -17.11
N LEU B 75 8.37 -42.02 -15.84
CA LEU B 75 9.34 -41.64 -14.83
C LEU B 75 9.24 -42.58 -13.64
N PRO B 76 10.25 -43.43 -13.41
CA PRO B 76 10.24 -44.26 -12.19
C PRO B 76 10.44 -43.40 -10.96
N VAL B 77 9.67 -43.71 -9.91
CA VAL B 77 9.73 -42.97 -8.66
C VAL B 77 10.06 -43.96 -7.55
N VAL B 78 11.13 -43.69 -6.81
CA VAL B 78 11.54 -44.50 -5.67
C VAL B 78 11.10 -43.77 -4.41
N THR B 79 10.27 -44.43 -3.60
CA THR B 79 9.83 -43.92 -2.32
C THR B 79 10.54 -44.59 -1.15
N SER B 80 11.82 -44.92 -1.33
CA SER B 80 12.55 -45.65 -0.29
C SER B 80 12.66 -44.82 0.97
N SER B 81 12.51 -45.48 2.12
CA SER B 81 12.65 -44.81 3.41
C SER B 81 14.06 -44.26 3.61
N THR B 82 15.04 -44.79 2.87
CA THR B 82 16.40 -44.28 2.90
C THR B 82 16.93 -44.20 1.47
N ILE B 83 17.63 -43.12 1.16
CA ILE B 83 18.21 -42.91 -0.17
C ILE B 83 19.68 -43.28 -0.08
N VAL B 84 20.08 -44.33 -0.79
CA VAL B 84 21.45 -44.84 -0.74
C VAL B 84 22.36 -43.86 -1.48
N ARG B 85 23.23 -43.19 -0.73
CA ARG B 85 24.20 -42.26 -1.31
C ARG B 85 25.59 -42.64 -0.81
N CYS B 86 26.61 -42.25 -1.59
CA CYS B 86 27.98 -42.48 -1.18
C CYS B 86 28.29 -41.68 0.08
N ARG B 87 29.03 -42.29 1.01
CA ARG B 87 29.33 -41.65 2.28
C ARG B 87 30.36 -40.52 2.16
N SER B 88 31.01 -40.38 1.00
CA SER B 88 32.07 -39.37 0.82
C SER B 88 31.61 -38.20 -0.04
N CYS B 89 31.24 -38.43 -1.30
CA CYS B 89 30.84 -37.36 -2.20
C CYS B 89 29.33 -37.22 -2.32
N ARG B 90 28.56 -37.99 -1.56
CA ARG B 90 27.10 -37.94 -1.54
C ARG B 90 26.48 -38.25 -2.89
N THR B 91 27.20 -38.97 -3.75
CA THR B 91 26.66 -39.36 -5.04
C THR B 91 25.56 -40.39 -4.85
N TYR B 92 24.42 -40.17 -5.50
CA TYR B 92 23.33 -41.12 -5.44
C TYR B 92 23.71 -42.40 -6.17
N ILE B 93 23.31 -43.54 -5.60
CA ILE B 93 23.59 -44.82 -6.24
C ILE B 93 22.89 -44.85 -7.60
N ASN B 94 23.55 -45.45 -8.58
CA ASN B 94 23.16 -45.27 -9.97
C ASN B 94 23.53 -46.54 -10.74
N PRO B 95 23.02 -46.69 -11.97
CA PRO B 95 23.30 -47.91 -12.74
C PRO B 95 24.78 -48.19 -12.97
N PHE B 96 25.65 -47.21 -12.84
CA PHE B 96 27.05 -47.38 -13.21
C PHE B 96 27.96 -47.53 -11.99
N VAL B 97 27.41 -47.93 -10.85
CA VAL B 97 28.23 -48.26 -9.69
C VAL B 97 28.69 -49.70 -9.85
N SER B 98 29.57 -50.15 -8.96
CA SER B 98 30.17 -51.47 -9.06
C SER B 98 29.95 -52.22 -7.76
N PHE B 99 29.15 -53.29 -7.81
CA PHE B 99 28.94 -54.18 -6.67
C PHE B 99 30.02 -55.27 -6.69
N LEU B 100 30.87 -55.28 -5.67
CA LEU B 100 31.89 -56.31 -5.55
C LEU B 100 31.50 -57.32 -4.48
N ASP B 101 31.51 -56.90 -3.22
CA ASP B 101 31.14 -57.77 -2.10
C ASP B 101 29.64 -58.04 -2.03
N GLN B 102 28.87 -57.54 -3.00
CA GLN B 102 27.42 -57.72 -3.09
C GLN B 102 26.69 -57.03 -1.94
N ARG B 103 27.34 -56.90 -0.80
CA ARG B 103 26.88 -56.03 0.28
C ARG B 103 27.71 -54.76 0.38
N ARG B 104 28.54 -54.50 -0.63
CA ARG B 104 29.35 -53.30 -0.72
C ARG B 104 29.41 -52.86 -2.18
N TRP B 105 29.23 -51.57 -2.42
CA TRP B 105 29.30 -51.00 -3.76
C TRP B 105 30.34 -49.90 -3.81
N LYS B 106 31.03 -49.81 -4.95
CA LYS B 106 32.06 -48.79 -5.17
C LYS B 106 31.45 -47.60 -5.90
N CYS B 107 31.62 -46.41 -5.33
CA CYS B 107 31.14 -45.21 -5.98
C CYS B 107 31.89 -44.99 -7.29
N ASN B 108 31.15 -44.65 -8.34
CA ASN B 108 31.73 -44.44 -9.66
C ASN B 108 32.22 -43.01 -9.87
N LEU B 109 32.20 -42.18 -8.83
CA LEU B 109 32.67 -40.81 -8.94
C LEU B 109 33.86 -40.51 -8.04
N CYS B 110 33.92 -41.10 -6.85
CA CYS B 110 35.05 -40.91 -5.94
C CYS B 110 35.74 -42.20 -5.55
N TYR B 111 35.26 -43.35 -6.05
CA TYR B 111 35.91 -44.65 -5.94
C TYR B 111 35.87 -45.24 -4.53
N ARG B 112 35.15 -44.63 -3.59
CA ARG B 112 35.06 -45.17 -2.25
C ARG B 112 34.08 -46.35 -2.21
N VAL B 113 34.42 -47.36 -1.42
CA VAL B 113 33.53 -48.49 -1.19
C VAL B 113 32.53 -48.13 -0.11
N ASN B 114 31.25 -48.36 -0.38
CA ASN B 114 30.18 -48.05 0.55
C ASN B 114 29.42 -49.32 0.92
N ASP B 115 28.75 -49.27 2.07
CA ASP B 115 27.97 -50.41 2.58
C ASP B 115 26.55 -50.33 2.05
N VAL B 116 26.08 -51.44 1.48
CA VAL B 116 24.69 -51.54 1.02
C VAL B 116 23.80 -51.73 2.24
N PRO B 117 22.84 -50.85 2.48
CA PRO B 117 22.03 -50.97 3.70
C PRO B 117 21.01 -52.10 3.60
N GLU B 118 20.69 -52.67 4.76
CA GLU B 118 19.67 -53.71 4.87
C GLU B 118 18.29 -53.13 4.52
N GLU B 119 18.13 -52.69 3.28
CA GLU B 119 16.93 -51.99 2.83
C GLU B 119 16.84 -51.98 1.31
N GLU B 131 19.22 -59.73 -4.49
CA GLU B 131 19.75 -59.02 -5.65
C GLU B 131 19.62 -57.51 -5.51
N PRO B 132 20.64 -56.87 -4.94
CA PRO B 132 20.61 -55.40 -4.82
C PRO B 132 20.77 -54.69 -6.16
N HIS B 133 21.40 -55.31 -7.15
CA HIS B 133 21.57 -54.71 -8.47
C HIS B 133 20.30 -54.75 -9.30
N ARG B 134 19.23 -55.37 -8.80
CA ARG B 134 17.91 -55.33 -9.44
C ARG B 134 17.06 -54.18 -8.93
N ARG B 135 17.56 -53.41 -7.98
CA ARG B 135 16.83 -52.28 -7.42
C ARG B 135 16.56 -51.24 -8.51
N PRO B 136 15.42 -50.55 -8.45
CA PRO B 136 15.16 -49.50 -9.44
C PRO B 136 16.20 -48.39 -9.46
N GLU B 137 16.88 -48.14 -8.34
CA GLU B 137 17.95 -47.15 -8.33
C GLU B 137 19.13 -47.56 -9.21
N VAL B 138 19.30 -48.86 -9.47
CA VAL B 138 20.41 -49.36 -10.28
C VAL B 138 19.98 -49.68 -11.70
N GLN B 139 18.68 -49.76 -11.99
CA GLN B 139 18.20 -50.14 -13.31
C GLN B 139 17.75 -48.96 -14.15
N ASN B 140 17.87 -47.72 -13.67
CA ASN B 140 17.37 -46.56 -14.38
C ASN B 140 18.32 -45.39 -14.20
N ALA B 141 18.80 -44.82 -15.31
CA ALA B 141 19.66 -43.65 -15.23
C ALA B 141 18.87 -42.40 -14.86
N THR B 142 17.59 -42.37 -15.21
CA THR B 142 16.70 -41.28 -14.83
C THR B 142 15.70 -41.79 -13.81
N ILE B 143 15.60 -41.11 -12.68
CA ILE B 143 14.78 -41.57 -11.56
C ILE B 143 14.50 -40.38 -10.66
N GLU B 144 13.38 -40.46 -9.93
CA GLU B 144 12.99 -39.41 -9.00
C GLU B 144 12.75 -40.01 -7.62
N PHE B 145 13.36 -39.41 -6.60
CA PHE B 145 13.26 -39.87 -5.23
C PHE B 145 12.27 -39.04 -4.44
N MET B 146 11.90 -39.54 -3.27
CA MET B 146 11.11 -38.79 -2.29
C MET B 146 12.07 -38.26 -1.23
N ALA B 147 12.19 -36.95 -1.17
CA ALA B 147 13.17 -36.34 -0.27
C ALA B 147 12.69 -36.44 1.17
N PRO B 148 13.49 -36.98 2.09
CA PRO B 148 13.09 -37.01 3.50
C PRO B 148 13.14 -35.63 4.14
N SER B 149 12.79 -35.54 5.43
CA SER B 149 12.65 -34.25 6.09
C SER B 149 13.95 -33.45 6.15
N GLU B 150 15.10 -34.12 6.05
CA GLU B 150 16.38 -33.42 6.11
C GLU B 150 16.72 -32.68 4.82
N TYR B 151 15.94 -32.85 3.76
CA TYR B 151 16.21 -32.24 2.46
C TYR B 151 15.38 -30.99 2.21
N MET B 152 14.77 -30.43 3.25
CA MET B 152 14.00 -29.20 3.12
C MET B 152 14.33 -28.27 4.29
N LEU B 153 14.55 -27.00 3.96
CA LEU B 153 14.84 -26.00 4.98
C LEU B 153 13.59 -25.52 5.70
N ARG B 154 12.43 -25.71 5.09
CA ARG B 154 11.16 -25.23 5.62
C ARG B 154 10.07 -26.17 5.13
N PRO B 155 8.87 -26.07 5.69
CA PRO B 155 7.75 -26.83 5.14
C PRO B 155 7.56 -26.53 3.67
N PRO B 156 7.05 -27.49 2.90
CA PRO B 156 6.91 -27.28 1.45
C PRO B 156 6.05 -26.06 1.15
N GLN B 157 6.62 -25.12 0.40
CA GLN B 157 5.93 -23.88 0.11
C GLN B 157 4.74 -24.14 -0.81
N PRO B 158 3.66 -23.39 -0.64
CA PRO B 158 2.53 -23.49 -1.56
C PRO B 158 2.86 -22.87 -2.89
N PRO B 159 2.13 -23.19 -3.95
CA PRO B 159 2.30 -22.50 -5.23
C PRO B 159 1.72 -21.10 -5.16
N VAL B 160 2.54 -20.09 -5.44
CA VAL B 160 2.13 -18.70 -5.40
C VAL B 160 2.40 -18.08 -6.76
N TYR B 161 1.38 -17.44 -7.33
CA TYR B 161 1.48 -16.83 -8.65
C TYR B 161 1.09 -15.37 -8.54
N LEU B 162 2.08 -14.49 -8.72
CA LEU B 162 1.86 -13.05 -8.70
C LEU B 162 2.10 -12.49 -10.10
N PHE B 163 1.08 -11.83 -10.65
CA PHE B 163 1.16 -11.23 -11.97
C PHE B 163 1.29 -9.72 -11.83
N VAL B 164 2.26 -9.14 -12.52
CA VAL B 164 2.58 -7.71 -12.43
C VAL B 164 2.41 -7.12 -13.83
N PHE B 165 1.41 -6.25 -13.99
CA PHE B 165 1.03 -5.71 -15.29
C PHE B 165 1.41 -4.24 -15.39
N ASP B 166 2.06 -3.87 -16.50
CA ASP B 166 2.23 -2.48 -16.86
C ASP B 166 0.93 -1.96 -17.48
N VAL B 167 0.44 -0.83 -16.99
CA VAL B 167 -0.79 -0.26 -17.51
C VAL B 167 -0.58 1.21 -17.85
N SER B 168 0.58 1.53 -18.41
CA SER B 168 0.82 2.87 -18.92
C SER B 168 -0.01 3.10 -20.19
N HIS B 169 0.05 4.33 -20.70
CA HIS B 169 -0.70 4.64 -21.92
C HIS B 169 -0.26 3.77 -23.08
N ASN B 170 1.04 3.50 -23.19
CA ASN B 170 1.52 2.66 -24.28
C ASN B 170 1.09 1.21 -24.09
N ALA B 171 1.09 0.72 -22.85
CA ALA B 171 0.66 -0.65 -22.59
C ALA B 171 -0.83 -0.82 -22.91
N VAL B 172 -1.64 0.20 -22.65
CA VAL B 172 -3.06 0.13 -22.95
C VAL B 172 -3.29 0.08 -24.46
N GLU B 173 -2.47 0.80 -25.23
CA GLU B 173 -2.60 0.81 -26.68
C GLU B 173 -2.30 -0.56 -27.29
N THR B 174 -1.34 -1.30 -26.72
CA THR B 174 -1.01 -2.61 -27.27
C THR B 174 -2.18 -3.57 -27.15
N GLY B 175 -2.95 -3.46 -26.08
CA GLY B 175 -4.05 -4.37 -25.84
C GLY B 175 -3.65 -5.74 -25.35
N TYR B 176 -2.41 -5.90 -24.88
CA TYR B 176 -1.97 -7.21 -24.40
C TYR B 176 -2.78 -7.66 -23.20
N LEU B 177 -3.25 -6.72 -22.39
CA LEU B 177 -3.92 -7.08 -21.13
C LEU B 177 -5.16 -7.92 -21.38
N ASN B 178 -5.81 -7.75 -22.53
CA ASN B 178 -7.03 -8.50 -22.81
C ASN B 178 -6.75 -9.98 -22.99
N SER B 179 -5.74 -10.32 -23.79
CA SER B 179 -5.41 -11.73 -24.01
C SER B 179 -4.86 -12.37 -22.74
N VAL B 180 -4.01 -11.64 -22.01
CA VAL B 180 -3.40 -12.19 -20.80
C VAL B 180 -4.46 -12.48 -19.75
N CYS B 181 -5.39 -11.54 -19.54
CA CYS B 181 -6.48 -11.76 -18.59
C CYS B 181 -7.41 -12.86 -19.07
N GLN B 182 -7.72 -12.88 -20.38
CA GLN B 182 -8.56 -13.94 -20.92
C GLN B 182 -7.87 -15.29 -20.85
N SER B 183 -6.55 -15.32 -21.02
CA SER B 183 -5.82 -16.59 -20.91
C SER B 183 -5.80 -17.08 -19.46
N LEU B 184 -5.67 -16.17 -18.50
CA LEU B 184 -5.74 -16.54 -17.09
C LEU B 184 -7.11 -17.09 -16.73
N LEU B 185 -8.16 -16.53 -17.32
CA LEU B 185 -9.51 -17.03 -17.07
C LEU B 185 -9.66 -18.47 -17.57
N ASP B 186 -9.27 -18.71 -18.83
CA ASP B 186 -9.44 -20.03 -19.42
C ASP B 186 -8.60 -21.08 -18.70
N ASN B 187 -7.45 -20.69 -18.16
CA ASN B 187 -6.52 -21.62 -17.52
C ASN B 187 -6.46 -21.44 -16.00
N LEU B 188 -7.52 -20.90 -15.40
CA LEU B 188 -7.48 -20.63 -13.96
C LEU B 188 -7.50 -21.90 -13.14
N ASP B 189 -8.19 -22.93 -13.61
CA ASP B 189 -8.24 -24.22 -12.92
C ASP B 189 -7.11 -25.15 -13.30
N LEU B 190 -6.32 -24.79 -14.32
CA LEU B 190 -5.23 -25.64 -14.80
C LEU B 190 -3.88 -25.21 -14.26
N LEU B 191 -3.82 -24.15 -13.46
CA LEU B 191 -2.57 -23.75 -12.84
C LEU B 191 -2.09 -24.87 -11.91
N PRO B 192 -0.82 -25.24 -11.94
CA PRO B 192 -0.34 -26.32 -11.07
C PRO B 192 -0.48 -25.94 -9.60
N GLY B 193 -1.03 -26.86 -8.83
CA GLY B 193 -1.18 -26.67 -7.40
C GLY B 193 -2.44 -27.33 -6.89
N ASN B 194 -2.49 -27.51 -5.57
CA ASN B 194 -3.64 -28.07 -4.89
C ASN B 194 -4.52 -26.95 -4.32
N THR B 195 -5.18 -27.21 -3.19
CA THR B 195 -5.97 -26.16 -2.56
C THR B 195 -5.11 -25.09 -1.91
N ARG B 196 -3.80 -25.32 -1.77
CA ARG B 196 -2.90 -24.34 -1.20
C ARG B 196 -2.52 -23.24 -2.19
N THR B 197 -2.99 -23.31 -3.43
CA THR B 197 -2.59 -22.38 -4.47
C THR B 197 -2.97 -20.95 -4.09
N LYS B 198 -2.01 -20.03 -4.22
CA LYS B 198 -2.24 -18.62 -3.98
C LYS B 198 -2.02 -17.84 -5.26
N ILE B 199 -2.71 -16.71 -5.37
CA ILE B 199 -2.63 -15.85 -6.55
C ILE B 199 -2.74 -14.39 -6.10
N GLY B 200 -2.17 -13.50 -6.90
CA GLY B 200 -2.19 -12.08 -6.61
C GLY B 200 -1.97 -11.28 -7.87
N PHE B 201 -2.27 -9.98 -7.79
CA PHE B 201 -2.20 -9.12 -8.95
C PHE B 201 -1.68 -7.74 -8.56
N ILE B 202 -0.85 -7.16 -9.43
CA ILE B 202 -0.30 -5.82 -9.24
C ILE B 202 -0.26 -5.14 -10.61
N THR B 203 -0.78 -3.91 -10.67
CA THR B 203 -0.62 -3.06 -11.85
C THR B 203 0.21 -1.84 -11.47
N PHE B 204 0.87 -1.25 -12.47
CA PHE B 204 1.75 -0.13 -12.20
C PHE B 204 1.89 0.75 -13.43
N ASP B 205 1.97 2.06 -13.19
CA ASP B 205 2.38 3.04 -14.18
C ASP B 205 3.39 3.96 -13.53
N SER B 206 2.96 5.16 -13.14
CA SER B 206 3.80 6.01 -12.30
C SER B 206 3.64 5.67 -10.83
N THR B 207 2.61 4.93 -10.46
CA THR B 207 2.38 4.47 -9.09
C THR B 207 2.18 2.97 -9.11
N ILE B 208 2.17 2.37 -7.93
CA ILE B 208 2.02 0.93 -7.76
C ILE B 208 0.63 0.64 -7.22
N HIS B 209 -0.05 -0.33 -7.81
CA HIS B 209 -1.43 -0.65 -7.46
C HIS B 209 -1.52 -2.08 -6.97
N PHE B 210 -1.99 -2.26 -5.74
CA PHE B 210 -2.31 -3.57 -5.21
C PHE B 210 -3.81 -3.82 -5.30
N TYR B 211 -4.20 -5.09 -5.12
CA TYR B 211 -5.60 -5.47 -5.25
C TYR B 211 -5.97 -6.41 -4.11
N GLY B 212 -6.91 -5.97 -3.27
CA GLY B 212 -7.43 -6.81 -2.21
C GLY B 212 -8.62 -7.61 -2.72
N LEU B 213 -8.68 -8.87 -2.30
CA LEU B 213 -9.70 -9.81 -2.76
C LEU B 213 -10.32 -10.49 -1.53
N GLN B 214 -11.50 -10.04 -1.12
CA GLN B 214 -12.21 -10.59 0.03
C GLN B 214 -13.63 -10.92 -0.38
N GLU B 215 -14.10 -12.12 0.01
CA GLU B 215 -15.47 -12.50 -0.32
C GLU B 215 -16.49 -11.61 0.38
N SER B 216 -16.12 -11.06 1.55
CA SER B 216 -17.02 -10.18 2.30
C SER B 216 -17.29 -8.86 1.59
N LEU B 217 -16.63 -8.60 0.45
CA LEU B 217 -16.78 -7.35 -0.28
C LEU B 217 -17.47 -7.59 -1.60
N SER B 218 -18.20 -6.56 -2.07
CA SER B 218 -18.91 -6.66 -3.33
C SER B 218 -17.97 -6.72 -4.53
N GLN B 219 -16.74 -6.24 -4.38
CA GLN B 219 -15.82 -6.10 -5.50
C GLN B 219 -14.41 -6.00 -4.96
N PRO B 220 -13.40 -6.35 -5.75
CA PRO B 220 -12.01 -6.20 -5.30
C PRO B 220 -11.64 -4.74 -5.16
N GLN B 221 -10.80 -4.45 -4.16
CA GLN B 221 -10.39 -3.08 -3.86
C GLN B 221 -8.97 -2.83 -4.35
N MET B 222 -8.76 -1.64 -4.91
CA MET B 222 -7.50 -1.25 -5.55
C MET B 222 -6.76 -0.30 -4.60
N LEU B 223 -5.63 -0.75 -4.09
CA LEU B 223 -4.82 0.04 -3.16
C LEU B 223 -3.60 0.59 -3.88
N ILE B 224 -3.43 1.91 -3.82
CA ILE B 224 -2.40 2.61 -4.57
C ILE B 224 -1.29 3.03 -3.62
N VAL B 225 -0.07 2.62 -3.93
CA VAL B 225 1.12 3.11 -3.24
C VAL B 225 1.82 4.08 -4.19
N SER B 226 1.75 5.37 -3.87
CA SER B 226 2.32 6.40 -4.73
C SER B 226 3.70 6.86 -4.29
N ASP B 227 4.17 6.41 -3.12
CA ASP B 227 5.51 6.75 -2.66
C ASP B 227 6.49 5.84 -3.40
N ILE B 228 7.08 6.37 -4.47
CA ILE B 228 7.88 5.55 -5.37
C ILE B 228 9.25 5.24 -4.77
N GLU B 229 9.84 6.17 -4.02
CA GLU B 229 11.16 5.96 -3.43
C GLU B 229 11.13 5.15 -2.14
N ASP B 230 9.96 4.72 -1.69
CA ASP B 230 9.84 4.02 -0.42
C ASP B 230 8.61 3.14 -0.40
N VAL B 231 8.66 2.03 -1.15
CA VAL B 231 7.47 1.20 -1.36
C VAL B 231 7.24 0.32 -0.14
N PHE B 232 5.97 -0.06 0.05
CA PHE B 232 5.58 -0.91 1.17
C PHE B 232 4.35 -1.73 0.77
N ILE B 233 4.02 -2.70 1.61
CA ILE B 233 2.83 -3.53 1.41
C ILE B 233 1.67 -2.90 2.17
N PRO B 234 0.63 -2.43 1.49
CA PRO B 234 -0.41 -1.66 2.20
C PRO B 234 -1.31 -2.50 3.08
N MET B 235 -1.43 -3.80 2.82
CA MET B 235 -2.34 -4.62 3.60
C MET B 235 -1.66 -5.92 3.98
N PRO B 236 -1.85 -6.39 5.22
CA PRO B 236 -1.22 -7.64 5.65
C PRO B 236 -1.91 -8.90 5.16
N GLU B 237 -2.97 -8.77 4.37
CA GLU B 237 -3.81 -9.91 4.00
C GLU B 237 -4.53 -9.57 2.70
N ASN B 238 -5.14 -10.59 2.10
CA ASN B 238 -6.05 -10.46 0.96
C ASN B 238 -5.39 -9.87 -0.28
N LEU B 239 -4.06 -9.78 -0.31
CA LEU B 239 -3.32 -9.43 -1.53
C LEU B 239 -2.86 -10.68 -2.28
N LEU B 240 -2.23 -11.63 -1.59
CA LEU B 240 -2.00 -12.97 -2.13
C LEU B 240 -3.09 -13.87 -1.53
N VAL B 241 -4.09 -14.20 -2.34
CA VAL B 241 -5.28 -14.89 -1.85
C VAL B 241 -5.28 -16.34 -2.31
N ASN B 242 -5.97 -17.18 -1.54
CA ASN B 242 -6.15 -18.57 -1.90
C ASN B 242 -7.08 -18.66 -3.11
N LEU B 243 -6.58 -19.23 -4.21
CA LEU B 243 -7.35 -19.25 -5.45
C LEU B 243 -8.65 -20.00 -5.30
N ASN B 244 -8.66 -21.07 -4.50
CA ASN B 244 -9.88 -21.85 -4.30
C ASN B 244 -10.96 -21.00 -3.65
N GLU B 245 -10.61 -20.29 -2.58
CA GLU B 245 -11.62 -19.57 -1.82
C GLU B 245 -12.07 -18.28 -2.52
N SER B 246 -11.17 -17.63 -3.25
CA SER B 246 -11.47 -16.38 -3.92
C SER B 246 -11.61 -16.55 -5.44
N LYS B 247 -12.06 -17.72 -5.87
CA LYS B 247 -12.20 -17.99 -7.30
C LYS B 247 -13.11 -16.96 -7.97
N GLU B 248 -14.27 -16.69 -7.36
CA GLU B 248 -15.23 -15.78 -7.98
C GLU B 248 -14.67 -14.36 -8.04
N LEU B 249 -13.93 -13.95 -7.01
CA LEU B 249 -13.40 -12.59 -6.98
C LEU B 249 -12.23 -12.43 -7.93
N VAL B 250 -11.35 -13.43 -8.00
CA VAL B 250 -10.25 -13.39 -8.95
C VAL B 250 -10.78 -13.32 -10.37
N GLN B 251 -11.84 -14.08 -10.66
CA GLN B 251 -12.45 -14.05 -11.98
C GLN B 251 -13.01 -12.67 -12.31
N ASP B 252 -13.68 -12.04 -11.35
CA ASP B 252 -14.25 -10.72 -11.58
C ASP B 252 -13.16 -9.68 -11.81
N LEU B 253 -12.03 -9.80 -11.10
CA LEU B 253 -10.93 -8.87 -11.32
C LEU B 253 -10.31 -9.07 -12.70
N LEU B 254 -10.17 -10.32 -13.13
CA LEU B 254 -9.64 -10.58 -14.47
C LEU B 254 -10.55 -10.05 -15.55
N LYS B 255 -11.87 -10.14 -15.34
CA LYS B 255 -12.83 -9.61 -16.31
C LYS B 255 -12.90 -8.09 -16.29
N THR B 256 -12.30 -7.44 -15.29
CA THR B 256 -12.41 -5.99 -15.15
C THR B 256 -11.15 -5.24 -15.54
N LEU B 257 -9.97 -5.84 -15.35
CA LEU B 257 -8.70 -5.15 -15.58
C LEU B 257 -8.58 -4.52 -16.96
N PRO B 258 -8.92 -5.18 -18.08
CA PRO B 258 -8.72 -4.55 -19.40
C PRO B 258 -9.53 -3.29 -19.62
N GLN B 259 -10.45 -2.94 -18.73
CA GLN B 259 -11.32 -1.79 -18.90
C GLN B 259 -11.09 -0.70 -17.87
N MET B 260 -10.13 -0.88 -16.96
CA MET B 260 -9.89 0.11 -15.90
C MET B 260 -9.01 1.26 -16.37
N PHE B 261 -8.27 1.10 -17.46
CA PHE B 261 -7.26 2.07 -17.86
C PHE B 261 -7.42 2.52 -19.30
N THR B 262 -8.67 2.50 -19.81
CA THR B 262 -8.88 2.80 -21.22
C THR B 262 -8.49 4.23 -21.55
N LYS B 263 -8.79 5.18 -20.66
CA LYS B 263 -8.55 6.60 -20.90
C LYS B 263 -7.38 7.13 -20.08
N THR B 264 -6.38 6.30 -19.84
CA THR B 264 -5.21 6.74 -19.08
C THR B 264 -4.40 7.73 -19.89
N LEU B 265 -3.65 8.58 -19.17
CA LEU B 265 -2.69 9.48 -19.78
C LEU B 265 -1.28 9.29 -19.25
N GLU B 266 -1.06 8.27 -18.43
CA GLU B 266 0.26 8.00 -17.86
C GLU B 266 1.19 7.46 -18.94
N THR B 267 2.26 8.20 -19.23
CA THR B 267 3.24 7.77 -20.22
C THR B 267 4.53 7.24 -19.61
N GLN B 268 4.73 7.41 -18.31
CA GLN B 268 5.94 6.95 -17.63
C GLN B 268 5.64 5.70 -16.82
N SER B 269 6.65 4.86 -16.68
CA SER B 269 6.50 3.54 -16.07
C SER B 269 7.54 3.36 -14.98
N ALA B 270 7.07 3.10 -13.76
CA ALA B 270 7.95 2.87 -12.62
C ALA B 270 8.13 1.36 -12.40
N LEU B 271 8.85 0.75 -13.34
CA LEU B 271 9.04 -0.70 -13.29
C LEU B 271 9.87 -1.11 -12.07
N GLY B 272 10.93 -0.37 -11.79
CA GLY B 272 11.79 -0.66 -10.66
C GLY B 272 11.04 -0.77 -9.34
N PRO B 273 10.41 0.32 -8.91
CA PRO B 273 9.65 0.27 -7.65
C PRO B 273 8.54 -0.76 -7.64
N ALA B 274 7.93 -1.03 -8.80
CA ALA B 274 6.89 -2.06 -8.85
C ALA B 274 7.45 -3.44 -8.55
N LEU B 275 8.68 -3.71 -9.01
CA LEU B 275 9.29 -5.01 -8.73
C LEU B 275 9.69 -5.11 -7.26
N GLN B 276 10.17 -4.01 -6.67
CA GLN B 276 10.49 -4.00 -5.24
C GLN B 276 9.25 -4.31 -4.42
N ALA B 277 8.10 -3.74 -4.80
CA ALA B 277 6.86 -4.02 -4.09
C ALA B 277 6.47 -5.47 -4.27
N ALA B 278 6.51 -5.97 -5.50
CA ALA B 278 6.18 -7.37 -5.76
C ALA B 278 7.12 -8.30 -5.00
N PHE B 279 8.39 -7.93 -4.89
CA PHE B 279 9.33 -8.74 -4.12
C PHE B 279 8.94 -8.78 -2.65
N LYS B 280 8.61 -7.61 -2.08
CA LYS B 280 8.18 -7.57 -0.68
C LYS B 280 6.93 -8.42 -0.47
N LEU B 281 6.02 -8.42 -1.44
CA LEU B 281 4.79 -9.19 -1.29
C LEU B 281 5.06 -10.69 -1.33
N MET B 282 5.91 -11.15 -2.26
CA MET B 282 6.20 -12.57 -2.38
C MET B 282 7.32 -13.02 -1.45
N SER B 283 8.03 -12.09 -0.82
CA SER B 283 9.18 -12.44 0.01
C SER B 283 8.91 -13.53 1.06
N PRO B 284 7.79 -13.53 1.80
CA PRO B 284 7.64 -14.54 2.86
C PRO B 284 7.45 -15.95 2.34
N THR B 285 6.90 -16.12 1.14
CA THR B 285 6.57 -17.43 0.62
C THR B 285 7.41 -17.86 -0.58
N GLY B 286 7.67 -16.95 -1.52
CA GLY B 286 8.26 -17.32 -2.78
C GLY B 286 7.18 -17.66 -3.80
N GLY B 287 7.64 -18.09 -4.98
CA GLY B 287 6.75 -18.47 -6.05
C GLY B 287 7.17 -17.86 -7.36
N ARG B 288 6.21 -17.76 -8.28
CA ARG B 288 6.47 -17.28 -9.64
C ARG B 288 5.88 -15.89 -9.82
N MET B 289 6.71 -14.97 -10.29
CA MET B 289 6.32 -13.58 -10.52
C MET B 289 6.35 -13.32 -12.02
N SER B 290 5.19 -13.00 -12.59
CA SER B 290 5.04 -12.77 -14.03
C SER B 290 4.94 -11.27 -14.27
N VAL B 291 5.98 -10.69 -14.85
CA VAL B 291 6.04 -9.27 -15.13
C VAL B 291 5.73 -9.05 -16.60
N PHE B 292 4.81 -8.14 -16.89
CA PHE B 292 4.45 -7.76 -18.25
C PHE B 292 4.82 -6.30 -18.45
N GLN B 293 5.79 -6.05 -19.33
CA GLN B 293 6.31 -4.71 -19.58
C GLN B 293 6.28 -4.43 -21.07
N THR B 294 5.98 -3.18 -21.45
CA THR B 294 5.82 -2.81 -22.84
C THR B 294 6.71 -1.65 -23.28
N GLN B 295 7.55 -1.10 -22.40
CA GLN B 295 8.30 0.09 -22.77
C GLN B 295 9.52 0.25 -21.86
N LEU B 296 10.33 1.24 -22.20
CA LEU B 296 11.50 1.58 -21.41
C LEU B 296 11.07 2.08 -20.03
N PRO B 297 11.63 1.54 -18.95
CA PRO B 297 11.36 2.10 -17.61
C PRO B 297 12.10 3.42 -17.44
N THR B 298 11.37 4.46 -17.03
CA THR B 298 11.92 5.81 -16.94
C THR B 298 11.74 6.48 -15.59
N LEU B 299 10.98 5.89 -14.67
CA LEU B 299 10.60 6.57 -13.43
C LEU B 299 11.08 5.76 -12.23
N GLY B 300 11.89 6.40 -11.38
CA GLY B 300 12.33 5.78 -10.15
C GLY B 300 13.60 4.98 -10.31
N VAL B 301 13.88 4.18 -9.27
CA VAL B 301 15.03 3.29 -9.33
C VAL B 301 14.83 2.28 -10.45
N GLY B 302 15.94 1.87 -11.06
CA GLY B 302 15.87 1.00 -12.21
C GLY B 302 15.55 1.71 -13.51
N ALA B 303 15.46 3.03 -13.49
CA ALA B 303 15.22 3.77 -14.73
C ALA B 303 16.42 3.63 -15.67
N LEU B 304 16.12 3.59 -16.96
CA LEU B 304 17.13 3.33 -17.97
C LEU B 304 17.09 4.41 -19.03
N LYS B 305 18.28 4.78 -19.54
CA LYS B 305 18.39 5.83 -20.53
C LYS B 305 18.05 5.30 -21.93
N PRO B 306 17.49 6.15 -22.78
CA PRO B 306 17.27 5.74 -24.18
C PRO B 306 18.59 5.53 -24.90
N ARG B 307 18.53 4.75 -25.98
CA ARG B 307 19.73 4.37 -26.71
C ARG B 307 19.40 4.24 -28.18
N GLU B 308 20.21 4.85 -29.03
CA GLU B 308 19.97 4.83 -30.46
C GLU B 308 20.24 3.45 -31.04
N GLU B 309 19.34 2.99 -31.90
CA GLU B 309 19.47 1.67 -32.50
C GLU B 309 20.59 1.66 -33.54
N PRO B 310 21.13 0.47 -33.86
CA PRO B 310 22.13 0.39 -34.94
C PRO B 310 21.49 0.19 -36.30
N ASN B 311 22.32 0.09 -37.34
CA ASN B 311 21.86 -0.17 -38.69
C ASN B 311 22.79 -1.18 -39.34
N HIS B 312 22.51 -1.52 -40.60
CA HIS B 312 23.30 -2.52 -41.31
C HIS B 312 24.73 -2.06 -41.51
N ARG B 313 24.99 -0.76 -41.48
CA ARG B 313 26.32 -0.20 -41.69
C ARG B 313 27.16 -0.20 -40.42
N SER B 314 26.57 -0.55 -39.28
CA SER B 314 27.27 -0.48 -38.00
C SER B 314 28.20 -1.67 -37.84
N SER B 315 29.41 -1.40 -37.35
CA SER B 315 30.35 -2.45 -37.02
C SER B 315 30.05 -3.02 -35.64
N ALA B 316 30.76 -4.09 -35.28
CA ALA B 316 30.57 -4.72 -33.99
C ALA B 316 31.18 -3.86 -32.87
N LYS B 317 30.54 -2.72 -32.58
CA LYS B 317 30.97 -1.85 -31.50
C LYS B 317 29.76 -1.35 -30.71
N MET B 321 25.36 -3.99 -25.80
CA MET B 321 25.47 -5.40 -25.44
C MET B 321 25.27 -5.64 -23.94
N THR B 322 25.97 -4.87 -23.13
CA THR B 322 26.02 -5.03 -21.68
C THR B 322 24.92 -4.22 -21.00
N PRO B 323 24.56 -4.57 -19.76
CA PRO B 323 23.53 -3.82 -19.05
C PRO B 323 23.98 -2.40 -18.73
N SER B 324 23.00 -1.51 -18.61
CA SER B 324 23.26 -0.12 -18.23
C SER B 324 23.40 0.04 -16.72
N THR B 325 22.66 -0.75 -15.95
CA THR B 325 22.71 -0.70 -14.50
C THR B 325 22.66 -2.12 -13.95
N ASP B 326 23.16 -2.27 -12.73
CA ASP B 326 23.11 -3.54 -12.01
C ASP B 326 21.88 -3.64 -11.13
N PHE B 327 20.90 -2.75 -11.30
CA PHE B 327 19.71 -2.74 -10.45
C PHE B 327 18.94 -4.04 -10.56
N TYR B 328 18.57 -4.44 -11.77
CA TYR B 328 17.76 -5.63 -11.95
C TYR B 328 18.54 -6.91 -11.68
N LYS B 329 19.87 -6.85 -11.71
CA LYS B 329 20.67 -7.99 -11.28
C LYS B 329 20.69 -8.10 -9.77
N LYS B 330 20.88 -6.97 -9.07
CA LYS B 330 20.83 -6.98 -7.61
C LYS B 330 19.46 -7.41 -7.11
N LEU B 331 18.40 -7.01 -7.81
CA LEU B 331 17.05 -7.37 -7.39
C LEU B 331 16.77 -8.85 -7.61
N ALA B 332 17.27 -9.40 -8.72
CA ALA B 332 17.08 -10.83 -8.98
C ALA B 332 17.75 -11.67 -7.91
N LEU B 333 18.94 -11.26 -7.46
CA LEU B 333 19.62 -11.97 -6.40
C LEU B 333 18.88 -11.86 -5.07
N ASP B 334 18.14 -10.77 -4.87
CA ASP B 334 17.25 -10.69 -3.72
C ASP B 334 16.10 -11.68 -3.85
N CYS B 335 15.49 -11.75 -5.04
CA CYS B 335 14.42 -12.71 -5.27
C CYS B 335 14.92 -14.14 -5.15
N SER B 336 16.15 -14.38 -5.61
CA SER B 336 16.72 -15.73 -5.54
C SER B 336 16.80 -16.22 -4.11
N GLY B 337 17.31 -15.38 -3.20
CA GLY B 337 17.42 -15.75 -1.80
C GLY B 337 16.09 -15.98 -1.12
N GLN B 338 14.98 -15.58 -1.74
CA GLN B 338 13.65 -15.77 -1.19
C GLN B 338 12.81 -16.74 -2.02
N GLN B 339 13.46 -17.52 -2.89
CA GLN B 339 12.79 -18.52 -3.72
C GLN B 339 11.73 -17.88 -4.62
N VAL B 340 12.07 -16.75 -5.21
CA VAL B 340 11.18 -16.02 -6.11
C VAL B 340 11.85 -15.99 -7.48
N ALA B 341 11.14 -16.50 -8.49
CA ALA B 341 11.60 -16.46 -9.87
C ALA B 341 10.79 -15.43 -10.63
N VAL B 342 11.47 -14.61 -11.41
CA VAL B 342 10.83 -13.51 -12.16
C VAL B 342 10.89 -13.87 -13.64
N ASP B 343 9.71 -13.99 -14.25
CA ASP B 343 9.58 -14.18 -15.69
C ASP B 343 9.19 -12.86 -16.34
N LEU B 344 9.92 -12.46 -17.36
CA LEU B 344 9.78 -11.14 -17.98
C LEU B 344 9.11 -11.28 -19.34
N PHE B 345 7.94 -10.67 -19.49
CA PHE B 345 7.24 -10.61 -20.77
C PHE B 345 7.39 -9.20 -21.32
N LEU B 346 8.19 -9.05 -22.37
CA LEU B 346 8.47 -7.76 -22.97
C LEU B 346 7.67 -7.65 -24.26
N LEU B 347 6.69 -6.74 -24.28
CA LEU B 347 5.85 -6.53 -25.45
C LEU B 347 6.05 -5.12 -25.99
N SER B 348 7.29 -4.75 -26.26
CA SER B 348 7.66 -3.38 -26.56
C SER B 348 7.76 -3.15 -28.07
N GLY B 349 7.23 -2.01 -28.52
CA GLY B 349 7.38 -1.55 -29.87
C GLY B 349 8.52 -0.59 -30.09
N GLN B 350 9.25 -0.25 -29.03
CA GLN B 350 10.44 0.58 -29.11
C GLN B 350 11.49 0.05 -28.14
N TYR B 351 12.70 0.57 -28.25
CA TYR B 351 13.83 0.10 -27.44
C TYR B 351 13.51 0.21 -25.96
N SER B 352 13.61 -0.92 -25.25
CA SER B 352 13.32 -0.98 -23.83
C SER B 352 14.50 -1.45 -22.99
N ASP B 353 15.68 -1.60 -23.61
CA ASP B 353 16.91 -1.98 -22.90
C ASP B 353 16.74 -3.35 -22.22
N LEU B 354 16.44 -4.35 -23.04
CA LEU B 354 16.36 -5.72 -22.54
C LEU B 354 17.70 -6.22 -22.01
N ALA B 355 18.81 -5.63 -22.45
CA ALA B 355 20.12 -5.97 -21.91
C ALA B 355 20.20 -5.75 -20.39
N SER B 356 19.38 -4.85 -19.85
CA SER B 356 19.32 -4.61 -18.41
C SER B 356 18.12 -5.28 -17.76
N LEU B 357 16.93 -5.18 -18.36
CA LEU B 357 15.75 -5.80 -17.79
C LEU B 357 15.87 -7.31 -17.72
N GLY B 358 16.52 -7.92 -18.71
CA GLY B 358 16.69 -9.36 -18.75
C GLY B 358 17.41 -9.95 -17.54
N CYS B 359 18.24 -9.15 -16.87
CA CYS B 359 18.94 -9.63 -15.68
C CYS B 359 17.99 -10.07 -14.58
N ILE B 360 16.76 -9.56 -14.56
CA ILE B 360 15.80 -9.97 -13.54
C ILE B 360 15.41 -11.43 -13.68
N SER B 361 15.53 -12.01 -14.87
CA SER B 361 15.20 -13.42 -15.09
C SER B 361 16.42 -14.33 -15.10
N ARG B 362 17.58 -13.82 -15.51
CA ARG B 362 18.77 -14.66 -15.61
C ARG B 362 19.20 -15.19 -14.25
N TYR B 363 19.19 -14.33 -13.23
CA TYR B 363 19.70 -14.70 -11.92
C TYR B 363 18.61 -15.12 -10.95
N SER B 364 17.38 -15.31 -11.43
CA SER B 364 16.30 -15.83 -10.60
C SER B 364 15.71 -17.11 -11.19
N ALA B 365 16.41 -17.74 -12.12
CA ALA B 365 15.97 -18.96 -12.77
C ALA B 365 14.62 -18.77 -13.47
N GLY B 366 14.34 -17.55 -13.90
CA GLY B 366 13.18 -17.26 -14.71
C GLY B 366 13.48 -17.48 -16.19
N SER B 367 12.68 -16.81 -17.03
CA SER B 367 12.90 -16.83 -18.47
C SER B 367 12.19 -15.63 -19.06
N VAL B 368 12.78 -15.08 -20.12
CA VAL B 368 12.25 -13.87 -20.75
C VAL B 368 11.49 -14.26 -22.00
N TYR B 369 10.41 -13.56 -22.28
CA TYR B 369 9.58 -13.77 -23.45
C TYR B 369 9.42 -12.43 -24.15
N TYR B 370 9.64 -12.41 -25.46
CA TYR B 370 9.71 -11.18 -26.23
C TYR B 370 8.66 -11.18 -27.33
N TYR B 371 7.98 -10.05 -27.48
CA TYR B 371 6.92 -9.87 -28.48
C TYR B 371 7.10 -8.51 -29.11
N PRO B 372 8.01 -8.39 -30.08
CA PRO B 372 8.34 -7.07 -30.63
C PRO B 372 7.16 -6.44 -31.34
N SER B 373 6.86 -5.19 -30.95
CA SER B 373 5.78 -4.40 -31.55
C SER B 373 4.43 -5.11 -31.42
N TYR B 374 4.13 -5.57 -30.21
CA TYR B 374 2.85 -6.20 -29.97
C TYR B 374 1.72 -5.20 -30.12
N HIS B 375 0.66 -5.60 -30.82
CA HIS B 375 -0.53 -4.77 -30.96
C HIS B 375 -1.70 -5.68 -31.29
N HIS B 376 -2.83 -5.47 -30.61
CA HIS B 376 -3.97 -6.38 -30.71
C HIS B 376 -4.64 -6.35 -32.06
N GLN B 377 -4.28 -5.42 -32.94
CA GLN B 377 -4.83 -5.36 -34.29
C GLN B 377 -3.76 -5.39 -35.36
N HIS B 378 -2.69 -4.61 -35.19
CA HIS B 378 -1.74 -4.42 -36.29
C HIS B 378 -0.80 -5.62 -36.44
N ASN B 379 -0.59 -6.39 -35.37
CA ASN B 379 0.35 -7.50 -35.36
C ASN B 379 -0.41 -8.77 -34.96
N PRO B 380 -1.12 -9.40 -35.88
CA PRO B 380 -1.81 -10.65 -35.55
C PRO B 380 -0.85 -11.80 -35.29
N VAL B 381 0.38 -11.72 -35.76
CA VAL B 381 1.36 -12.78 -35.50
C VAL B 381 1.72 -12.83 -34.03
N GLN B 382 2.09 -11.68 -33.46
CA GLN B 382 2.47 -11.64 -32.05
C GLN B 382 1.28 -11.91 -31.14
N VAL B 383 0.07 -11.59 -31.58
CA VAL B 383 -1.12 -11.85 -30.76
C VAL B 383 -1.30 -13.35 -30.56
N GLN B 384 -1.23 -14.12 -31.65
CA GLN B 384 -1.37 -15.56 -31.54
C GLN B 384 -0.13 -16.19 -30.88
N LYS B 385 1.04 -15.58 -31.06
CA LYS B 385 2.25 -16.10 -30.42
C LYS B 385 2.16 -15.96 -28.91
N LEU B 386 1.69 -14.82 -28.41
CA LEU B 386 1.49 -14.67 -26.97
C LEU B 386 0.41 -15.61 -26.47
N GLN B 387 -0.62 -15.84 -27.29
CA GLN B 387 -1.69 -16.75 -26.90
C GLN B 387 -1.16 -18.16 -26.68
N LYS B 388 -0.34 -18.65 -27.62
CA LYS B 388 0.17 -20.01 -27.52
C LYS B 388 1.20 -20.15 -26.41
N GLU B 389 2.10 -19.16 -26.28
CA GLU B 389 3.12 -19.24 -25.26
C GLU B 389 2.54 -19.13 -23.86
N LEU B 390 1.46 -18.36 -23.69
CA LEU B 390 0.80 -18.28 -22.39
C LEU B 390 0.07 -19.56 -22.04
N GLN B 391 -0.47 -20.25 -23.04
CA GLN B 391 -1.13 -21.54 -22.79
C GLN B 391 -0.15 -22.54 -22.19
N ARG B 392 1.05 -22.65 -22.78
CA ARG B 392 2.07 -23.54 -22.24
C ARG B 392 2.61 -23.03 -20.92
N TYR B 393 2.86 -21.73 -20.82
CA TYR B 393 3.47 -21.16 -19.62
C TYR B 393 2.61 -21.39 -18.39
N LEU B 394 1.29 -21.29 -18.54
CA LEU B 394 0.37 -21.40 -17.41
C LEU B 394 -0.02 -22.84 -17.10
N THR B 395 0.13 -23.76 -18.06
CA THR B 395 -0.31 -25.14 -17.86
C THR B 395 0.84 -26.11 -17.61
N ARG B 396 2.05 -25.79 -18.04
CA ARG B 396 3.18 -26.69 -17.85
C ARG B 396 3.47 -26.90 -16.37
N LYS B 397 4.09 -28.03 -16.05
CA LYS B 397 4.42 -28.33 -14.66
C LYS B 397 5.47 -27.36 -14.15
N ILE B 398 5.61 -27.33 -12.82
CA ILE B 398 6.48 -26.35 -12.19
C ILE B 398 7.04 -26.94 -10.90
N GLY B 399 8.22 -26.47 -10.52
CA GLY B 399 8.79 -26.79 -9.22
C GLY B 399 9.23 -25.53 -8.51
N PHE B 400 9.20 -25.59 -7.19
CA PHE B 400 9.50 -24.43 -6.37
C PHE B 400 10.69 -24.70 -5.45
N GLU B 401 11.27 -23.61 -4.94
CA GLU B 401 12.45 -23.60 -4.07
C GLU B 401 13.40 -24.74 -4.40
N ALA B 402 13.94 -24.73 -5.61
CA ALA B 402 14.72 -25.83 -6.14
C ALA B 402 16.22 -25.52 -6.12
N VAL B 403 17.01 -26.58 -6.04
CA VAL B 403 18.46 -26.50 -6.11
C VAL B 403 18.97 -27.67 -6.95
N MET B 404 20.00 -27.42 -7.75
CA MET B 404 20.58 -28.45 -8.61
C MET B 404 22.08 -28.53 -8.39
N ARG B 405 22.60 -29.75 -8.37
CA ARG B 405 24.02 -30.02 -8.20
C ARG B 405 24.48 -30.95 -9.31
N ILE B 406 25.64 -30.67 -9.88
CA ILE B 406 26.23 -31.48 -10.95
C ILE B 406 27.51 -32.08 -10.42
N ARG B 407 27.53 -33.40 -10.24
CA ARG B 407 28.69 -34.12 -9.75
C ARG B 407 29.34 -34.89 -10.88
N CYS B 408 30.68 -34.92 -10.89
CA CYS B 408 31.42 -35.64 -11.91
C CYS B 408 32.58 -36.40 -11.24
N THR B 409 33.05 -37.43 -11.94
CA THR B 409 34.09 -38.29 -11.41
C THR B 409 35.34 -37.48 -11.07
N LYS B 410 36.04 -37.90 -10.00
CA LYS B 410 37.26 -37.24 -9.56
C LYS B 410 38.25 -37.10 -10.72
N GLY B 411 38.80 -35.90 -10.86
CA GLY B 411 39.67 -35.55 -11.96
C GLY B 411 39.03 -34.58 -12.94
N LEU B 412 37.71 -34.58 -13.03
CA LEU B 412 36.97 -33.65 -13.86
C LEU B 412 36.33 -32.58 -12.99
N SER B 413 36.28 -31.35 -13.51
CA SER B 413 35.84 -30.20 -12.72
C SER B 413 35.03 -29.26 -13.60
N ILE B 414 33.79 -28.99 -13.19
CA ILE B 414 33.01 -27.94 -13.83
C ILE B 414 33.58 -26.60 -13.44
N HIS B 415 33.87 -25.75 -14.43
CA HIS B 415 34.44 -24.44 -14.16
C HIS B 415 33.63 -23.28 -14.73
N THR B 416 32.56 -23.55 -15.47
CA THR B 416 31.72 -22.47 -15.99
C THR B 416 30.30 -23.00 -16.17
N PHE B 417 29.33 -22.22 -15.72
CA PHE B 417 27.92 -22.56 -15.83
C PHE B 417 27.22 -21.65 -16.82
N HIS B 418 26.20 -22.19 -17.50
CA HIS B 418 25.42 -21.43 -18.48
C HIS B 418 23.94 -21.73 -18.27
N GLY B 419 23.13 -20.67 -18.20
CA GLY B 419 21.70 -20.83 -17.99
C GLY B 419 21.16 -19.86 -16.96
N ASN B 420 19.85 -19.94 -16.71
CA ASN B 420 19.18 -19.03 -15.80
C ASN B 420 19.15 -19.64 -14.40
N PHE B 421 19.97 -19.09 -13.50
CA PHE B 421 20.08 -19.54 -12.12
C PHE B 421 21.02 -18.62 -11.35
N PHE B 422 21.24 -18.92 -10.07
CA PHE B 422 22.28 -18.25 -9.30
C PHE B 422 23.22 -19.30 -8.71
N VAL B 423 24.50 -19.15 -8.96
CA VAL B 423 25.51 -20.09 -8.47
C VAL B 423 25.90 -19.68 -7.06
N ARG B 424 25.65 -20.56 -6.10
CA ARG B 424 26.03 -20.32 -4.71
C ARG B 424 27.47 -20.81 -4.51
N SER B 425 27.92 -20.82 -3.25
CA SER B 425 29.24 -21.37 -2.94
C SER B 425 29.23 -22.87 -3.18
N THR B 426 30.41 -23.40 -3.51
CA THR B 426 30.59 -24.82 -3.83
C THR B 426 29.70 -25.24 -5.00
N ASP B 427 29.52 -24.32 -5.96
CA ASP B 427 28.83 -24.59 -7.22
C ASP B 427 27.43 -25.16 -7.01
N LEU B 428 26.69 -24.55 -6.08
CA LEU B 428 25.30 -24.90 -5.84
C LEU B 428 24.43 -24.03 -6.75
N LEU B 429 23.64 -24.66 -7.62
CA LEU B 429 22.78 -23.94 -8.55
C LEU B 429 21.45 -23.65 -7.85
N SER B 430 21.19 -22.38 -7.56
CA SER B 430 19.92 -21.98 -6.98
C SER B 430 18.90 -21.77 -8.09
N LEU B 431 17.75 -22.44 -7.97
CA LEU B 431 16.67 -22.34 -8.96
C LEU B 431 15.37 -22.06 -8.21
N PRO B 432 15.01 -20.80 -8.01
CA PRO B 432 13.75 -20.50 -7.30
C PRO B 432 12.56 -21.22 -7.90
N ASN B 433 12.41 -21.15 -9.22
CA ASN B 433 11.52 -22.03 -9.95
C ASN B 433 12.36 -22.92 -10.86
N VAL B 434 11.83 -24.09 -11.19
CA VAL B 434 12.38 -24.92 -12.24
C VAL B 434 11.27 -25.18 -13.25
N ASN B 435 11.48 -24.72 -14.49
CA ASN B 435 10.45 -24.89 -15.51
C ASN B 435 10.86 -25.98 -16.49
N PRO B 436 9.91 -26.70 -17.08
CA PRO B 436 10.25 -27.90 -17.85
C PRO B 436 10.75 -27.60 -19.24
N ASP B 437 10.97 -26.32 -19.54
CA ASP B 437 11.43 -25.90 -20.85
C ASP B 437 12.80 -25.24 -20.78
N ALA B 438 13.50 -25.32 -19.65
CA ALA B 438 14.79 -24.69 -19.51
C ALA B 438 15.92 -25.66 -19.85
N GLY B 439 16.95 -25.14 -20.48
CA GLY B 439 18.15 -25.90 -20.79
C GLY B 439 19.36 -25.22 -20.20
N TYR B 440 20.30 -26.01 -19.71
CA TYR B 440 21.51 -25.50 -19.08
C TYR B 440 22.73 -26.10 -19.75
N ALA B 441 23.84 -25.37 -19.67
CA ALA B 441 25.11 -25.81 -20.24
C ALA B 441 26.21 -25.62 -19.22
N VAL B 442 27.15 -26.56 -19.20
CA VAL B 442 28.27 -26.56 -18.28
C VAL B 442 29.54 -26.81 -19.10
N GLN B 443 30.63 -26.15 -18.70
CA GLN B 443 31.93 -26.38 -19.31
C GLN B 443 32.89 -26.88 -18.25
N MET B 444 33.58 -27.98 -18.55
CA MET B 444 34.47 -28.63 -17.59
C MET B 444 35.83 -28.87 -18.21
N SER B 445 36.76 -29.32 -17.38
CA SER B 445 38.13 -29.57 -17.80
C SER B 445 38.69 -30.71 -16.97
N VAL B 446 39.83 -31.24 -17.39
CA VAL B 446 40.47 -32.38 -16.74
C VAL B 446 41.48 -31.82 -15.74
N GLU B 447 41.08 -31.78 -14.46
CA GLU B 447 41.97 -31.28 -13.42
C GLU B 447 43.04 -32.29 -13.05
N GLU B 448 42.71 -33.57 -13.06
CA GLU B 448 43.66 -34.65 -12.80
C GLU B 448 43.55 -35.69 -13.89
N SER B 449 44.70 -36.16 -14.37
CA SER B 449 44.73 -37.12 -15.46
C SER B 449 43.96 -38.39 -15.09
N LEU B 450 43.05 -38.79 -15.97
CA LEU B 450 42.23 -39.98 -15.76
C LEU B 450 42.96 -41.28 -16.11
N THR B 451 44.24 -41.38 -15.76
CA THR B 451 45.02 -42.57 -16.09
C THR B 451 44.48 -43.80 -15.38
N ASP B 452 43.87 -43.62 -14.21
CA ASP B 452 43.38 -44.77 -13.43
C ASP B 452 42.23 -45.46 -14.15
N THR B 453 41.12 -44.76 -14.34
CA THR B 453 39.90 -45.38 -14.83
C THR B 453 39.78 -45.25 -16.35
N GLN B 454 38.89 -46.08 -16.90
CA GLN B 454 38.54 -46.04 -18.31
C GLN B 454 37.12 -45.55 -18.55
N LEU B 455 36.33 -45.38 -17.51
CA LEU B 455 34.98 -44.82 -17.59
C LEU B 455 34.85 -43.67 -16.59
N VAL B 456 34.05 -42.67 -16.96
CA VAL B 456 33.71 -41.57 -16.07
C VAL B 456 32.20 -41.36 -16.13
N SER B 457 31.66 -40.72 -15.10
CA SER B 457 30.24 -40.49 -14.99
C SER B 457 29.97 -39.05 -14.59
N PHE B 458 28.76 -38.59 -14.91
CA PHE B 458 28.28 -37.27 -14.54
C PHE B 458 26.86 -37.41 -14.04
N GLN B 459 26.54 -36.71 -12.95
CA GLN B 459 25.25 -36.87 -12.29
C GLN B 459 24.71 -35.52 -11.88
N SER B 460 23.51 -35.20 -12.36
CA SER B 460 22.79 -34.00 -11.93
C SER B 460 21.63 -34.40 -11.03
N ALA B 461 21.50 -33.72 -9.90
CA ALA B 461 20.44 -33.97 -8.94
C ALA B 461 19.62 -32.70 -8.77
N LEU B 462 18.31 -32.81 -8.98
CA LEU B 462 17.40 -31.66 -8.93
C LEU B 462 16.45 -31.84 -7.76
N LEU B 463 16.79 -31.21 -6.63
CA LEU B 463 15.93 -31.17 -5.46
C LEU B 463 14.95 -30.01 -5.60
N TYR B 464 13.66 -30.29 -5.41
CA TYR B 464 12.64 -29.27 -5.62
C TYR B 464 11.38 -29.64 -4.86
N THR B 465 10.45 -28.69 -4.82
CA THR B 465 9.14 -28.87 -4.21
C THR B 465 8.09 -28.92 -5.32
N SER B 466 7.34 -30.02 -5.37
CA SER B 466 6.30 -30.16 -6.38
C SER B 466 5.15 -29.21 -6.08
N SER B 467 4.32 -29.00 -7.10
CA SER B 467 3.14 -28.15 -6.93
C SER B 467 2.12 -28.74 -5.96
N LYS B 468 2.30 -30.00 -5.55
CA LYS B 468 1.44 -30.62 -4.54
C LYS B 468 2.03 -30.51 -3.14
N GLY B 469 3.21 -29.93 -2.98
CA GLY B 469 3.84 -29.85 -1.69
C GLY B 469 4.67 -31.05 -1.29
N GLU B 470 5.30 -31.73 -2.25
CA GLU B 470 6.16 -32.88 -1.98
C GLU B 470 7.58 -32.54 -2.41
N ARG B 471 8.54 -32.78 -1.52
CA ARG B 471 9.95 -32.59 -1.86
C ARG B 471 10.42 -33.76 -2.71
N ARG B 472 10.87 -33.48 -3.92
CA ARG B 472 11.30 -34.51 -4.87
C ARG B 472 12.73 -34.23 -5.32
N ILE B 473 13.40 -35.29 -5.78
CA ILE B 473 14.76 -35.22 -6.29
C ILE B 473 14.80 -35.99 -7.60
N ARG B 474 14.91 -35.29 -8.72
CA ARG B 474 15.09 -35.94 -10.01
C ARG B 474 16.58 -36.04 -10.30
N VAL B 475 17.03 -37.24 -10.68
CA VAL B 475 18.45 -37.54 -10.84
C VAL B 475 18.68 -38.17 -12.20
N HIS B 476 19.69 -37.68 -12.91
CA HIS B 476 20.16 -38.28 -14.16
C HIS B 476 21.64 -38.60 -14.03
N THR B 477 22.05 -39.72 -14.61
CA THR B 477 23.45 -40.14 -14.59
C THR B 477 23.88 -40.54 -15.99
N LEU B 478 25.01 -40.00 -16.44
CA LEU B 478 25.56 -40.26 -17.76
C LEU B 478 26.95 -40.83 -17.64
N CYS B 479 27.18 -41.97 -18.28
CA CYS B 479 28.48 -42.65 -18.26
C CYS B 479 29.15 -42.55 -19.62
N LEU B 480 30.45 -42.29 -19.62
CA LEU B 480 31.22 -42.07 -20.83
C LEU B 480 32.60 -42.69 -20.69
N PRO B 481 33.18 -43.17 -21.78
CA PRO B 481 34.52 -43.76 -21.73
C PRO B 481 35.61 -42.71 -21.89
N VAL B 482 36.81 -43.10 -21.45
CA VAL B 482 37.98 -42.23 -21.48
C VAL B 482 38.95 -42.77 -22.53
N VAL B 483 39.46 -41.87 -23.38
CA VAL B 483 40.35 -42.24 -24.46
C VAL B 483 41.66 -41.47 -24.31
N SER B 484 42.70 -41.95 -25.00
CA SER B 484 44.04 -41.43 -24.81
C SER B 484 44.72 -41.00 -26.11
N THR B 485 43.97 -40.90 -27.21
CA THR B 485 44.53 -40.42 -28.48
C THR B 485 43.70 -39.25 -28.99
N LEU B 486 44.35 -38.41 -29.81
CA LEU B 486 43.63 -37.32 -30.48
C LEU B 486 42.52 -37.87 -31.36
N ASN B 487 42.79 -38.96 -32.09
CA ASN B 487 41.83 -39.49 -33.04
C ASN B 487 40.56 -39.96 -32.34
N ASP B 488 40.69 -40.57 -31.16
CA ASP B 488 39.52 -41.06 -30.45
C ASP B 488 38.69 -39.92 -29.89
N VAL B 489 39.31 -38.80 -29.55
CA VAL B 489 38.54 -37.64 -29.09
C VAL B 489 37.74 -37.06 -30.25
N PHE B 490 38.34 -36.96 -31.43
CA PHE B 490 37.62 -36.48 -32.61
C PHE B 490 36.51 -37.45 -33.02
N LEU B 491 36.75 -38.75 -32.87
CA LEU B 491 35.76 -39.74 -33.31
C LEU B 491 34.48 -39.65 -32.50
N GLY B 492 34.57 -39.20 -31.25
CA GLY B 492 33.39 -39.14 -30.40
C GLY B 492 32.87 -37.74 -30.21
N ALA B 493 33.15 -36.85 -31.15
CA ALA B 493 32.73 -35.46 -31.06
C ALA B 493 31.25 -35.33 -31.42
N ASP B 494 30.51 -34.57 -30.60
CA ASP B 494 29.10 -34.28 -30.83
C ASP B 494 29.01 -32.87 -31.42
N VAL B 495 28.82 -32.78 -32.73
CA VAL B 495 28.92 -31.49 -33.41
C VAL B 495 27.82 -30.54 -32.95
N GLN B 496 26.60 -31.04 -32.79
CA GLN B 496 25.51 -30.19 -32.32
C GLN B 496 25.76 -29.71 -30.89
N ALA B 497 26.21 -30.61 -30.02
CA ALA B 497 26.52 -30.22 -28.65
C ALA B 497 27.68 -29.23 -28.61
N ILE B 498 28.66 -29.41 -29.50
CA ILE B 498 29.77 -28.47 -29.57
C ILE B 498 29.28 -27.10 -30.02
N SER B 499 28.42 -27.06 -31.04
CA SER B 499 27.86 -25.80 -31.50
C SER B 499 27.04 -25.14 -30.40
N GLY B 500 26.27 -25.93 -29.65
CA GLY B 500 25.48 -25.38 -28.56
C GLY B 500 26.34 -24.76 -27.48
N LEU B 501 27.43 -25.45 -27.10
CA LEU B 501 28.32 -24.91 -26.08
C LEU B 501 29.04 -23.67 -26.59
N LEU B 502 29.53 -23.72 -27.83
CA LEU B 502 30.20 -22.55 -28.41
C LEU B 502 29.27 -21.35 -28.44
N ALA B 503 27.99 -21.57 -28.75
CA ALA B 503 27.03 -20.47 -28.75
C ALA B 503 26.88 -19.85 -27.38
N ASN B 504 26.78 -20.68 -26.33
CA ASN B 504 26.70 -20.15 -24.98
C ASN B 504 27.99 -19.43 -24.59
N MET B 505 29.14 -19.95 -25.01
CA MET B 505 30.41 -19.31 -24.69
C MET B 505 30.58 -18.00 -25.42
N ALA B 506 30.04 -17.89 -26.65
CA ALA B 506 30.16 -16.65 -27.40
C ALA B 506 29.28 -15.55 -26.83
N VAL B 507 28.13 -15.90 -26.26
CA VAL B 507 27.28 -14.90 -25.62
C VAL B 507 28.03 -14.23 -24.46
N ASP B 508 28.74 -15.03 -23.66
CA ASP B 508 29.57 -14.46 -22.60
C ASP B 508 30.66 -13.57 -23.18
N ARG B 509 31.30 -14.02 -24.26
CA ARG B 509 32.31 -13.21 -24.93
C ARG B 509 31.74 -11.90 -25.46
N SER B 510 30.47 -11.92 -25.86
CA SER B 510 29.83 -10.70 -26.34
C SER B 510 29.77 -9.63 -25.25
N MET B 511 29.42 -10.02 -24.02
CA MET B 511 29.35 -9.06 -22.93
C MET B 511 30.73 -8.78 -22.36
N THR B 512 31.54 -9.82 -22.15
CA THR B 512 32.85 -9.64 -21.53
C THR B 512 33.79 -8.88 -22.46
N ALA B 513 33.70 -9.11 -23.76
CA ALA B 513 34.57 -8.44 -24.72
C ALA B 513 33.76 -7.57 -25.65
N SER B 514 33.30 -8.14 -26.76
CA SER B 514 32.41 -7.47 -27.70
C SER B 514 31.84 -8.51 -28.64
N LEU B 515 30.89 -8.09 -29.48
CA LEU B 515 30.35 -8.98 -30.50
C LEU B 515 31.41 -9.38 -31.52
N SER B 516 32.35 -8.47 -31.80
CA SER B 516 33.44 -8.80 -32.72
C SER B 516 34.26 -9.97 -32.22
N ASP B 517 34.64 -9.94 -30.93
CA ASP B 517 35.43 -11.02 -30.37
C ASP B 517 34.65 -12.32 -30.29
N ALA B 518 33.34 -12.25 -30.03
CA ALA B 518 32.53 -13.46 -30.02
C ALA B 518 32.52 -14.14 -31.38
N ARG B 519 32.39 -13.35 -32.45
CA ARG B 519 32.38 -13.93 -33.79
C ARG B 519 33.74 -14.50 -34.15
N ASP B 520 34.81 -13.80 -33.79
CA ASP B 520 36.15 -14.32 -34.07
C ASP B 520 36.38 -15.64 -33.36
N ALA B 521 35.96 -15.74 -32.10
CA ALA B 521 36.19 -16.96 -31.33
C ALA B 521 35.39 -18.12 -31.91
N LEU B 522 34.26 -17.84 -32.56
CA LEU B 522 33.50 -18.90 -33.22
C LEU B 522 34.22 -19.38 -34.48
N VAL B 523 34.75 -18.46 -35.28
CA VAL B 523 35.49 -18.85 -36.47
C VAL B 523 36.79 -19.55 -36.09
N ASN B 524 37.52 -19.00 -35.11
CA ASN B 524 38.75 -19.62 -34.66
C ASN B 524 38.53 -20.98 -34.03
N ALA B 525 37.32 -21.24 -33.52
CA ALA B 525 37.02 -22.57 -32.99
C ALA B 525 37.11 -23.63 -34.09
N VAL B 526 36.59 -23.31 -35.28
CA VAL B 526 36.65 -24.27 -36.38
C VAL B 526 38.06 -24.35 -36.95
N ILE B 527 38.76 -23.21 -37.02
CA ILE B 527 40.12 -23.20 -37.57
C ILE B 527 41.04 -24.06 -36.71
N ASP B 528 41.15 -23.72 -35.43
CA ASP B 528 42.11 -24.39 -34.55
C ASP B 528 41.77 -25.87 -34.40
N SER B 529 40.48 -26.21 -34.37
CA SER B 529 40.08 -27.61 -34.26
C SER B 529 40.49 -28.39 -35.50
N LEU B 530 40.17 -27.86 -36.68
CA LEU B 530 40.54 -28.55 -37.92
C LEU B 530 42.05 -28.46 -38.18
N SER B 531 42.69 -27.35 -37.80
CA SER B 531 44.14 -27.25 -37.94
C SER B 531 44.84 -28.27 -37.05
N ALA B 532 44.29 -28.54 -35.88
CA ALA B 532 44.84 -29.59 -35.02
C ALA B 532 44.63 -30.96 -35.65
N TYR B 533 43.50 -31.16 -36.33
CA TYR B 533 43.24 -32.44 -36.97
C TYR B 533 44.16 -32.65 -38.17
N ARG B 534 44.40 -31.59 -38.96
CA ARG B 534 45.22 -31.73 -40.15
C ARG B 534 46.65 -32.12 -39.80
N SER B 535 47.22 -31.48 -38.76
CA SER B 535 48.57 -31.82 -38.34
C SER B 535 48.68 -33.24 -37.80
N SER B 536 47.56 -33.89 -37.52
CA SER B 536 47.55 -35.23 -36.94
C SER B 536 47.07 -36.29 -37.92
N VAL B 537 47.14 -36.01 -39.22
CA VAL B 537 46.84 -37.02 -40.23
C VAL B 537 47.97 -37.08 -41.26
N PRO B 543 45.37 -32.02 -49.28
CA PRO B 543 45.18 -30.93 -50.24
C PRO B 543 43.89 -30.16 -50.02
N GLY B 544 42.77 -30.86 -49.90
CA GLY B 544 41.49 -30.23 -49.65
C GLY B 544 41.31 -29.82 -48.20
N LEU B 545 40.05 -29.68 -47.80
CA LEU B 545 39.69 -29.38 -46.42
C LEU B 545 39.23 -30.68 -45.78
N MET B 546 40.16 -31.40 -45.16
CA MET B 546 39.90 -32.71 -44.61
C MET B 546 39.41 -32.60 -43.17
N VAL B 547 38.25 -33.19 -42.91
CA VAL B 547 37.65 -33.19 -41.56
C VAL B 547 37.26 -34.61 -41.21
N PRO B 548 37.18 -34.96 -39.93
CA PRO B 548 36.62 -36.26 -39.55
C PRO B 548 35.12 -36.29 -39.77
N PHE B 549 34.58 -37.51 -39.88
CA PHE B 549 33.15 -37.69 -40.15
C PHE B 549 32.30 -37.05 -39.06
N SER B 550 32.76 -37.05 -37.82
CA SER B 550 31.97 -36.48 -36.73
C SER B 550 31.91 -34.97 -36.78
N LEU B 551 32.79 -34.33 -37.57
CA LEU B 551 32.82 -32.88 -37.67
C LEU B 551 32.59 -32.41 -39.11
N ARG B 552 31.97 -33.23 -39.94
CA ARG B 552 31.70 -32.81 -41.33
C ARG B 552 30.70 -31.66 -41.38
N LEU B 553 29.85 -31.54 -40.36
CA LEU B 553 28.87 -30.46 -40.29
C LEU B 553 29.31 -29.32 -39.39
N PHE B 554 30.55 -29.35 -38.91
CA PHE B 554 31.02 -28.32 -37.99
C PHE B 554 31.08 -26.94 -38.63
N PRO B 555 31.71 -26.73 -39.80
CA PRO B 555 31.71 -25.39 -40.38
C PRO B 555 30.33 -24.91 -40.79
N LEU B 556 29.45 -25.81 -41.21
CA LEU B 556 28.09 -25.42 -41.57
C LEU B 556 27.34 -24.87 -40.37
N PHE B 557 27.38 -25.58 -39.25
CA PHE B 557 26.63 -25.14 -38.06
C PHE B 557 27.21 -23.87 -37.47
N VAL B 558 28.53 -23.73 -37.49
CA VAL B 558 29.15 -22.50 -36.98
C VAL B 558 28.82 -21.33 -37.89
N LEU B 559 28.80 -21.56 -39.20
CA LEU B 559 28.37 -20.51 -40.12
C LEU B 559 26.93 -20.10 -39.83
N ALA B 560 26.09 -21.06 -39.44
CA ALA B 560 24.71 -20.75 -39.12
C ALA B 560 24.62 -19.93 -37.84
N LEU B 561 25.48 -20.21 -36.86
CA LEU B 561 25.58 -19.35 -35.68
C LEU B 561 25.91 -17.91 -36.07
N LEU B 562 26.86 -17.74 -36.99
CA LEU B 562 27.29 -16.40 -37.39
C LEU B 562 26.23 -15.66 -38.19
N LYS B 563 25.24 -16.38 -38.72
CA LYS B 563 24.11 -15.75 -39.40
C LYS B 563 22.85 -15.74 -38.55
N GLN B 564 22.85 -16.39 -37.40
CA GLN B 564 21.76 -16.28 -36.45
C GLN B 564 21.63 -14.84 -35.96
N LYS B 565 20.45 -14.51 -35.42
CA LYS B 565 20.19 -13.15 -34.97
C LYS B 565 21.05 -12.76 -33.76
N SER B 566 21.62 -13.74 -33.05
CA SER B 566 22.48 -13.40 -31.91
C SER B 566 23.79 -12.78 -32.38
N PHE B 567 24.39 -13.32 -33.44
CA PHE B 567 25.75 -12.96 -33.81
C PHE B 567 25.88 -12.36 -35.21
N GLN B 568 24.78 -12.16 -35.94
CA GLN B 568 24.86 -11.55 -37.25
C GLN B 568 25.33 -10.10 -37.12
N THR B 569 25.83 -9.55 -38.24
CA THR B 569 26.42 -8.22 -38.24
C THR B 569 25.73 -7.27 -39.22
N GLY B 570 25.78 -7.54 -40.52
CA GLY B 570 25.28 -6.59 -41.50
C GLY B 570 23.79 -6.57 -41.68
N THR B 571 23.05 -6.73 -40.60
CA THR B 571 21.60 -6.80 -40.63
C THR B 571 21.00 -5.57 -39.94
N ASN B 572 19.68 -5.40 -40.16
CA ASN B 572 18.90 -4.39 -39.45
C ASN B 572 18.38 -4.89 -38.12
N ALA B 573 19.07 -5.83 -37.49
CA ALA B 573 18.65 -6.34 -36.18
C ALA B 573 18.77 -5.24 -35.14
N ARG B 574 17.70 -5.04 -34.37
CA ARG B 574 17.67 -4.02 -33.35
C ARG B 574 18.21 -4.58 -32.03
N LEU B 575 18.40 -3.68 -31.05
CA LEU B 575 19.06 -4.04 -29.81
C LEU B 575 18.30 -5.12 -29.05
N ASP B 576 17.01 -4.85 -28.76
CA ASP B 576 16.21 -5.83 -28.02
C ASP B 576 16.08 -7.14 -28.78
N GLU B 577 16.09 -7.09 -30.13
CA GLU B 577 16.04 -8.31 -30.92
C GLU B 577 17.22 -9.22 -30.61
N ARG B 578 18.44 -8.68 -30.65
CA ARG B 578 19.64 -9.49 -30.48
C ARG B 578 19.73 -10.04 -29.07
N ILE B 579 19.38 -9.21 -28.06
CA ILE B 579 19.47 -9.65 -26.68
C ILE B 579 18.55 -10.85 -26.43
N PHE B 580 17.34 -10.81 -26.99
CA PHE B 580 16.41 -11.91 -26.77
C PHE B 580 16.91 -13.20 -27.42
N ALA B 581 17.55 -13.08 -28.59
CA ALA B 581 18.14 -14.25 -29.22
C ALA B 581 19.23 -14.86 -28.34
N MET B 582 20.01 -14.02 -27.68
CA MET B 582 21.03 -14.52 -26.76
C MET B 582 20.40 -15.11 -25.51
N CYS B 583 19.28 -14.53 -25.04
CA CYS B 583 18.55 -15.15 -23.94
C CYS B 583 18.06 -16.53 -24.33
N GLN B 584 17.62 -16.70 -25.58
CA GLN B 584 17.17 -18.02 -26.03
C GLN B 584 18.33 -19.00 -26.12
N VAL B 585 19.51 -18.53 -26.51
CA VAL B 585 20.69 -19.39 -26.52
C VAL B 585 21.02 -19.85 -25.11
N LYS B 586 20.97 -18.94 -24.14
CA LYS B 586 21.34 -19.26 -22.78
C LYS B 586 20.29 -20.11 -22.07
N ASN B 587 19.03 -20.10 -22.52
CA ASN B 587 17.94 -20.72 -21.79
C ASN B 587 17.29 -21.89 -22.51
N GLN B 588 17.44 -22.01 -23.83
CA GLN B 588 16.74 -23.13 -24.46
C GLN B 588 17.61 -24.37 -24.48
N PRO B 589 16.99 -25.55 -24.46
CA PRO B 589 17.73 -26.80 -24.67
C PRO B 589 18.35 -26.86 -26.06
N LEU B 590 19.23 -27.84 -26.24
CA LEU B 590 20.02 -27.92 -27.47
C LEU B 590 19.13 -28.10 -28.70
N VAL B 591 18.09 -28.93 -28.59
CA VAL B 591 17.32 -29.33 -29.76
C VAL B 591 16.68 -28.12 -30.44
N TYR B 592 16.25 -27.13 -29.66
CA TYR B 592 15.59 -25.96 -30.23
C TYR B 592 16.58 -24.87 -30.63
N LEU B 593 17.78 -24.88 -30.07
CA LEU B 593 18.84 -24.04 -30.61
C LEU B 593 19.19 -24.47 -32.03
N MET B 594 19.28 -25.78 -32.27
CA MET B 594 19.60 -26.27 -33.61
C MET B 594 18.44 -26.03 -34.58
N LEU B 595 17.21 -26.30 -34.15
CA LEU B 595 16.05 -26.09 -35.02
C LEU B 595 15.95 -24.63 -35.46
N THR B 596 16.29 -23.69 -34.58
CA THR B 596 16.26 -22.29 -34.94
C THR B 596 17.48 -21.89 -35.77
N THR B 597 18.67 -22.35 -35.37
CA THR B 597 19.89 -21.94 -36.05
C THR B 597 19.99 -22.53 -37.45
N HIS B 598 19.74 -23.82 -37.59
CA HIS B 598 19.77 -24.52 -38.88
C HIS B 598 18.41 -25.16 -39.11
N PRO B 599 17.43 -24.40 -39.59
CA PRO B 599 16.08 -24.95 -39.78
C PRO B 599 16.06 -26.12 -40.76
N SER B 600 15.01 -26.92 -40.65
CA SER B 600 14.80 -28.05 -41.54
C SER B 600 13.95 -27.62 -42.73
N LEU B 601 14.39 -27.98 -43.93
CA LEU B 601 13.73 -27.57 -45.17
C LEU B 601 13.23 -28.81 -45.90
N TYR B 602 11.94 -28.83 -46.22
CA TYR B 602 11.33 -29.93 -46.96
C TYR B 602 10.52 -29.38 -48.12
N ARG B 603 10.51 -30.12 -49.23
CA ARG B 603 9.58 -29.81 -50.31
C ARG B 603 8.26 -30.52 -50.03
N VAL B 604 7.17 -29.77 -50.02
CA VAL B 604 5.89 -30.29 -49.55
C VAL B 604 4.78 -30.14 -50.57
N ASP B 605 5.07 -29.66 -51.78
CA ASP B 605 4.05 -29.63 -52.82
C ASP B 605 3.88 -30.98 -53.51
N ASN B 606 4.61 -32.01 -53.06
CA ASN B 606 4.54 -33.33 -53.67
C ASN B 606 4.82 -34.40 -52.61
N LEU B 607 4.17 -34.26 -51.44
CA LEU B 607 4.32 -35.26 -50.39
C LEU B 607 3.65 -36.56 -50.79
N SER B 608 4.17 -37.67 -50.28
CA SER B 608 3.67 -38.98 -50.67
C SER B 608 3.56 -39.93 -49.48
N ASP B 609 3.96 -41.19 -49.68
CA ASP B 609 3.69 -42.25 -48.71
C ASP B 609 4.93 -43.09 -48.43
N GLU B 610 6.12 -42.53 -48.60
CA GLU B 610 7.33 -43.16 -48.09
C GLU B 610 7.54 -42.89 -46.61
N GLY B 611 6.55 -42.30 -45.94
CA GLY B 611 6.71 -41.81 -44.59
C GLY B 611 6.52 -42.87 -43.53
N ALA B 612 6.11 -42.42 -42.35
CA ALA B 612 5.85 -43.31 -41.21
C ALA B 612 4.36 -43.59 -41.07
N LEU B 613 3.78 -44.23 -42.09
CA LEU B 613 2.39 -44.69 -42.05
C LEU B 613 2.20 -45.87 -41.10
N ASN B 614 2.87 -45.83 -39.95
CA ASN B 614 2.80 -46.83 -38.88
C ASN B 614 1.86 -46.43 -37.76
N ILE B 615 1.68 -45.13 -37.53
CA ILE B 615 0.85 -44.63 -36.45
C ILE B 615 -0.62 -44.86 -36.79
N SER B 616 -1.05 -46.12 -36.76
CA SER B 616 -2.43 -46.50 -37.00
C SER B 616 -3.00 -45.91 -38.30
N ASP B 617 -3.88 -44.93 -38.18
CA ASP B 617 -4.70 -44.44 -39.27
C ASP B 617 -4.18 -43.15 -39.91
N ARG B 618 -2.87 -42.88 -39.80
CA ARG B 618 -2.30 -41.66 -40.35
C ARG B 618 -0.98 -41.98 -41.05
N THR B 619 -0.77 -41.34 -42.21
CA THR B 619 0.38 -41.65 -43.05
C THR B 619 1.65 -40.96 -42.58
N ILE B 620 1.60 -39.64 -42.41
CA ILE B 620 2.77 -38.84 -42.04
C ILE B 620 3.88 -39.07 -43.06
N PRO B 621 3.92 -38.31 -44.15
CA PRO B 621 5.05 -38.42 -45.08
C PRO B 621 6.35 -37.97 -44.41
N GLN B 622 7.46 -38.48 -44.91
CA GLN B 622 8.80 -38.15 -44.40
C GLN B 622 9.64 -37.64 -45.56
N PRO B 623 9.43 -36.38 -45.97
CA PRO B 623 10.22 -35.84 -47.07
C PRO B 623 11.67 -35.67 -46.66
N PRO B 624 12.61 -35.73 -47.61
CA PRO B 624 14.03 -35.62 -47.25
C PRO B 624 14.40 -34.20 -46.88
N ILE B 625 15.26 -34.08 -45.86
CA ILE B 625 15.73 -32.77 -45.41
C ILE B 625 16.61 -32.16 -46.50
N LEU B 626 16.29 -30.94 -46.89
CA LEU B 626 17.08 -30.19 -47.85
C LEU B 626 18.01 -29.22 -47.13
N GLN B 627 19.09 -28.85 -47.82
CA GLN B 627 20.04 -27.91 -47.25
C GLN B 627 19.56 -26.48 -47.47
N LEU B 628 20.00 -25.57 -46.58
CA LEU B 628 19.50 -24.21 -46.54
C LEU B 628 20.16 -23.37 -47.63
N SER B 629 19.70 -23.60 -48.86
CA SER B 629 20.16 -22.85 -50.03
C SER B 629 18.99 -22.62 -50.97
N VAL B 630 18.87 -21.39 -51.48
CA VAL B 630 17.84 -21.08 -52.46
C VAL B 630 17.98 -21.96 -53.69
N GLU B 631 19.21 -22.40 -53.98
CA GLU B 631 19.44 -23.31 -55.10
C GLU B 631 18.64 -24.60 -54.98
N LYS B 632 18.16 -24.93 -53.77
CA LYS B 632 17.30 -26.10 -53.59
C LYS B 632 15.84 -25.79 -53.85
N LEU B 633 15.45 -24.52 -53.79
CA LEU B 633 14.06 -24.14 -53.99
C LEU B 633 13.67 -24.29 -55.47
N SER B 634 12.44 -23.89 -55.77
CA SER B 634 11.92 -23.93 -57.13
C SER B 634 10.67 -23.07 -57.19
N ARG B 635 10.61 -22.19 -58.19
CA ARG B 635 9.40 -21.38 -58.38
C ARG B 635 8.21 -22.20 -58.82
N ASP B 636 8.37 -23.51 -58.99
CA ASP B 636 7.30 -24.39 -59.44
C ASP B 636 6.67 -25.19 -58.32
N GLY B 637 7.18 -25.08 -57.09
CA GLY B 637 6.64 -25.86 -55.98
C GLY B 637 6.50 -25.09 -54.69
N ALA B 638 6.22 -25.81 -53.60
CA ALA B 638 6.08 -25.22 -52.28
C ALA B 638 6.95 -25.98 -51.29
N PHE B 639 7.47 -25.25 -50.31
CA PHE B 639 8.46 -25.79 -49.39
C PHE B 639 8.14 -25.36 -47.97
N LEU B 640 8.19 -26.31 -47.04
CA LEU B 640 7.95 -26.04 -45.62
C LEU B 640 9.28 -25.93 -44.90
N MET B 641 9.42 -24.88 -44.09
CA MET B 641 10.61 -24.66 -43.29
C MET B 641 10.24 -24.76 -41.82
N ASP B 642 10.99 -25.58 -41.07
CA ASP B 642 10.77 -25.79 -39.65
C ASP B 642 11.89 -25.09 -38.89
N ALA B 643 11.58 -23.95 -38.29
CA ALA B 643 12.52 -23.22 -37.45
C ALA B 643 12.23 -23.40 -35.96
N GLY B 644 11.66 -24.55 -35.59
CA GLY B 644 11.35 -24.83 -34.19
C GLY B 644 10.14 -24.08 -33.67
N SER B 645 10.23 -22.76 -33.63
CA SER B 645 9.15 -21.94 -33.10
C SER B 645 8.07 -21.64 -34.13
N VAL B 646 8.39 -21.72 -35.42
CA VAL B 646 7.46 -21.34 -36.47
C VAL B 646 7.66 -22.27 -37.67
N LEU B 647 6.57 -22.50 -38.39
CA LEU B 647 6.60 -23.25 -39.65
C LEU B 647 6.22 -22.28 -40.77
N MET B 648 7.15 -22.05 -41.69
CA MET B 648 6.95 -21.09 -42.78
C MET B 648 6.87 -21.85 -44.10
N LEU B 649 5.76 -21.66 -44.80
CA LEU B 649 5.46 -22.39 -46.04
C LEU B 649 5.58 -21.43 -47.21
N TRP B 650 6.70 -21.51 -47.92
CA TRP B 650 6.94 -20.66 -49.08
C TRP B 650 6.33 -21.33 -50.31
N VAL B 651 5.45 -20.61 -51.00
CA VAL B 651 4.79 -21.09 -52.21
C VAL B 651 5.31 -20.28 -53.38
N GLY B 652 5.81 -20.97 -54.40
CA GLY B 652 6.38 -20.28 -55.55
C GLY B 652 5.34 -19.52 -56.35
N LYS B 653 5.81 -18.46 -57.03
CA LYS B 653 4.93 -17.68 -57.90
C LYS B 653 4.32 -18.55 -58.99
N ASN B 654 5.06 -19.55 -59.47
CA ASN B 654 4.58 -20.41 -60.54
C ASN B 654 4.25 -21.80 -59.98
N CYS B 655 3.56 -21.84 -58.84
CA CYS B 655 3.19 -23.12 -58.25
C CYS B 655 2.06 -23.76 -59.04
N THR B 656 1.93 -25.08 -58.88
CA THR B 656 0.92 -25.83 -59.61
C THR B 656 -0.48 -25.46 -59.12
N GLN B 657 -1.45 -25.56 -60.03
CA GLN B 657 -2.84 -25.31 -59.67
C GLN B 657 -3.39 -26.37 -58.71
N ASN B 658 -2.81 -27.57 -58.73
CA ASN B 658 -3.24 -28.61 -57.81
C ASN B 658 -2.92 -28.25 -56.36
N PHE B 659 -1.83 -27.51 -56.14
CA PHE B 659 -1.47 -27.12 -54.77
C PHE B 659 -2.22 -25.88 -54.32
N LEU B 660 -2.62 -25.02 -55.25
CA LEU B 660 -3.31 -23.78 -54.87
C LEU B 660 -4.70 -24.06 -54.33
N SER B 661 -5.42 -25.01 -54.92
CA SER B 661 -6.82 -25.25 -54.56
C SER B 661 -6.99 -26.44 -53.62
N GLN B 662 -6.24 -27.53 -53.81
CA GLN B 662 -6.43 -28.71 -52.99
C GLN B 662 -5.78 -28.60 -51.61
N VAL B 663 -4.87 -27.64 -51.43
CA VAL B 663 -4.19 -27.43 -50.16
C VAL B 663 -4.50 -26.06 -49.57
N LEU B 664 -4.30 -25.00 -50.36
CA LEU B 664 -4.53 -23.65 -49.87
C LEU B 664 -6.00 -23.26 -49.95
N GLY B 665 -6.75 -23.86 -50.88
CA GLY B 665 -8.12 -23.45 -51.10
C GLY B 665 -8.28 -22.24 -51.98
N VAL B 666 -7.23 -21.85 -52.70
CA VAL B 666 -7.22 -20.65 -53.52
C VAL B 666 -7.19 -21.06 -54.99
N GLN B 667 -7.71 -20.19 -55.85
CA GLN B 667 -7.75 -20.47 -57.27
C GLN B 667 -6.54 -19.92 -58.03
N ASN B 668 -5.76 -19.04 -57.40
CA ASN B 668 -4.56 -18.50 -58.04
C ASN B 668 -3.64 -17.93 -56.97
N TYR B 669 -2.39 -17.67 -57.37
CA TYR B 669 -1.41 -17.12 -56.45
C TYR B 669 -1.79 -15.72 -55.99
N ALA B 670 -2.54 -14.98 -56.81
CA ALA B 670 -2.86 -13.59 -56.54
C ALA B 670 -4.00 -13.41 -55.55
N SER B 671 -4.61 -14.48 -55.07
CA SER B 671 -5.71 -14.38 -54.10
C SER B 671 -5.40 -15.11 -52.81
N ILE B 672 -4.14 -15.42 -52.54
CA ILE B 672 -3.74 -15.99 -51.26
C ILE B 672 -3.75 -14.88 -50.23
N PRO B 673 -4.47 -15.03 -49.11
CA PRO B 673 -4.54 -13.94 -48.12
C PRO B 673 -3.17 -13.58 -47.59
N GLN B 674 -2.92 -12.27 -47.46
CA GLN B 674 -1.60 -11.80 -47.05
C GLN B 674 -1.24 -12.30 -45.65
N PRO B 675 -1.99 -11.97 -44.57
CA PRO B 675 -1.79 -12.73 -43.33
C PRO B 675 -2.64 -13.99 -43.31
N MET B 676 -2.09 -15.10 -43.77
CA MET B 676 -2.76 -16.40 -43.74
C MET B 676 -2.26 -17.13 -42.49
N THR B 677 -3.03 -17.02 -41.41
CA THR B 677 -2.56 -17.46 -40.10
C THR B 677 -2.36 -18.95 -39.99
N ASP B 678 -2.90 -19.74 -40.91
CA ASP B 678 -2.73 -21.20 -40.91
C ASP B 678 -3.31 -21.75 -42.20
N LEU B 679 -3.26 -23.08 -42.34
CA LEU B 679 -3.75 -23.92 -43.42
C LEU B 679 -5.19 -24.33 -43.17
N PRO B 680 -6.02 -24.32 -44.21
CA PRO B 680 -7.38 -24.88 -44.08
C PRO B 680 -7.37 -26.39 -44.22
N GLU B 681 -8.20 -27.05 -43.42
CA GLU B 681 -8.33 -28.51 -43.47
C GLU B 681 -9.35 -28.87 -44.54
N LEU B 682 -8.92 -28.76 -45.79
CA LEU B 682 -9.79 -29.00 -46.93
C LEU B 682 -10.06 -30.50 -47.08
N ASP B 683 -11.11 -30.79 -47.85
CA ASP B 683 -11.57 -32.17 -48.03
C ASP B 683 -10.87 -32.81 -49.23
N THR B 684 -9.55 -32.95 -49.09
CA THR B 684 -8.70 -33.51 -50.13
C THR B 684 -7.67 -34.43 -49.49
N PRO B 685 -7.12 -35.37 -50.26
CA PRO B 685 -5.93 -36.10 -49.77
C PRO B 685 -4.67 -35.26 -49.82
N GLU B 686 -4.64 -34.18 -50.61
CA GLU B 686 -3.51 -33.27 -50.60
C GLU B 686 -3.42 -32.53 -49.27
N SER B 687 -4.51 -31.85 -48.88
CA SER B 687 -4.58 -31.20 -47.57
C SER B 687 -4.63 -32.21 -46.42
N ALA B 688 -4.50 -33.51 -46.70
CA ALA B 688 -4.39 -34.54 -45.68
C ALA B 688 -2.94 -34.89 -45.37
N ARG B 689 -2.13 -35.16 -46.40
CA ARG B 689 -0.73 -35.52 -46.16
C ARG B 689 0.04 -34.38 -45.52
N ILE B 690 -0.19 -33.15 -45.98
CA ILE B 690 0.56 -32.01 -45.44
C ILE B 690 0.14 -31.73 -44.00
N ILE B 691 -1.18 -31.79 -43.72
CA ILE B 691 -1.65 -31.65 -42.35
C ILE B 691 -1.25 -32.88 -41.53
N ALA B 692 -0.99 -34.02 -42.18
CA ALA B 692 -0.47 -35.18 -41.46
C ALA B 692 1.01 -35.05 -41.15
N PHE B 693 1.78 -34.40 -42.03
CA PHE B 693 3.20 -34.22 -41.79
C PHE B 693 3.47 -33.05 -40.84
N ILE B 694 2.69 -31.97 -40.96
CA ILE B 694 2.83 -30.85 -40.04
C ILE B 694 2.49 -31.30 -38.63
N SER B 695 1.36 -32.00 -38.47
CA SER B 695 0.94 -32.45 -37.15
C SER B 695 1.99 -33.35 -36.50
N TRP B 696 2.75 -34.11 -37.30
CA TRP B 696 3.82 -34.92 -36.73
C TRP B 696 4.98 -34.06 -36.27
N LEU B 697 5.22 -32.93 -36.92
CA LEU B 697 6.31 -32.04 -36.52
C LEU B 697 5.98 -31.29 -35.23
N ARG B 698 4.79 -30.70 -35.15
CA ARG B 698 4.41 -29.92 -33.99
C ARG B 698 4.01 -30.77 -32.79
N GLU B 699 3.93 -32.09 -32.94
CA GLU B 699 3.72 -32.97 -31.80
C GLU B 699 5.02 -33.36 -31.11
N GLN B 700 6.16 -32.95 -31.64
CA GLN B 700 7.47 -33.26 -31.08
C GLN B 700 7.95 -32.22 -30.07
N ARG B 701 7.14 -31.21 -29.76
CA ARG B 701 7.62 -30.07 -28.99
C ARG B 701 6.49 -29.57 -28.11
N PRO B 702 6.83 -28.85 -27.01
CA PRO B 702 5.78 -28.39 -26.08
C PRO B 702 5.18 -27.04 -26.46
N PHE B 703 6.00 -26.13 -27.00
CA PHE B 703 5.50 -24.83 -27.46
C PHE B 703 4.96 -25.00 -28.88
N PHE B 704 3.65 -24.91 -29.02
CA PHE B 704 2.95 -25.08 -30.30
C PHE B 704 3.50 -24.10 -31.32
N PRO B 705 4.16 -24.59 -32.38
CA PRO B 705 4.69 -23.69 -33.41
C PRO B 705 3.59 -23.26 -34.37
N ILE B 706 3.28 -21.96 -34.35
CA ILE B 706 2.33 -21.41 -35.30
C ILE B 706 2.90 -21.56 -36.71
N LEU B 707 2.07 -22.01 -37.63
CA LEU B 707 2.41 -22.09 -39.04
C LEU B 707 1.67 -21.00 -39.80
N TYR B 708 2.40 -20.14 -40.51
CA TYR B 708 1.79 -19.15 -41.39
C TYR B 708 2.41 -19.26 -42.77
N VAL B 709 1.55 -19.23 -43.79
CA VAL B 709 1.96 -19.39 -45.18
C VAL B 709 2.09 -18.01 -45.77
N ILE B 710 2.06 -17.01 -44.88
CA ILE B 710 2.25 -15.62 -45.29
C ILE B 710 3.46 -15.48 -46.20
N ALA B 711 4.49 -16.29 -45.99
CA ALA B 711 5.64 -16.32 -46.88
C ALA B 711 5.20 -16.43 -48.34
N ASP B 712 5.54 -15.40 -49.13
CA ASP B 712 5.26 -15.36 -50.56
C ASP B 712 6.48 -14.79 -51.27
N GLU B 713 6.36 -14.62 -52.58
CA GLU B 713 7.40 -13.91 -53.32
C GLU B 713 7.45 -12.44 -52.95
N SER B 714 6.36 -11.88 -52.43
CA SER B 714 6.33 -10.46 -52.09
C SER B 714 5.36 -10.13 -50.96
N PRO B 715 5.53 -10.70 -49.76
CA PRO B 715 4.70 -10.29 -48.62
C PRO B 715 5.36 -9.26 -47.72
N MET B 716 6.59 -8.87 -48.01
CA MET B 716 7.42 -8.07 -47.11
C MET B 716 7.59 -8.75 -45.76
N LYS B 717 7.30 -10.06 -45.73
CA LYS B 717 7.54 -10.92 -44.57
C LYS B 717 8.28 -12.17 -45.00
N ALA B 718 9.02 -12.08 -46.10
CA ALA B 718 9.82 -13.21 -46.59
C ALA B 718 11.22 -13.17 -46.00
N ASN B 719 11.26 -13.06 -44.68
CA ASN B 719 12.47 -13.44 -43.95
C ASN B 719 12.79 -14.92 -44.13
N PHE B 720 11.95 -15.71 -44.81
CA PHE B 720 12.29 -17.05 -45.24
C PHE B 720 13.71 -17.13 -45.83
N LEU B 721 14.10 -16.15 -46.65
CA LEU B 721 15.40 -16.19 -47.31
C LEU B 721 16.54 -15.95 -46.33
N GLN B 722 16.28 -15.33 -45.18
CA GLN B 722 17.33 -15.15 -44.18
C GLN B 722 17.86 -16.48 -43.69
N ASN B 723 17.00 -17.50 -43.59
CA ASN B 723 17.40 -18.81 -43.12
C ASN B 723 18.11 -19.64 -44.19
N MET B 724 18.39 -19.07 -45.36
CA MET B 724 19.19 -19.74 -46.38
C MET B 724 20.67 -19.44 -46.11
N ILE B 725 21.17 -20.08 -45.06
CA ILE B 725 22.48 -19.72 -44.52
C ILE B 725 23.64 -20.17 -45.40
N GLU B 726 23.39 -21.03 -46.38
CA GLU B 726 24.48 -21.44 -47.27
C GLU B 726 24.72 -20.44 -48.39
N ASP B 727 23.77 -19.56 -48.67
CA ASP B 727 23.90 -18.59 -49.74
C ASP B 727 24.62 -17.35 -49.23
N ARG B 728 24.99 -16.49 -50.18
CA ARG B 728 25.72 -15.25 -49.87
C ARG B 728 24.75 -14.08 -49.81
N THR B 729 25.23 -12.99 -49.21
CA THR B 729 24.53 -11.71 -49.24
C THR B 729 25.57 -10.61 -49.28
N GLU B 730 25.10 -9.36 -49.26
CA GLU B 730 26.02 -8.22 -49.31
C GLU B 730 26.83 -8.05 -48.03
N SER B 731 26.54 -8.83 -46.99
CA SER B 731 27.18 -8.64 -45.69
C SER B 731 27.68 -9.93 -45.05
N ALA B 732 27.48 -11.08 -45.67
CA ALA B 732 27.90 -12.35 -45.10
C ALA B 732 28.40 -13.28 -46.19
N LEU B 733 29.38 -14.11 -45.83
CA LEU B 733 29.92 -15.09 -46.75
C LEU B 733 28.90 -16.18 -47.04
N SER B 734 29.07 -16.82 -48.20
CA SER B 734 28.31 -18.03 -48.48
C SER B 734 28.98 -19.22 -47.81
N TYR B 735 28.32 -20.38 -47.89
CA TYR B 735 28.88 -21.57 -47.25
C TYR B 735 30.17 -22.01 -47.94
N TYR B 736 30.17 -22.06 -49.27
CA TYR B 736 31.37 -22.45 -49.99
C TYR B 736 32.49 -21.45 -49.77
N GLU B 737 32.15 -20.16 -49.68
CA GLU B 737 33.16 -19.16 -49.34
C GLU B 737 33.68 -19.36 -47.93
N PHE B 738 32.80 -19.75 -47.01
CA PHE B 738 33.22 -20.01 -45.64
C PHE B 738 34.25 -21.14 -45.60
N LEU B 739 33.97 -22.25 -46.28
CA LEU B 739 34.93 -23.33 -46.36
C LEU B 739 36.24 -22.86 -46.98
N LEU B 740 36.16 -22.08 -48.06
CA LEU B 740 37.36 -21.51 -48.67
C LEU B 740 38.13 -20.66 -47.67
N HIS B 741 37.40 -19.88 -46.86
CA HIS B 741 38.04 -19.08 -45.82
C HIS B 741 38.69 -19.98 -44.77
N ILE B 742 38.03 -21.09 -44.42
CA ILE B 742 38.60 -22.01 -43.44
C ILE B 742 39.86 -22.65 -43.99
N GLN B 743 39.84 -23.08 -45.25
CA GLN B 743 40.96 -23.82 -45.82
C GLN B 743 42.22 -22.98 -45.86
N GLN B 744 42.09 -21.68 -46.17
CA GLN B 744 43.25 -20.80 -46.22
C GLN B 744 43.98 -20.73 -44.88
N GLN B 745 43.32 -21.10 -43.79
CA GLN B 745 43.89 -21.02 -42.45
C GLN B 745 44.37 -22.36 -41.92
N VAL B 746 43.65 -23.45 -42.21
CA VAL B 746 44.02 -24.76 -41.69
C VAL B 746 45.41 -25.17 -42.19
N ASN B 747 45.77 -24.76 -43.40
CA ASN B 747 47.07 -25.07 -43.99
C ASN B 747 47.85 -23.79 -44.30
N LYS B 748 47.86 -22.84 -43.36
CA LYS B 748 48.64 -21.63 -43.53
C LYS B 748 50.11 -21.89 -43.21
N MET C 1 4.00 -13.64 21.21
CA MET C 1 2.65 -13.35 20.74
C MET C 1 2.61 -13.26 19.22
N VAL C 2 3.48 -14.03 18.57
CA VAL C 2 3.40 -14.24 17.14
C VAL C 2 3.12 -15.72 16.89
N LEU C 3 3.72 -16.32 15.86
CA LEU C 3 3.24 -17.60 15.39
C LEU C 3 4.39 -18.52 14.98
N LEU C 4 4.17 -19.81 15.23
CA LEU C 4 4.96 -20.93 14.73
C LEU C 4 4.30 -22.23 15.18
N THR C 5 3.67 -22.94 14.26
CA THR C 5 2.87 -24.12 14.59
C THR C 5 3.38 -25.33 13.81
N MET C 6 3.58 -26.45 14.51
CA MET C 6 4.05 -27.68 13.90
C MET C 6 3.29 -28.86 14.46
N ILE C 7 2.90 -29.77 13.59
CA ILE C 7 2.21 -31.01 13.96
C ILE C 7 3.06 -32.18 13.46
N ALA C 8 3.35 -33.11 14.36
CA ALA C 8 4.25 -34.22 14.03
C ALA C 8 3.78 -35.49 14.71
N ARG C 9 4.31 -36.62 14.22
CA ARG C 9 4.06 -37.93 14.80
C ARG C 9 5.11 -38.22 15.85
N VAL C 10 4.67 -38.55 17.07
CA VAL C 10 5.58 -38.59 18.21
C VAL C 10 6.56 -39.74 18.08
N ALA C 11 6.13 -40.87 17.51
CA ALA C 11 6.96 -42.07 17.51
C ALA C 11 8.28 -41.84 16.78
N ASP C 12 8.23 -41.13 15.65
CA ASP C 12 9.42 -40.96 14.81
C ASP C 12 9.72 -39.50 14.50
N GLY C 13 8.99 -38.56 15.08
CA GLY C 13 9.19 -37.17 14.74
C GLY C 13 8.86 -36.81 13.31
N LEU C 14 8.02 -37.60 12.66
CA LEU C 14 7.65 -37.35 11.28
C LEU C 14 6.77 -36.12 11.17
N PRO C 15 7.16 -35.10 10.41
CA PRO C 15 6.32 -33.91 10.27
C PRO C 15 5.02 -34.23 9.55
N LEU C 16 3.92 -33.69 10.06
CA LEU C 16 2.60 -33.88 9.49
C LEU C 16 2.04 -32.60 8.87
N ALA C 17 2.05 -31.51 9.61
CA ALA C 17 1.56 -30.23 9.10
C ALA C 17 2.24 -29.10 9.87
N ALA C 18 2.32 -27.94 9.23
CA ALA C 18 2.99 -26.80 9.83
C ALA C 18 2.42 -25.51 9.25
N SER C 19 2.93 -24.37 9.74
CA SER C 19 2.48 -23.05 9.31
C SER C 19 3.44 -21.98 9.83
N MET C 20 4.11 -21.27 8.91
CA MET C 20 5.13 -20.28 9.27
C MET C 20 5.02 -19.07 8.35
N GLN C 21 5.16 -17.89 8.95
CA GLN C 21 5.11 -16.62 8.20
C GLN C 21 6.09 -15.65 8.84
N GLU C 22 7.07 -15.18 8.06
CA GLU C 22 8.05 -14.23 8.57
C GLU C 22 7.61 -12.80 8.34
N ASP C 23 7.72 -12.33 7.09
CA ASP C 23 7.43 -10.95 6.76
C ASP C 23 5.94 -10.66 6.76
N ASP C 29 15.84 -16.18 14.40
CA ASP C 29 15.01 -16.33 13.20
C ASP C 29 14.29 -17.67 13.19
N LEU C 30 13.68 -18.00 12.06
CA LEU C 30 12.97 -19.26 11.93
C LEU C 30 13.92 -20.45 11.92
N GLN C 31 15.16 -20.24 11.48
CA GLN C 31 16.07 -21.37 11.31
C GLN C 31 16.52 -21.95 12.64
N GLN C 32 16.56 -21.14 13.70
CA GLN C 32 17.03 -21.64 14.99
C GLN C 32 15.93 -22.35 15.75
N TYR C 33 14.72 -21.78 15.76
CA TYR C 33 13.64 -22.33 16.55
C TYR C 33 12.96 -23.52 15.87
N GLN C 34 12.88 -23.51 14.54
CA GLN C 34 12.41 -24.69 13.83
C GLN C 34 13.33 -25.87 14.08
N SER C 35 14.64 -25.60 14.21
CA SER C 35 15.58 -26.65 14.60
C SER C 35 15.24 -27.20 15.98
N GLN C 36 15.11 -26.32 16.97
CA GLN C 36 14.77 -26.76 18.32
C GLN C 36 13.46 -27.52 18.34
N ALA C 37 12.47 -27.05 17.58
CA ALA C 37 11.19 -27.75 17.53
C ALA C 37 11.34 -29.15 16.95
N LYS C 38 12.36 -29.37 16.14
CA LYS C 38 12.65 -30.68 15.60
C LYS C 38 13.55 -31.52 16.50
N GLN C 39 14.35 -30.86 17.35
CA GLN C 39 15.02 -31.61 18.41
C GLN C 39 14.01 -32.14 19.42
N LEU C 40 12.99 -31.34 19.72
CA LEU C 40 11.97 -31.75 20.67
C LEU C 40 11.15 -32.92 20.14
N PHE C 41 10.71 -32.85 18.87
CA PHE C 41 9.97 -33.94 18.26
C PHE C 41 10.75 -35.24 18.32
N ARG C 42 12.08 -35.18 18.29
CA ARG C 42 12.90 -36.39 18.35
C ARG C 42 12.98 -36.93 19.77
N LYS C 43 12.99 -36.05 20.78
CA LYS C 43 13.14 -36.50 22.15
C LYS C 43 11.84 -37.07 22.72
N LEU C 44 10.69 -36.61 22.22
CA LEU C 44 9.41 -37.06 22.76
C LEU C 44 9.20 -38.55 22.52
N ASN C 45 8.66 -39.22 23.53
CA ASN C 45 8.37 -40.66 23.44
C ASN C 45 7.15 -41.01 24.27
N GLU C 46 7.07 -42.26 24.73
CA GLU C 46 5.93 -42.72 25.51
C GLU C 46 6.02 -42.37 26.99
N GLN C 47 7.15 -41.82 27.44
CA GLN C 47 7.29 -41.36 28.82
C GLN C 47 7.12 -39.85 28.97
N SER C 48 7.07 -39.11 27.87
CA SER C 48 7.06 -37.66 27.94
C SER C 48 5.73 -37.14 28.47
N PRO C 49 5.71 -35.97 29.09
CA PRO C 49 4.45 -35.38 29.55
C PRO C 49 3.55 -35.02 28.37
N THR C 50 2.28 -35.38 28.47
CA THR C 50 1.33 -35.13 27.40
C THR C 50 0.93 -33.65 27.29
N ARG C 51 1.24 -32.84 28.30
CA ARG C 51 0.99 -31.41 28.26
C ARG C 51 2.15 -30.71 28.96
N CYS C 52 2.81 -29.78 28.26
CA CYS C 52 4.00 -29.17 28.83
C CYS C 52 4.23 -27.80 28.21
N THR C 53 5.06 -27.01 28.88
CA THR C 53 5.45 -25.67 28.44
C THR C 53 6.94 -25.51 28.69
N LEU C 54 7.67 -25.06 27.66
CA LEU C 54 9.11 -24.95 27.70
C LEU C 54 9.53 -23.50 27.55
N GLU C 55 10.53 -23.08 28.32
CA GLU C 55 11.01 -21.71 28.34
C GLU C 55 12.27 -21.60 27.49
N ALA C 56 12.24 -20.73 26.48
CA ALA C 56 13.38 -20.54 25.59
C ALA C 56 13.86 -19.10 25.60
N GLY C 57 14.16 -18.57 26.79
CA GLY C 57 14.61 -17.19 26.91
C GLY C 57 13.51 -16.20 26.61
N ALA C 58 13.57 -15.56 25.45
CA ALA C 58 12.52 -14.64 25.03
C ALA C 58 11.32 -15.36 24.43
N MET C 59 11.47 -16.61 24.04
CA MET C 59 10.41 -17.41 23.43
C MET C 59 9.97 -18.51 24.37
N THR C 60 8.90 -19.21 23.98
CA THR C 60 8.29 -20.23 24.81
C THR C 60 7.55 -21.23 23.95
N PHE C 61 7.82 -22.52 24.17
CA PHE C 61 7.14 -23.60 23.46
C PHE C 61 6.00 -24.14 24.32
N HIS C 62 4.85 -24.36 23.69
CA HIS C 62 3.71 -25.02 24.31
C HIS C 62 3.30 -26.18 23.43
N TYR C 63 3.09 -27.36 24.03
CA TYR C 63 2.67 -28.51 23.24
C TYR C 63 1.71 -29.38 24.04
N ILE C 64 0.91 -30.14 23.30
CA ILE C 64 0.10 -31.23 23.84
C ILE C 64 0.34 -32.45 22.96
N ILE C 65 0.14 -33.63 23.54
CA ILE C 65 0.32 -34.90 22.84
C ILE C 65 -0.97 -35.69 22.93
N GLU C 66 -1.56 -36.00 21.78
CA GLU C 66 -2.81 -36.75 21.72
C GLU C 66 -2.76 -37.70 20.54
N GLN C 67 -3.19 -38.95 20.76
CA GLN C 67 -3.24 -39.98 19.74
C GLN C 67 -1.89 -40.23 19.09
N GLY C 68 -0.81 -40.09 19.87
CA GLY C 68 0.52 -40.20 19.31
C GLY C 68 0.89 -39.10 18.36
N VAL C 69 0.21 -37.95 18.45
CA VAL C 69 0.44 -36.81 17.57
C VAL C 69 0.72 -35.59 18.43
N CYS C 70 1.84 -34.93 18.18
CA CYS C 70 2.26 -33.78 18.97
C CYS C 70 1.83 -32.49 18.28
N TYR C 71 1.15 -31.63 19.03
CA TYR C 71 0.70 -30.33 18.55
C TYR C 71 1.50 -29.28 19.31
N LEU C 72 2.39 -28.57 18.62
CA LEU C 72 3.36 -27.68 19.23
C LEU C 72 3.23 -26.28 18.67
N VAL C 73 3.36 -25.28 19.55
CA VAL C 73 3.31 -23.87 19.16
C VAL C 73 4.47 -23.15 19.80
N LEU C 74 4.97 -22.12 19.11
CA LEU C 74 5.99 -21.23 19.64
C LEU C 74 5.47 -19.80 19.59
N CYS C 75 5.88 -19.00 20.57
CA CYS C 75 5.45 -17.61 20.66
C CYS C 75 6.38 -16.89 21.63
N GLU C 76 6.34 -15.57 21.58
CA GLU C 76 7.05 -14.78 22.58
C GLU C 76 6.45 -15.05 23.95
N ALA C 77 7.32 -15.06 24.97
CA ALA C 77 6.92 -15.54 26.29
C ALA C 77 5.75 -14.77 26.87
N ALA C 78 5.59 -13.50 26.50
CA ALA C 78 4.50 -12.68 27.02
C ALA C 78 3.15 -13.01 26.39
N PHE C 79 3.08 -13.98 25.49
CA PHE C 79 1.78 -14.44 25.00
C PHE C 79 1.10 -15.28 26.07
N PRO C 80 -0.20 -15.11 26.27
CA PRO C 80 -0.91 -15.87 27.31
C PRO C 80 -0.76 -17.37 27.14
N LYS C 81 -0.19 -18.01 28.17
CA LYS C 81 -0.10 -19.47 28.20
C LYS C 81 -1.48 -20.11 28.10
N LYS C 82 -2.51 -19.45 28.64
CA LYS C 82 -3.87 -19.98 28.58
C LYS C 82 -4.36 -20.12 27.15
N LEU C 83 -4.06 -19.13 26.30
CA LEU C 83 -4.55 -19.15 24.92
C LEU C 83 -3.77 -20.13 24.04
N ALA C 84 -2.51 -20.40 24.38
CA ALA C 84 -1.71 -21.31 23.58
C ALA C 84 -2.30 -22.71 23.59
N PHE C 85 -2.70 -23.19 24.77
CA PHE C 85 -3.28 -24.53 24.85
C PHE C 85 -4.69 -24.58 24.28
N ALA C 86 -5.44 -23.48 24.39
CA ALA C 86 -6.75 -23.41 23.74
C ALA C 86 -6.61 -23.49 22.24
N TYR C 87 -5.59 -22.85 21.69
CA TYR C 87 -5.34 -22.91 20.25
C TYR C 87 -4.95 -24.32 19.81
N LEU C 88 -4.10 -24.99 20.60
CA LEU C 88 -3.70 -26.35 20.26
C LEU C 88 -4.86 -27.33 20.38
N GLU C 89 -5.80 -27.08 21.30
CA GLU C 89 -6.98 -27.92 21.40
C GLU C 89 -7.87 -27.78 20.17
N ASP C 90 -7.99 -26.56 19.64
CA ASP C 90 -8.76 -26.36 18.42
C ASP C 90 -8.14 -27.08 17.23
N LEU C 91 -6.82 -27.22 17.23
CA LEU C 91 -6.14 -27.92 16.13
C LEU C 91 -6.28 -29.43 16.28
N HIS C 92 -6.16 -29.95 17.50
CA HIS C 92 -6.22 -31.39 17.70
C HIS C 92 -7.57 -31.94 17.30
N SER C 93 -8.65 -31.32 17.77
CA SER C 93 -9.99 -31.83 17.49
C SER C 93 -10.26 -31.87 15.99
N GLU C 94 -9.77 -30.88 15.26
CA GLU C 94 -9.99 -30.86 13.82
C GLU C 94 -9.08 -31.86 13.12
N PHE C 95 -7.80 -31.91 13.50
CA PHE C 95 -6.86 -32.80 12.83
C PHE C 95 -7.18 -34.26 13.12
N ASP C 96 -7.54 -34.58 14.37
CA ASP C 96 -7.92 -35.95 14.69
C ASP C 96 -9.21 -36.35 13.98
N GLU C 97 -10.11 -35.39 13.77
CA GLU C 97 -11.38 -35.70 13.11
C GLU C 97 -11.18 -35.93 11.61
N GLN C 98 -10.25 -35.21 11.00
CA GLN C 98 -10.06 -35.28 9.56
C GLN C 98 -9.05 -36.34 9.14
N HIS C 99 -7.93 -36.45 9.86
CA HIS C 99 -6.86 -37.36 9.46
C HIS C 99 -6.38 -38.25 10.59
N GLY C 100 -7.08 -38.27 11.73
CA GLY C 100 -6.57 -38.99 12.89
C GLY C 100 -6.38 -40.48 12.66
N LYS C 101 -7.17 -41.07 11.77
CA LYS C 101 -7.10 -42.50 11.49
C LYS C 101 -6.13 -42.84 10.36
N LYS C 102 -5.57 -41.85 9.70
CA LYS C 102 -4.56 -42.08 8.66
C LYS C 102 -3.15 -41.74 9.13
N VAL C 103 -3.00 -41.11 10.30
CA VAL C 103 -1.68 -40.73 10.78
C VAL C 103 -0.75 -41.94 10.96
N PRO C 104 -1.16 -43.03 11.61
CA PRO C 104 -0.22 -44.14 11.82
C PRO C 104 0.17 -44.90 10.56
N THR C 105 -0.37 -44.52 9.39
CA THR C 105 -0.10 -45.24 8.15
C THR C 105 0.83 -44.49 7.21
N VAL C 106 0.98 -43.17 7.37
CA VAL C 106 1.70 -42.39 6.39
C VAL C 106 3.21 -42.57 6.58
N SER C 107 3.96 -42.14 5.57
CA SER C 107 5.42 -42.20 5.61
C SER C 107 6.09 -40.97 5.02
N ARG C 108 5.47 -40.23 4.10
CA ARG C 108 6.08 -39.03 3.56
C ARG C 108 6.09 -37.93 4.62
N PRO C 109 7.12 -37.07 4.62
CA PRO C 109 7.08 -35.88 5.47
C PRO C 109 6.02 -34.90 4.97
N TYR C 110 5.29 -34.32 5.91
CA TYR C 110 4.22 -33.36 5.59
C TYR C 110 3.21 -33.96 4.63
N SER C 111 2.72 -35.16 4.96
CA SER C 111 1.68 -35.78 4.15
C SER C 111 0.35 -35.05 4.25
N PHE C 112 0.19 -34.15 5.22
CA PHE C 112 -1.03 -33.36 5.34
C PHE C 112 -0.70 -31.88 5.28
N ILE C 113 -0.06 -31.43 4.19
CA ILE C 113 0.28 -30.02 4.05
C ILE C 113 -0.99 -29.18 4.01
N GLU C 114 -2.03 -29.65 3.31
CA GLU C 114 -3.24 -28.86 3.10
C GLU C 114 -3.98 -28.54 4.38
N PHE C 115 -3.60 -29.14 5.51
CA PHE C 115 -4.02 -28.64 6.81
C PHE C 115 -3.46 -27.24 7.09
N ASP C 116 -2.54 -26.77 6.24
CA ASP C 116 -2.03 -25.40 6.34
C ASP C 116 -3.15 -24.38 6.47
N THR C 117 -4.26 -24.59 5.74
CA THR C 117 -5.32 -23.60 5.73
C THR C 117 -5.99 -23.46 7.09
N PHE C 118 -6.41 -24.58 7.69
CA PHE C 118 -7.11 -24.52 8.96
C PHE C 118 -6.21 -23.98 10.07
N ILE C 119 -4.91 -24.30 10.01
CA ILE C 119 -3.99 -23.77 11.01
C ILE C 119 -3.99 -22.25 10.97
N GLN C 120 -4.02 -21.67 9.77
CA GLN C 120 -3.88 -20.23 9.64
C GLN C 120 -5.19 -19.48 9.85
N LYS C 121 -6.33 -20.09 9.50
CA LYS C 121 -7.60 -19.44 9.81
C LYS C 121 -7.93 -19.54 11.30
N THR C 122 -7.43 -20.57 11.97
CA THR C 122 -7.54 -20.64 13.43
C THR C 122 -6.48 -19.79 14.11
N LYS C 123 -5.33 -19.60 13.46
CA LYS C 123 -4.25 -18.83 14.05
C LYS C 123 -4.66 -17.37 14.28
N LYS C 124 -5.28 -16.75 13.27
CA LYS C 124 -5.65 -15.35 13.40
C LYS C 124 -6.72 -15.12 14.45
N LEU C 125 -7.44 -16.17 14.85
CA LEU C 125 -8.45 -16.05 15.89
C LEU C 125 -7.85 -15.98 17.30
N TYR C 126 -6.54 -16.14 17.44
CA TYR C 126 -5.88 -16.09 18.73
C TYR C 126 -4.84 -14.99 18.86
N ILE C 127 -4.13 -14.65 17.78
CA ILE C 127 -3.16 -13.56 17.83
C ILE C 127 -3.89 -12.28 17.40
N ASP C 128 -4.84 -11.84 18.22
CA ASP C 128 -5.54 -10.58 18.06
C ASP C 128 -6.43 -10.37 19.27
N SER C 129 -6.02 -9.48 20.18
CA SER C 129 -6.73 -9.27 21.43
C SER C 129 -8.16 -8.79 21.25
N ARG C 130 -8.52 -8.32 20.06
CA ARG C 130 -9.87 -7.82 19.79
C ARG C 130 -10.76 -8.90 19.17
N ILE C 148 -0.12 -29.91 32.67
CA ILE C 148 0.79 -28.87 32.22
C ILE C 148 2.06 -28.92 33.06
N MET C 149 3.18 -28.51 32.46
CA MET C 149 4.48 -28.55 33.13
C MET C 149 5.34 -27.41 32.58
N VAL C 150 6.22 -26.90 33.43
CA VAL C 150 7.11 -25.80 33.07
C VAL C 150 8.55 -26.26 33.24
N ALA C 151 9.36 -26.07 32.20
CA ALA C 151 10.76 -26.44 32.24
C ALA C 151 11.52 -25.63 31.20
N ASN C 152 12.84 -25.65 31.32
CA ASN C 152 13.71 -24.96 30.38
C ASN C 152 14.02 -25.87 29.20
N ILE C 153 13.79 -25.37 27.98
CA ILE C 153 13.95 -26.19 26.79
C ILE C 153 15.40 -26.65 26.62
N GLU C 154 16.36 -25.84 27.09
CA GLU C 154 17.76 -26.23 26.98
C GLU C 154 18.04 -27.50 27.76
N GLU C 155 17.30 -27.74 28.84
CA GLU C 155 17.46 -28.97 29.61
C GLU C 155 17.00 -30.19 28.82
N VAL C 156 15.78 -30.13 28.28
CA VAL C 156 15.23 -31.26 27.52
C VAL C 156 16.11 -31.58 26.31
N LEU C 157 16.82 -30.59 25.79
CA LEU C 157 17.73 -30.80 24.68
C LEU C 157 19.17 -30.93 25.19
N SER D 4 23.00 -26.99 0.94
CA SER D 4 21.93 -27.89 0.53
C SER D 4 22.31 -29.35 0.72
N SER D 5 21.34 -30.18 1.09
CA SER D 5 21.57 -31.61 1.25
C SER D 5 21.61 -32.35 -0.07
N VAL D 6 21.31 -31.68 -1.18
CA VAL D 6 21.31 -32.31 -2.48
C VAL D 6 22.76 -32.57 -2.93
#